data_2IPZ
# 
_entry.id   2IPZ 
# 
_audit_conform.dict_name       mmcif_pdbx.dic 
_audit_conform.dict_version    5.377 
_audit_conform.dict_location   http://mmcif.pdb.org/dictionaries/ascii/mmcif_pdbx.dic 
# 
loop_
_database_2.database_id 
_database_2.database_code 
_database_2.pdbx_database_accession 
_database_2.pdbx_DOI 
PDB   2IPZ         pdb_00002ipz 10.2210/pdb2ipz/pdb 
RCSB  RCSB039872   ?            ?                   
WWPDB D_1000039872 ?            ?                   
# 
loop_
_pdbx_database_related.db_name 
_pdbx_database_related.db_id 
_pdbx_database_related.details 
_pdbx_database_related.content_type 
PDB 2ZTA .                unspecified 
PDB 2B1F 'Mutant of 2ZTA' unspecified 
PDB 2B22 'Mutant of 2ZTA' unspecified 
PDB 2HY6 'Mutant of 2ZTA' unspecified 
# 
_pdbx_database_status.status_code                     REL 
_pdbx_database_status.entry_id                        2IPZ 
_pdbx_database_status.recvd_initial_deposition_date   2006-10-12 
_pdbx_database_status.deposit_site                    RCSB 
_pdbx_database_status.process_site                    RCSB 
_pdbx_database_status.status_code_sf                  REL 
_pdbx_database_status.status_code_mr                  ? 
_pdbx_database_status.SG_entry                        ? 
_pdbx_database_status.pdb_format_compatible           Y 
_pdbx_database_status.status_code_cs                  ? 
_pdbx_database_status.methods_development_category    ? 
_pdbx_database_status.status_code_nmr_data            ? 
# 
loop_
_audit_author.name 
_audit_author.pdbx_ordinal 
'Liu, J.' 1 
'Lu, M.'  2 
# 
_citation.id                        primary 
_citation.title                     'A Parallel Coiled-Coil Tetramer with Offset Helices.' 
_citation.journal_abbrev            Biochemistry 
_citation.journal_volume            45 
_citation.page_first                15224 
_citation.page_last                 15231 
_citation.year                      2006 
_citation.journal_id_ASTM           BICHAW 
_citation.country                   US 
_citation.journal_id_ISSN           0006-2960 
_citation.journal_id_CSD            0033 
_citation.book_publisher            ? 
_citation.pdbx_database_id_PubMed   17176044 
_citation.pdbx_database_id_DOI      10.1021/bi061914m 
# 
loop_
_citation_author.citation_id 
_citation_author.name 
_citation_author.ordinal 
_citation_author.identifier_ORCID 
primary 'Liu, J.'          1 ? 
primary 'Deng, Y.'         2 ? 
primary 'Zheng, Q.'        3 ? 
primary 'Cheng, C.S.'      4 ? 
primary 'Kallenbach, N.R.' 5 ? 
primary 'Lu, M.'           6 ? 
# 
_cell.entry_id           2IPZ 
_cell.length_a           23.783 
_cell.length_b           53.878 
_cell.length_c           52.016 
_cell.angle_alpha        90.00 
_cell.angle_beta         95.77 
_cell.angle_gamma        90.00 
_cell.Z_PDB              8 
_cell.pdbx_unique_axis   ? 
_cell.length_a_esd       ? 
_cell.length_b_esd       ? 
_cell.length_c_esd       ? 
_cell.angle_alpha_esd    ? 
_cell.angle_beta_esd     ? 
_cell.angle_gamma_esd    ? 
# 
_symmetry.entry_id                         2IPZ 
_symmetry.space_group_name_H-M             'P 1 21 1' 
_symmetry.pdbx_full_space_group_name_H-M   ? 
_symmetry.cell_setting                     ? 
_symmetry.Int_Tables_number                4 
_symmetry.space_group_name_Hall            ? 
# 
loop_
_entity.id 
_entity.type 
_entity.src_method 
_entity.pdbx_description 
_entity.formula_weight 
_entity.pdbx_number_of_molecules 
_entity.pdbx_ec 
_entity.pdbx_mutation 
_entity.pdbx_fragment 
_entity.details 
1 polymer     man 'General control protein GCN4' 3986.765 4   ? ? ? ? 
2 non-polymer syn GLYCEROL                       92.094   1   ? ? ? ? 
3 non-polymer syn 'ISOPROPYL ALCOHOL'            60.095   1   ? ? ? ? 
4 water       nat water                          18.015   164 ? ? ? ? 
# 
_entity_name_com.entity_id   1 
_entity_name_com.name        'Amino acid biosynthesis regulatory protein' 
# 
_entity_poly.entity_id                      1 
_entity_poly.type                           'polypeptide(L)' 
_entity_poly.nstd_linkage                   no 
_entity_poly.nstd_monomer                   no 
_entity_poly.pdbx_seq_one_letter_code       MKVKQLVDKVEELLSKNYHLVNEVARLVKLVGER 
_entity_poly.pdbx_seq_one_letter_code_can   MKVKQLVDKVEELLSKNYHLVNEVARLVKLVGER 
_entity_poly.pdbx_strand_id                 A,B,C,D 
_entity_poly.pdbx_target_identifier         ? 
# 
loop_
_entity_poly_seq.entity_id 
_entity_poly_seq.num 
_entity_poly_seq.mon_id 
_entity_poly_seq.hetero 
1 1  MET n 
1 2  LYS n 
1 3  VAL n 
1 4  LYS n 
1 5  GLN n 
1 6  LEU n 
1 7  VAL n 
1 8  ASP n 
1 9  LYS n 
1 10 VAL n 
1 11 GLU n 
1 12 GLU n 
1 13 LEU n 
1 14 LEU n 
1 15 SER n 
1 16 LYS n 
1 17 ASN n 
1 18 TYR n 
1 19 HIS n 
1 20 LEU n 
1 21 VAL n 
1 22 ASN n 
1 23 GLU n 
1 24 VAL n 
1 25 ALA n 
1 26 ARG n 
1 27 LEU n 
1 28 VAL n 
1 29 LYS n 
1 30 LEU n 
1 31 VAL n 
1 32 GLY n 
1 33 GLU n 
1 34 ARG n 
# 
_entity_src_gen.entity_id                          1 
_entity_src_gen.pdbx_src_id                        1 
_entity_src_gen.pdbx_alt_source_flag               sample 
_entity_src_gen.pdbx_seq_type                      ? 
_entity_src_gen.pdbx_beg_seq_num                   ? 
_entity_src_gen.pdbx_end_seq_num                   ? 
_entity_src_gen.gene_src_common_name               
;baker's yeast
;
_entity_src_gen.gene_src_genus                     Saccharomyces 
_entity_src_gen.pdbx_gene_src_gene                 GCN4 
_entity_src_gen.gene_src_species                   ? 
_entity_src_gen.gene_src_strain                    ? 
_entity_src_gen.gene_src_tissue                    ? 
_entity_src_gen.gene_src_tissue_fraction           ? 
_entity_src_gen.gene_src_details                   ? 
_entity_src_gen.pdbx_gene_src_fragment             ? 
_entity_src_gen.pdbx_gene_src_scientific_name      'Saccharomyces cerevisiae' 
_entity_src_gen.pdbx_gene_src_ncbi_taxonomy_id     4932 
_entity_src_gen.pdbx_gene_src_variant              ? 
_entity_src_gen.pdbx_gene_src_cell_line            ? 
_entity_src_gen.pdbx_gene_src_atcc                 ? 
_entity_src_gen.pdbx_gene_src_organ                ? 
_entity_src_gen.pdbx_gene_src_organelle            ? 
_entity_src_gen.pdbx_gene_src_cell                 ? 
_entity_src_gen.pdbx_gene_src_cellular_location    ? 
_entity_src_gen.host_org_common_name               ? 
_entity_src_gen.pdbx_host_org_scientific_name      'Escherichia coli BL21' 
_entity_src_gen.pdbx_host_org_ncbi_taxonomy_id     511693 
_entity_src_gen.host_org_genus                     Escherichia 
_entity_src_gen.pdbx_host_org_gene                 ? 
_entity_src_gen.pdbx_host_org_organ                ? 
_entity_src_gen.host_org_species                   'Escherichia coli' 
_entity_src_gen.pdbx_host_org_tissue               ? 
_entity_src_gen.pdbx_host_org_tissue_fraction      ? 
_entity_src_gen.pdbx_host_org_strain               BL21 
_entity_src_gen.pdbx_host_org_variant              ? 
_entity_src_gen.pdbx_host_org_cell_line            ? 
_entity_src_gen.pdbx_host_org_atcc                 ? 
_entity_src_gen.pdbx_host_org_culture_collection   ? 
_entity_src_gen.pdbx_host_org_cell                 ? 
_entity_src_gen.pdbx_host_org_organelle            ? 
_entity_src_gen.pdbx_host_org_cellular_location    ? 
_entity_src_gen.pdbx_host_org_vector_type          plasmid 
_entity_src_gen.pdbx_host_org_vector               ? 
_entity_src_gen.host_org_details                   ? 
_entity_src_gen.expression_system_id               ? 
_entity_src_gen.plasmid_name                       pAE4 
_entity_src_gen.plasmid_details                    ? 
_entity_src_gen.pdbx_description                   ? 
# 
_struct_ref.id                         1 
_struct_ref.db_name                    UNP 
_struct_ref.db_code                    GCN4_YEAST 
_struct_ref.pdbx_db_accession          P03069 
_struct_ref.entity_id                  1 
_struct_ref.pdbx_seq_one_letter_code   MKQLEDKVEELLSKNYHLENEVARLKKLVGER 
_struct_ref.pdbx_align_begin           250 
_struct_ref.pdbx_db_isoform            ? 
# 
loop_
_struct_ref_seq.align_id 
_struct_ref_seq.ref_id 
_struct_ref_seq.pdbx_PDB_id_code 
_struct_ref_seq.pdbx_strand_id 
_struct_ref_seq.seq_align_beg 
_struct_ref_seq.pdbx_seq_align_beg_ins_code 
_struct_ref_seq.seq_align_end 
_struct_ref_seq.pdbx_seq_align_end_ins_code 
_struct_ref_seq.pdbx_db_accession 
_struct_ref_seq.db_align_beg 
_struct_ref_seq.pdbx_db_align_beg_ins_code 
_struct_ref_seq.db_align_end 
_struct_ref_seq.pdbx_db_align_end_ins_code 
_struct_ref_seq.pdbx_auth_seq_align_beg 
_struct_ref_seq.pdbx_auth_seq_align_end 
1 1 2IPZ A 1 ? 34 ? P03069 250 ? 281 ? 1 34 
2 1 2IPZ B 1 ? 34 ? P03069 250 ? 281 ? 1 34 
3 1 2IPZ C 1 ? 34 ? P03069 250 ? 281 ? 1 34 
4 1 2IPZ D 1 ? 34 ? P03069 250 ? 281 ? 1 34 
# 
loop_
_struct_ref_seq_dif.align_id 
_struct_ref_seq_dif.pdbx_pdb_id_code 
_struct_ref_seq_dif.mon_id 
_struct_ref_seq_dif.pdbx_pdb_strand_id 
_struct_ref_seq_dif.seq_num 
_struct_ref_seq_dif.pdbx_pdb_ins_code 
_struct_ref_seq_dif.pdbx_seq_db_name 
_struct_ref_seq_dif.pdbx_seq_db_accession_code 
_struct_ref_seq_dif.db_mon_id 
_struct_ref_seq_dif.pdbx_seq_db_seq_num 
_struct_ref_seq_dif.details 
_struct_ref_seq_dif.pdbx_auth_seq_num 
_struct_ref_seq_dif.pdbx_ordinal 
1 2IPZ LYS A 2  ? UNP P03069 ?   ?   'cloning artifact' 2  1  
1 2IPZ VAL A 3  ? UNP P03069 ?   ?   'cloning artifact' 3  2  
1 2IPZ VAL A 7  ? UNP P03069 GLU 254 conflict           7  3  
1 2IPZ VAL A 21 ? UNP P03069 GLU 268 conflict           21 4  
1 2IPZ VAL A 28 ? UNP P03069 LYS 275 conflict           28 5  
2 2IPZ LYS B 2  ? UNP P03069 ?   ?   'cloning artifact' 2  6  
2 2IPZ VAL B 3  ? UNP P03069 ?   ?   'cloning artifact' 3  7  
2 2IPZ VAL B 7  ? UNP P03069 GLU 254 conflict           7  8  
2 2IPZ VAL B 21 ? UNP P03069 GLU 268 conflict           21 9  
2 2IPZ VAL B 28 ? UNP P03069 LYS 275 conflict           28 10 
3 2IPZ LYS C 2  ? UNP P03069 ?   ?   'cloning artifact' 2  11 
3 2IPZ VAL C 3  ? UNP P03069 ?   ?   'cloning artifact' 3  12 
3 2IPZ VAL C 7  ? UNP P03069 GLU 254 conflict           7  13 
3 2IPZ VAL C 21 ? UNP P03069 GLU 268 conflict           21 14 
3 2IPZ VAL C 28 ? UNP P03069 LYS 275 conflict           28 15 
4 2IPZ LYS D 2  ? UNP P03069 ?   ?   'cloning artifact' 2  16 
4 2IPZ VAL D 3  ? UNP P03069 ?   ?   'cloning artifact' 3  17 
4 2IPZ VAL D 7  ? UNP P03069 GLU 254 conflict           7  18 
4 2IPZ VAL D 21 ? UNP P03069 GLU 268 conflict           21 19 
4 2IPZ VAL D 28 ? UNP P03069 LYS 275 conflict           28 20 
# 
loop_
_chem_comp.id 
_chem_comp.type 
_chem_comp.mon_nstd_flag 
_chem_comp.name 
_chem_comp.pdbx_synonyms 
_chem_comp.formula 
_chem_comp.formula_weight 
ALA 'L-peptide linking' y ALANINE             ?                               'C3 H7 N O2'     89.093  
ARG 'L-peptide linking' y ARGININE            ?                               'C6 H15 N4 O2 1' 175.209 
ASN 'L-peptide linking' y ASPARAGINE          ?                               'C4 H8 N2 O3'    132.118 
ASP 'L-peptide linking' y 'ASPARTIC ACID'     ?                               'C4 H7 N O4'     133.103 
GLN 'L-peptide linking' y GLUTAMINE           ?                               'C5 H10 N2 O3'   146.144 
GLU 'L-peptide linking' y 'GLUTAMIC ACID'     ?                               'C5 H9 N O4'     147.129 
GLY 'peptide linking'   y GLYCINE             ?                               'C2 H5 N O2'     75.067  
GOL non-polymer         . GLYCEROL            'GLYCERIN; PROPANE-1,2,3-TRIOL' 'C3 H8 O3'       92.094  
HIS 'L-peptide linking' y HISTIDINE           ?                               'C6 H10 N3 O2 1' 156.162 
HOH non-polymer         . WATER               ?                               'H2 O'           18.015  
IPA non-polymer         . 'ISOPROPYL ALCOHOL' 2-PROPANOL                      'C3 H8 O'        60.095  
LEU 'L-peptide linking' y LEUCINE             ?                               'C6 H13 N O2'    131.173 
LYS 'L-peptide linking' y LYSINE              ?                               'C6 H15 N2 O2 1' 147.195 
MET 'L-peptide linking' y METHIONINE          ?                               'C5 H11 N O2 S'  149.211 
SER 'L-peptide linking' y SERINE              ?                               'C3 H7 N O3'     105.093 
TYR 'L-peptide linking' y TYROSINE            ?                               'C9 H11 N O3'    181.189 
VAL 'L-peptide linking' y VALINE              ?                               'C5 H11 N O2'    117.146 
# 
_exptl.entry_id          2IPZ 
_exptl.method            'X-RAY DIFFRACTION' 
_exptl.crystals_number   1 
# 
_exptl_crystal.id                    1 
_exptl_crystal.density_meas          ? 
_exptl_crystal.density_Matthews      2.08 
_exptl_crystal.density_percent_sol   40.84 
_exptl_crystal.description           ? 
_exptl_crystal.F_000                 ? 
_exptl_crystal.preparation           ? 
# 
_exptl_crystal_grow.crystal_id      1 
_exptl_crystal_grow.method          'VAPOR DIFFUSION, HANGING DROP' 
_exptl_crystal_grow.temp            295.0 
_exptl_crystal_grow.temp_details    ? 
_exptl_crystal_grow.pH              7.8 
_exptl_crystal_grow.pdbx_details    
'10% Iso-propanol, 20% PEG 4000, 0.1M sodium bromide, 0.1M sodium HEPES, pH 7.8, VAPOR DIFFUSION, HANGING DROP, temperature 295.0K' 
_exptl_crystal_grow.pdbx_pH_range   . 
# 
_diffrn.id                     1 
_diffrn.ambient_temp           100.0 
_diffrn.ambient_temp_details   ? 
_diffrn.crystal_id             1 
# 
_diffrn_detector.diffrn_id              1 
_diffrn_detector.detector               'IMAGE PLATE' 
_diffrn_detector.type                   'MAR scanner 345 mm plate' 
_diffrn_detector.pdbx_collection_date   2005-10-07 
_diffrn_detector.details                ? 
# 
_diffrn_radiation.diffrn_id                        1 
_diffrn_radiation.wavelength_id                    1 
_diffrn_radiation.pdbx_monochromatic_or_laue_m_l   M 
_diffrn_radiation.monochromator                    GRAPHITE 
_diffrn_radiation.pdbx_diffrn_protocol             'SINGLE WAVELENGTH' 
_diffrn_radiation.pdbx_scattering_type             x-ray 
# 
_diffrn_radiation_wavelength.id           1 
_diffrn_radiation_wavelength.wavelength   0.9795 
_diffrn_radiation_wavelength.wt           1.0 
# 
_diffrn_source.diffrn_id                   1 
_diffrn_source.source                      SYNCHROTRON 
_diffrn_source.type                        'NSLS BEAMLINE X4A' 
_diffrn_source.pdbx_synchrotron_site       NSLS 
_diffrn_source.pdbx_synchrotron_beamline   X4A 
_diffrn_source.pdbx_wavelength             ? 
_diffrn_source.pdbx_wavelength_list        0.9795 
# 
_reflns.entry_id                     2IPZ 
_reflns.observed_criterion_sigma_F   0.0 
_reflns.observed_criterion_sigma_I   0.0 
_reflns.d_resolution_high            1.35 
_reflns.d_resolution_low             52.0 
_reflns.number_all                   27103 
_reflns.number_obs                   27103 
_reflns.percent_possible_obs         94.4 
_reflns.pdbx_Rmerge_I_obs            0.047 
_reflns.pdbx_Rsym_value              ? 
_reflns.pdbx_netI_over_sigmaI        17.5 
_reflns.B_iso_Wilson_estimate        14.2 
_reflns.pdbx_redundancy              3.4 
_reflns.R_free_details               ? 
_reflns.limit_h_max                  ? 
_reflns.limit_h_min                  ? 
_reflns.limit_k_max                  ? 
_reflns.limit_k_min                  ? 
_reflns.limit_l_max                  ? 
_reflns.limit_l_min                  ? 
_reflns.observed_criterion_F_max     ? 
_reflns.observed_criterion_F_min     ? 
_reflns.pdbx_chi_squared             ? 
_reflns.pdbx_scaling_rejects         ? 
_reflns.pdbx_ordinal                 1 
_reflns.pdbx_diffrn_id               1 
# 
_reflns_shell.d_res_high             1.35 
_reflns_shell.d_res_low              1.37 
_reflns_shell.percent_possible_all   95.3 
_reflns_shell.Rmerge_I_obs           0.395 
_reflns_shell.pdbx_Rsym_value        ? 
_reflns_shell.meanI_over_sigI_obs    4.9 
_reflns_shell.pdbx_redundancy        3.7 
_reflns_shell.percent_possible_obs   ? 
_reflns_shell.number_unique_all      1379 
_reflns_shell.number_measured_all    ? 
_reflns_shell.number_measured_obs    ? 
_reflns_shell.number_unique_obs      ? 
_reflns_shell.pdbx_chi_squared       ? 
_reflns_shell.pdbx_ordinal           1 
_reflns_shell.pdbx_diffrn_id         1 
# 
_refine.entry_id                                 2IPZ 
_refine.ls_number_reflns_obs                     27103 
_refine.ls_number_reflns_all                     27103 
_refine.pdbx_ls_sigma_I                          0.0 
_refine.pdbx_ls_sigma_F                          0.0 
_refine.pdbx_data_cutoff_high_absF               ? 
_refine.pdbx_data_cutoff_low_absF                ? 
_refine.pdbx_data_cutoff_high_rms_absF           ? 
_refine.ls_d_res_low                             51.99 
_refine.ls_d_res_high                            1.35 
_refine.ls_percent_reflns_obs                    94.4 
_refine.ls_R_factor_obs                          0.20576 
_refine.ls_R_factor_all                          0.2057 
_refine.ls_R_factor_R_work                       0.20206 
_refine.ls_R_factor_R_free                       0.23709 
_refine.ls_R_factor_R_free_error                 ? 
_refine.ls_R_factor_R_free_error_details         ? 
_refine.ls_percent_reflns_R_free                 10.1 
_refine.ls_number_reflns_R_free                  2729 
_refine.ls_number_parameters                     ? 
_refine.ls_number_restraints                     ? 
_refine.occupancy_min                            ? 
_refine.occupancy_max                            ? 
_refine.correlation_coeff_Fo_to_Fc               0.949 
_refine.correlation_coeff_Fo_to_Fc_free          0.930 
_refine.B_iso_mean                               20.328 
_refine.aniso_B[1][1]                            0.70 
_refine.aniso_B[2][2]                            0.10 
_refine.aniso_B[3][3]                            -0.88 
_refine.aniso_B[1][2]                            0.00 
_refine.aniso_B[1][3]                            -0.43 
_refine.aniso_B[2][3]                            0.00 
_refine.solvent_model_details                    'BABINET MODEL WITH MASK' 
_refine.solvent_model_param_ksol                 ? 
_refine.solvent_model_param_bsol                 ? 
_refine.pdbx_solvent_vdw_probe_radii             1.40 
_refine.pdbx_solvent_ion_probe_radii             0.80 
_refine.pdbx_solvent_shrinkage_radii             0.80 
_refine.pdbx_ls_cross_valid_method               THROUGHOUT 
_refine.details                                  ? 
_refine.pdbx_starting_model                      'PDB ENTRY 2B22' 
_refine.pdbx_method_to_determine_struct          'MOLECULAR REPLACEMENT' 
_refine.pdbx_isotropic_thermal_model             Isotropic 
_refine.pdbx_stereochemistry_target_values       'MAXIMUM LIKELIHOOD' 
_refine.pdbx_stereochem_target_val_spec_case     ? 
_refine.pdbx_R_Free_selection_details            RANDOM 
_refine.pdbx_overall_ESU_R                       0.075 
_refine.pdbx_overall_ESU_R_Free                  0.078 
_refine.overall_SU_ML                            0.043 
_refine.overall_SU_B                             1.004 
_refine.ls_redundancy_reflns_obs                 ? 
_refine.B_iso_min                                ? 
_refine.B_iso_max                                ? 
_refine.overall_SU_R_Cruickshank_DPI             ? 
_refine.overall_SU_R_free                        ? 
_refine.ls_wR_factor_R_free                      ? 
_refine.ls_wR_factor_R_work                      ? 
_refine.overall_FOM_free_R_set                   ? 
_refine.overall_FOM_work_R_set                   ? 
_refine.pdbx_refine_id                           'X-RAY DIFFRACTION' 
_refine.pdbx_diffrn_id                           1 
_refine.pdbx_TLS_residual_ADP_flag               ? 
_refine.pdbx_overall_phase_error                 ? 
_refine.pdbx_overall_SU_R_free_Cruickshank_DPI   ? 
_refine.pdbx_overall_SU_R_Blow_DPI               ? 
_refine.pdbx_overall_SU_R_free_Blow_DPI          ? 
# 
_refine_hist.pdbx_refine_id                   'X-RAY DIFFRACTION' 
_refine_hist.cycle_id                         LAST 
_refine_hist.pdbx_number_atoms_protein        1116 
_refine_hist.pdbx_number_atoms_nucleic_acid   0 
_refine_hist.pdbx_number_atoms_ligand         10 
_refine_hist.number_atoms_solvent             164 
_refine_hist.number_atoms_total               1290 
_refine_hist.d_res_high                       1.35 
_refine_hist.d_res_low                        51.99 
# 
loop_
_refine_ls_restr.type 
_refine_ls_restr.dev_ideal 
_refine_ls_restr.dev_ideal_target 
_refine_ls_restr.weight 
_refine_ls_restr.number 
_refine_ls_restr.pdbx_refine_id 
_refine_ls_restr.pdbx_restraint_function 
r_bond_refined_d             0.010 0.022 ? 1128 'X-RAY DIFFRACTION' ? 
r_bond_other_d               ?     ?     ? ?    'X-RAY DIFFRACTION' ? 
r_angle_refined_deg          1.260 2.018 ? 1500 'X-RAY DIFFRACTION' ? 
r_angle_other_deg            ?     ?     ? ?    'X-RAY DIFFRACTION' ? 
r_dihedral_angle_1_deg       4.095 5.000 ? 132  'X-RAY DIFFRACTION' ? 
r_dihedral_angle_2_deg       ?     ?     ? ?    'X-RAY DIFFRACTION' ? 
r_dihedral_angle_3_deg       ?     ?     ? ?    'X-RAY DIFFRACTION' ? 
r_dihedral_angle_4_deg       ?     ?     ? ?    'X-RAY DIFFRACTION' ? 
r_chiral_restr               0.074 0.200 ? 184  'X-RAY DIFFRACTION' ? 
r_gen_planes_refined         0.006 0.020 ? 768  'X-RAY DIFFRACTION' ? 
r_gen_planes_other           ?     ?     ? ?    'X-RAY DIFFRACTION' ? 
r_nbd_refined                0.205 0.200 ? 564  'X-RAY DIFFRACTION' ? 
r_nbd_other                  ?     ?     ? ?    'X-RAY DIFFRACTION' ? 
r_nbtor_refined              ?     ?     ? ?    'X-RAY DIFFRACTION' ? 
r_nbtor_other                ?     ?     ? ?    'X-RAY DIFFRACTION' ? 
r_xyhbond_nbd_refined        0.127 0.200 ? 87   'X-RAY DIFFRACTION' ? 
r_xyhbond_nbd_other          ?     ?     ? ?    'X-RAY DIFFRACTION' ? 
r_metal_ion_refined          ?     ?     ? ?    'X-RAY DIFFRACTION' ? 
r_metal_ion_other            ?     ?     ? ?    'X-RAY DIFFRACTION' ? 
r_symmetry_vdw_refined       0.225 0.200 ? 30   'X-RAY DIFFRACTION' ? 
r_symmetry_vdw_other         ?     ?     ? ?    'X-RAY DIFFRACTION' ? 
r_symmetry_hbond_refined     0.101 0.200 ? 30   'X-RAY DIFFRACTION' ? 
r_symmetry_hbond_other       ?     ?     ? ?    'X-RAY DIFFRACTION' ? 
r_symmetry_metal_ion_refined ?     ?     ? ?    'X-RAY DIFFRACTION' ? 
r_symmetry_metal_ion_other   ?     ?     ? ?    'X-RAY DIFFRACTION' ? 
r_mcbond_it                  0.876 1.500 ? 676  'X-RAY DIFFRACTION' ? 
r_mcbond_other               ?     ?     ? ?    'X-RAY DIFFRACTION' ? 
r_mcangle_it                 1.760 2.000 ? 1092 'X-RAY DIFFRACTION' ? 
r_scbond_it                  2.733 3.000 ? 452  'X-RAY DIFFRACTION' ? 
r_scangle_it                 4.495 4.500 ? 408  'X-RAY DIFFRACTION' ? 
r_rigid_bond_restr           ?     ?     ? ?    'X-RAY DIFFRACTION' ? 
r_sphericity_free            ?     ?     ? ?    'X-RAY DIFFRACTION' ? 
r_sphericity_bonded          ?     ?     ? ?    'X-RAY DIFFRACTION' ? 
# 
_refine_ls_shell.pdbx_total_number_of_bins_used   20 
_refine_ls_shell.d_res_high                       1.351 
_refine_ls_shell.d_res_low                        1.386 
_refine_ls_shell.number_reflns_R_work             1774 
_refine_ls_shell.R_factor_R_work                  0.227 
_refine_ls_shell.percent_reflns_obs               ? 
_refine_ls_shell.R_factor_R_free                  0.238 
_refine_ls_shell.R_factor_R_free_error            ? 
_refine_ls_shell.percent_reflns_R_free            ? 
_refine_ls_shell.number_reflns_R_free             202 
_refine_ls_shell.number_reflns_all                ? 
_refine_ls_shell.R_factor_all                     ? 
_refine_ls_shell.number_reflns_obs                1976 
_refine_ls_shell.redundancy_reflns_obs            ? 
_refine_ls_shell.pdbx_refine_id                   'X-RAY DIFFRACTION' 
# 
_struct.entry_id                  2IPZ 
_struct.title                     'A Parallel Coiled-Coil Tetramer with Offset Helices' 
_struct.pdbx_model_details        ? 
_struct.pdbx_CASP_flag            ? 
_struct.pdbx_model_type_details   ? 
# 
_struct_keywords.entry_id        2IPZ 
_struct_keywords.pdbx_keywords   'BIOSYNTHETIC PROTEIN' 
_struct_keywords.text            'Coiled coils, protein design, parallel tetramer, protein structure, BIOSYNTHETIC PROTEIN' 
# 
loop_
_struct_asym.id 
_struct_asym.pdbx_blank_PDB_chainid_flag 
_struct_asym.pdbx_modified 
_struct_asym.entity_id 
_struct_asym.details 
A N N 1 ? 
B N N 1 ? 
C N N 1 ? 
D N N 1 ? 
E N N 2 ? 
F N N 3 ? 
G N N 4 ? 
H N N 4 ? 
I N N 4 ? 
J N N 4 ? 
# 
_struct_biol.id                    1 
_struct_biol.details               'The biological assembly is a tetramer.' 
_struct_biol.pdbx_parent_biol_id   ? 
# 
loop_
_struct_conf.conf_type_id 
_struct_conf.id 
_struct_conf.pdbx_PDB_helix_id 
_struct_conf.beg_label_comp_id 
_struct_conf.beg_label_asym_id 
_struct_conf.beg_label_seq_id 
_struct_conf.pdbx_beg_PDB_ins_code 
_struct_conf.end_label_comp_id 
_struct_conf.end_label_asym_id 
_struct_conf.end_label_seq_id 
_struct_conf.pdbx_end_PDB_ins_code 
_struct_conf.beg_auth_comp_id 
_struct_conf.beg_auth_asym_id 
_struct_conf.beg_auth_seq_id 
_struct_conf.end_auth_comp_id 
_struct_conf.end_auth_asym_id 
_struct_conf.end_auth_seq_id 
_struct_conf.pdbx_PDB_helix_class 
_struct_conf.details 
_struct_conf.pdbx_PDB_helix_length 
HELX_P HELX_P1 1 MET A 1 ? ARG A 34 ? MET A 1 ARG A 34 1 ? 34 
HELX_P HELX_P2 2 LYS B 2 ? GLU B 33 ? LYS B 2 GLU B 33 1 ? 32 
HELX_P HELX_P3 3 MET C 1 ? ARG C 34 ? MET C 1 ARG C 34 1 ? 34 
HELX_P HELX_P4 4 MET D 1 ? GLU D 33 ? MET D 1 GLU D 33 1 ? 33 
# 
_struct_conf_type.id          HELX_P 
_struct_conf_type.criteria    ? 
_struct_conf_type.reference   ? 
# 
loop_
_struct_site.id 
_struct_site.pdbx_evidence_code 
_struct_site.pdbx_auth_asym_id 
_struct_site.pdbx_auth_comp_id 
_struct_site.pdbx_auth_seq_id 
_struct_site.pdbx_auth_ins_code 
_struct_site.pdbx_num_residues 
_struct_site.details 
AC1 Software B GOL 201 ? 1 'BINDING SITE FOR RESIDUE GOL B 201' 
AC2 Software D IPA 301 ? 2 'BINDING SITE FOR RESIDUE IPA D 301' 
# 
loop_
_struct_site_gen.id 
_struct_site_gen.site_id 
_struct_site_gen.pdbx_num_res 
_struct_site_gen.label_comp_id 
_struct_site_gen.label_asym_id 
_struct_site_gen.label_seq_id 
_struct_site_gen.pdbx_auth_ins_code 
_struct_site_gen.auth_comp_id 
_struct_site_gen.auth_asym_id 
_struct_site_gen.auth_seq_id 
_struct_site_gen.label_atom_id 
_struct_site_gen.label_alt_id 
_struct_site_gen.symmetry 
_struct_site_gen.details 
1 AC1 1 TYR B 18 ? TYR B 18  . ? 1_555 ? 
2 AC2 2 GLU D 23 ? GLU D 23  . ? 1_555 ? 
3 AC2 2 HOH J .  ? HOH D 315 . ? 1_555 ? 
# 
_atom_sites.entry_id                    2IPZ 
_atom_sites.fract_transf_matrix[1][1]   0.02698668 
_atom_sites.fract_transf_matrix[1][2]   -0.03163599 
_atom_sites.fract_transf_matrix[1][3]   -0.00754239 
_atom_sites.fract_transf_matrix[2][1]   0.01267625 
_atom_sites.fract_transf_matrix[2][2]   0.00824829 
_atom_sites.fract_transf_matrix[2][3]   0.01075882 
_atom_sites.fract_transf_matrix[3][1]   -0.00557706 
_atom_sites.fract_transf_matrix[3][2]   -0.01091418 
_atom_sites.fract_transf_matrix[3][3]   0.01493839 
_atom_sites.fract_transf_vector[1]      0.478997 
_atom_sites.fract_transf_vector[2]      0.063870 
_atom_sites.fract_transf_vector[3]      0.903083 
# 
loop_
_atom_type.symbol 
C 
N 
O 
S 
# 
loop_
_atom_site.group_PDB 
_atom_site.id 
_atom_site.type_symbol 
_atom_site.label_atom_id 
_atom_site.label_alt_id 
_atom_site.label_comp_id 
_atom_site.label_asym_id 
_atom_site.label_entity_id 
_atom_site.label_seq_id 
_atom_site.pdbx_PDB_ins_code 
_atom_site.Cartn_x 
_atom_site.Cartn_y 
_atom_site.Cartn_z 
_atom_site.occupancy 
_atom_site.B_iso_or_equiv 
_atom_site.pdbx_formal_charge 
_atom_site.auth_seq_id 
_atom_site.auth_comp_id 
_atom_site.auth_asym_id 
_atom_site.auth_atom_id 
_atom_site.pdbx_PDB_model_num 
ATOM   1    N N   . MET A 1 1  ? 10.906  19.718  -17.118 1.00 33.06 ? 1   MET A N   1 
ATOM   2    C CA  . MET A 1 1  ? 9.415   19.681  -17.099 1.00 33.00 ? 1   MET A CA  1 
ATOM   3    C C   . MET A 1 1  ? 8.934   19.223  -15.731 1.00 32.01 ? 1   MET A C   1 
ATOM   4    O O   . MET A 1 1  ? 9.241   18.105  -15.306 1.00 31.67 ? 1   MET A O   1 
ATOM   5    C CB  . MET A 1 1  ? 8.884   18.743  -18.180 1.00 33.69 ? 1   MET A CB  1 
ATOM   6    C CG  . MET A 1 1  ? 7.588   19.206  -18.819 1.00 36.00 ? 1   MET A CG  1 
ATOM   7    S SD  . MET A 1 1  ? 6.147   18.720  -17.863 1.00 40.52 ? 1   MET A SD  1 
ATOM   8    C CE  . MET A 1 1  ? 5.137   17.942  -19.125 1.00 39.67 ? 1   MET A CE  1 
ATOM   9    N N   . LYS A 1 2  ? 8.182   20.093  -15.053 1.00 31.14 ? 2   LYS A N   1 
ATOM   10   C CA  . LYS A 1 2  ? 7.747   19.853  -13.677 1.00 30.08 ? 2   LYS A CA  1 
ATOM   11   C C   . LYS A 1 2  ? 6.753   18.708  -13.590 1.00 29.13 ? 2   LYS A C   1 
ATOM   12   O O   . LYS A 1 2  ? 6.841   17.867  -12.688 1.00 29.32 ? 2   LYS A O   1 
ATOM   13   C CB  . LYS A 1 2  ? 7.142   21.118  -13.066 1.00 30.49 ? 2   LYS A CB  1 
ATOM   14   C CG  . LYS A 1 2  ? 8.139   22.000  -12.324 1.00 31.71 ? 2   LYS A CG  1 
ATOM   15   C CD  . LYS A 1 2  ? 7.693   23.457  -12.362 1.00 32.50 ? 2   LYS A CD  1 
ATOM   16   C CE  . LYS A 1 2  ? 8.491   24.322  -11.397 1.00 33.52 ? 2   LYS A CE  1 
ATOM   17   N NZ  . LYS A 1 2  ? 8.034   25.743  -11.432 1.00 34.55 ? 2   LYS A NZ  1 
ATOM   18   N N   . VAL A 1 3  ? 5.823   18.667  -14.540 1.00 27.80 ? 3   VAL A N   1 
ATOM   19   C CA  . VAL A 1 3  ? 4.788   17.634  -14.552 1.00 26.68 ? 3   VAL A CA  1 
ATOM   20   C C   . VAL A 1 3  ? 5.367   16.270  -14.947 1.00 25.77 ? 3   VAL A C   1 
ATOM   21   O O   . VAL A 1 3  ? 5.045   15.265  -14.327 1.00 24.90 ? 3   VAL A O   1 
ATOM   22   C CB  . VAL A 1 3  ? 3.579   18.022  -15.443 1.00 26.89 ? 3   VAL A CB  1 
ATOM   23   C CG1 . VAL A 1 3  ? 2.456   17.000  -15.298 1.00 27.18 ? 3   VAL A CG1 1 
ATOM   24   C CG2 . VAL A 1 3  ? 3.064   19.407  -15.074 1.00 27.64 ? 3   VAL A CG2 1 
ATOM   25   N N   . LYS A 1 4  ? 6.240   16.237  -15.949 1.00 24.64 ? 4   LYS A N   1 
ATOM   26   C CA  . LYS A 1 4  ? 6.930   15.001  -16.323 1.00 24.06 ? 4   LYS A CA  1 
ATOM   27   C C   . LYS A 1 4  ? 7.721   14.414  -15.144 1.00 22.89 ? 4   LYS A C   1 
ATOM   28   O O   . LYS A 1 4  ? 7.716   13.192  -14.949 1.00 21.44 ? 4   LYS A O   1 
ATOM   29   C CB  . LYS A 1 4  ? 7.862   15.260  -17.509 1.00 24.80 ? 4   LYS A CB  1 
ATOM   30   C CG  . LYS A 1 4  ? 8.435   14.028  -18.179 1.00 27.44 ? 4   LYS A CG  1 
ATOM   31   C CD  . LYS A 1 4  ? 9.155   14.433  -19.465 1.00 30.95 ? 4   LYS A CD  1 
ATOM   32   C CE  . LYS A 1 4  ? 8.240   14.309  -20.676 1.00 32.11 ? 4   LYS A CE  1 
ATOM   33   N NZ  . LYS A 1 4  ? 7.243   15.413  -20.805 1.00 34.84 ? 4   LYS A NZ  1 
ATOM   34   N N   . GLN A 1 5  ? 8.379   15.270  -14.358 1.00 22.19 ? 5   GLN A N   1 
ATOM   35   C CA  . GLN A 1 5  ? 9.167   14.827  -13.208 1.00 22.39 ? 5   GLN A CA  1 
ATOM   36   C C   . GLN A 1 5  ? 8.244   14.237  -12.149 1.00 21.39 ? 5   GLN A C   1 
ATOM   37   O O   . GLN A 1 5  ? 8.555   13.220  -11.526 1.00 21.26 ? 5   GLN A O   1 
ATOM   38   C CB  . GLN A 1 5  ? 9.971   15.994  -12.630 1.00 23.18 ? 5   GLN A CB  1 
ATOM   39   C CG  . GLN A 1 5  ? 10.575  15.762  -11.242 1.00 26.63 ? 5   GLN A CG  1 
ATOM   40   C CD  . GLN A 1 5  ? 12.081  15.991  -11.175 1.00 31.21 ? 5   GLN A CD  1 
ATOM   41   O OE1 . GLN A 1 5  ? 12.653  16.710  -11.998 1.00 34.01 ? 5   GLN A OE1 1 
ATOM   42   N NE2 . GLN A 1 5  ? 12.723  15.392  -10.174 1.00 32.53 ? 5   GLN A NE2 1 
ATOM   43   N N   . LEU A 1 6  ? 7.097   14.871  -11.968 1.00 20.35 ? 6   LEU A N   1 
ATOM   44   C CA  . LEU A 1 6  ? 6.120   14.392  -11.008 1.00 20.43 ? 6   LEU A CA  1 
ATOM   45   C C   . LEU A 1 6  ? 5.580   13.019  -11.415 1.00 19.26 ? 6   LEU A C   1 
ATOM   46   O O   . LEU A 1 6  ? 5.425   12.144  -10.567 1.00 18.20 ? 6   LEU A O   1 
ATOM   47   C CB  . LEU A 1 6  ? 4.997   15.409  -10.896 1.00 21.48 ? 6   LEU A CB  1 
ATOM   48   C CG  . LEU A 1 6  ? 3.833   15.173  -9.956  1.00 24.21 ? 6   LEU A CG  1 
ATOM   49   C CD1 . LEU A 1 6  ? 3.401   16.493  -9.397  1.00 27.11 ? 6   LEU A CD1 1 
ATOM   50   C CD2 . LEU A 1 6  ? 2.687   14.519  -10.727 1.00 24.48 ? 6   LEU A CD2 1 
ATOM   51   N N   . VAL A 1 7  ? 5.292   12.831  -12.697 1.00 17.99 ? 7   VAL A N   1 
ATOM   52   C CA  . VAL A 1 7  ? 4.769   11.561  -13.195 1.00 17.73 ? 7   VAL A CA  1 
ATOM   53   C C   . VAL A 1 7  ? 5.816   10.452  -13.036 1.00 16.91 ? 7   VAL A C   1 
ATOM   54   O O   . VAL A 1 7  ? 5.471   9.325   -12.679 1.00 16.19 ? 7   VAL A O   1 
ATOM   55   C CB  . VAL A 1 7  ? 4.254   11.676  -14.648 1.00 18.41 ? 7   VAL A CB  1 
ATOM   56   C CG1 . VAL A 1 7  ? 3.763   10.336  -15.165 1.00 18.95 ? 7   VAL A CG1 1 
ATOM   57   C CG2 . VAL A 1 7  ? 3.122   12.692  -14.711 1.00 20.32 ? 7   VAL A CG2 1 
ATOM   58   N N   . ASP A 1 8  ? 7.089   10.764  -13.262 1.00 15.91 ? 8   ASP A N   1 
ATOM   59   C CA  . ASP A 1 8  ? 8.181   9.818   -13.007 1.00 16.68 ? 8   ASP A CA  1 
ATOM   60   C C   . ASP A 1 8  ? 8.154   9.343   -11.558 1.00 15.72 ? 8   ASP A C   1 
ATOM   61   O O   . ASP A 1 8  ? 8.385   8.166   -11.264 1.00 15.77 ? 8   ASP A O   1 
ATOM   62   C CB  . ASP A 1 8  ? 9.550   10.467  -13.244 1.00 17.44 ? 8   ASP A CB  1 
ATOM   63   C CG  . ASP A 1 8  ? 9.872   10.711  -14.697 1.00 21.08 ? 8   ASP A CG  1 
ATOM   64   O OD1 . ASP A 1 8  ? 9.307   10.050  -15.580 1.00 22.17 ? 8   ASP A OD1 1 
ATOM   65   O OD2 . ASP A 1 8  ? 10.731  11.565  -15.016 1.00 24.55 ? 8   ASP A OD2 1 
ATOM   66   N N   . LYS A 1 9  ? 7.921   10.276  -10.649 1.00 15.84 ? 9   LYS A N   1 
ATOM   67   C CA  . LYS A 1 9  ? 7.856   9.968   -9.220  1.00 16.08 ? 9   LYS A CA  1 
ATOM   68   C C   . LYS A 1 9  ? 6.650   9.119   -8.894  1.00 15.89 ? 9   LYS A C   1 
ATOM   69   O O   . LYS A 1 9  ? 6.762   8.175   -8.118  1.00 17.15 ? 9   LYS A O   1 
ATOM   70   C CB  . LYS A 1 9  ? 7.855   11.238  -8.391  1.00 17.39 ? 9   LYS A CB  1 
ATOM   71   C CG  . LYS A 1 9  ? 9.171   11.992  -8.483  1.00 19.26 ? 9   LYS A CG  1 
ATOM   72   C CD  . LYS A 1 9  ? 9.106   13.343  -7.780  1.00 22.89 ? 9   LYS A CD  1 
ATOM   73   C CE  . LYS A 1 9  ? 10.524  13.875  -7.581  1.00 25.98 ? 9   LYS A CE  1 
ATOM   74   N NZ  . LYS A 1 9  ? 10.628  15.011  -6.632  1.00 28.94 ? 9   LYS A NZ  1 
ATOM   75   N N   . VAL A 1 10 ? 5.512   9.416   -9.504  1.00 14.79 ? 10  VAL A N   1 
ATOM   76   C CA  . VAL A 1 10 ? 4.316   8.589   -9.307  1.00 15.62 ? 10  VAL A CA  1 
ATOM   77   C C   . VAL A 1 10 ? 4.507   7.178   -9.867  1.00 14.63 ? 10  VAL A C   1 
ATOM   78   O O   . VAL A 1 10 ? 4.101   6.191   -9.238  1.00 13.82 ? 10  VAL A O   1 
ATOM   79   C CB  . VAL A 1 10 ? 3.047   9.261   -9.883  1.00 15.40 ? 10  VAL A CB  1 
ATOM   80   C CG1 . VAL A 1 10 ? 1.876   8.310   -9.839  1.00 16.76 ? 10  VAL A CG1 1 
ATOM   81   C CG2 . VAL A 1 10 ? 2.720   10.555  -9.112  1.00 19.14 ? 10  VAL A CG2 1 
ATOM   82   N N   . GLU A 1 11 ? 5.150   7.052   -11.023 1.00 14.07 ? 11  GLU A N   1 
ATOM   83   C CA  . GLU A 1 11 ? 5.454   5.739   -11.567 1.00 14.62 ? 11  GLU A CA  1 
ATOM   84   C C   . GLU A 1 11 ? 6.294   4.886   -10.606 1.00 13.97 ? 11  GLU A C   1 
ATOM   85   O O   . GLU A 1 11 ? 6.004   3.701   -10.390 1.00 14.25 ? 11  GLU A O   1 
ATOM   86   C CB  . GLU A 1 11 ? 6.192   5.907   -12.899 1.00 15.74 ? 11  GLU A CB  1 
ATOM   87   C CG  . GLU A 1 11 ? 6.320   4.628   -13.700 1.00 18.73 ? 11  GLU A CG  1 
ATOM   88   C CD  . GLU A 1 11 ? 6.865   4.851   -15.105 1.00 21.66 ? 11  GLU A CD  1 
ATOM   89   O OE1 . GLU A 1 11 ? 7.111   6.011   -15.503 1.00 23.76 ? 11  GLU A OE1 1 
ATOM   90   O OE2 . GLU A 1 11 ? 7.044   3.847   -15.811 1.00 26.70 ? 11  GLU A OE2 1 
ATOM   91   N N   . GLU A 1 12 ? 7.318   5.480   -10.010 1.00 15.11 ? 12  GLU A N   1 
ATOM   92   C CA  . GLU A 1 12 ? 8.162   4.759   -9.068  1.00 16.15 ? 12  GLU A CA  1 
ATOM   93   C C   . GLU A 1 12 ? 7.381   4.400   -7.804  1.00 15.82 ? 12  GLU A C   1 
ATOM   94   O O   . GLU A 1 12 ? 7.499   3.280   -7.308  1.00 15.93 ? 12  GLU A O   1 
ATOM   95   C CB  . GLU A 1 12 ? 9.429   5.563   -8.774  1.00 18.39 ? 12  GLU A CB  1 
ATOM   96   C CG  . GLU A 1 12 ? 10.453  4.809   -7.933  1.00 21.53 ? 12  GLU A CG  1 
ATOM   97   C CD  . GLU A 1 12 ? 10.636  3.370   -8.387  1.00 28.59 ? 12  GLU A CD  1 
ATOM   98   O OE1 . GLU A 1 12 ? 10.919  3.146   -9.586  1.00 33.49 ? 12  GLU A OE1 1 
ATOM   99   O OE2 . GLU A 1 12 ? 10.493  2.450   -7.549  1.00 33.26 ? 12  GLU A OE2 1 
ATOM   100  N N   . LEU A 1 13 ? 6.564   5.326   -7.322  1.00 14.82 ? 13  LEU A N   1 
ATOM   101  C CA  . LEU A 1 13 ? 5.637   5.065   -6.194  1.00 15.17 ? 13  LEU A CA  1 
ATOM   102  C C   . LEU A 1 13 ? 4.766   3.847   -6.487  1.00 13.98 ? 13  LEU A C   1 
ATOM   103  O O   . LEU A 1 13 ? 4.576   2.989   -5.605  1.00 13.55 ? 13  LEU A O   1 
ATOM   104  C CB  . LEU A 1 13 ? 4.694   6.245   -5.949  1.00 16.49 ? 13  LEU A CB  1 
ATOM   105  C CG  . LEU A 1 13 ? 5.083   7.500   -5.172  1.00 18.38 ? 13  LEU A CG  1 
ATOM   106  C CD1 . LEU A 1 13 ? 4.031   8.591   -5.350  1.00 21.20 ? 13  LEU A CD1 1 
ATOM   107  C CD2 . LEU A 1 13 ? 5.219   7.193   -3.691  1.00 22.00 ? 13  LEU A CD2 1 
ATOM   108  N N   . LEU A 1 14 ? 4.195   3.769   -7.686  1.00 12.95 ? 14  LEU A N   1 
ATOM   109  C CA  . LEU A 1 14 ? 3.313   2.662   -8.033  1.00 12.81 ? 14  LEU A CA  1 
ATOM   110  C C   . LEU A 1 14 ? 4.067   1.338   -8.138  1.00 11.95 ? 14  LEU A C   1 
ATOM   111  O O   . LEU A 1 14 ? 3.537   0.287   -7.754  1.00 11.66 ? 14  LEU A O   1 
ATOM   112  C CB  . LEU A 1 14 ? 2.490   2.957   -9.301  1.00 12.98 ? 14  LEU A CB  1 
ATOM   113  C CG  . LEU A 1 14 ? 1.382   3.998   -9.079  1.00 15.04 ? 14  LEU A CG  1 
ATOM   114  C CD1 . LEU A 1 14 ? 0.785   4.438   -10.392 1.00 17.84 ? 14  LEU A CD1 1 
ATOM   115  C CD2 . LEU A 1 14 ? 0.262   3.476   -8.149  1.00 18.24 ? 14  LEU A CD2 1 
ATOM   116  N N   . SER A 1 15 ? 5.324   1.379   -8.595  1.00 11.55 ? 15  SER A N   1 
ATOM   117  C CA  . SER A 1 15 ? 6.123   0.158   -8.609  1.00 12.75 ? 15  SER A CA  1 
ATOM   118  C C   . SER A 1 15 ? 6.417   -0.293  -7.169  1.00 11.53 ? 15  SER A C   1 
ATOM   119  O O   . SER A 1 15 ? 6.248   -1.491  -6.840  1.00 12.37 ? 15  SER A O   1 
ATOM   120  C CB  . SER A 1 15 ? 7.406   0.379   -9.412  1.00 12.95 ? 15  SER A CB  1 
ATOM   121  O OG  . SER A 1 15 ? 8.369   -0.584  -9.045  1.00 18.46 ? 15  SER A OG  1 
ATOM   122  N N   . LYS A 1 16 ? 6.762   0.652   -6.299  1.00 12.26 ? 16  LYS A N   1 
ATOM   123  C CA  . LYS A 1 16 ? 7.026   0.302   -4.905  1.00 12.54 ? 16  LYS A CA  1 
ATOM   124  C C   . LYS A 1 16 ? 5.772   -0.293  -4.266  1.00 12.00 ? 16  LYS A C   1 
ATOM   125  O O   . LYS A 1 16 ? 5.857   -1.231  -3.467  1.00 12.47 ? 16  LYS A O   1 
ATOM   126  C CB  . LYS A 1 16 ? 7.483   1.510   -4.116  1.00 12.19 ? 16  LYS A CB  1 
ATOM   127  C CG  . LYS A 1 16 ? 8.905   1.931   -4.465  1.00 13.22 ? 16  LYS A CG  1 
ATOM   128  C CD  . LYS A 1 16 ? 9.390   3.079   -3.615  1.00 16.71 ? 16  LYS A CD  1 
ATOM   129  C CE  . LYS A 1 16 ? 10.806  3.526   -4.019  1.00 21.44 ? 16  LYS A CE  1 
ATOM   130  N NZ  . LYS A 1 16 ? 11.842  2.490   -3.737  1.00 26.83 ? 16  LYS A NZ  1 
ATOM   131  N N   . ASN A 1 17 ? 4.594   0.222   -4.615  1.00 10.90 ? 17  ASN A N   1 
ATOM   132  C CA  . ASN A 1 17 ? 3.361   -0.302  -4.046  1.00 10.23 ? 17  ASN A CA  1 
ATOM   133  C C   . ASN A 1 17 ? 2.964   -1.653  -4.574  1.00 10.09 ? 17  ASN A C   1 
ATOM   134  O O   . ASN A 1 17 ? 2.440   -2.478  -3.825  1.00 10.21 ? 17  ASN A O   1 
ATOM   135  C CB  . ASN A 1 17 ? 2.229   0.706   -4.156  1.00 11.08 ? 17  ASN A CB  1 
ATOM   136  C CG  . ASN A 1 17 ? 2.220   1.666   -3.004  1.00 11.40 ? 17  ASN A CG  1 
ATOM   137  O OD1 . ASN A 1 17 ? 1.489   1.496   -2.022  1.00 12.62 ? 17  ASN A OD1 1 
ATOM   138  N ND2 . ASN A 1 17 ? 3.067   2.691   -3.094  1.00 12.39 ? 17  ASN A ND2 1 
ATOM   139  N N   . TYR A 1 18 ? 3.267   -1.915  -5.831  1.00 10.12 ? 18  TYR A N   1 
ATOM   140  C CA  . TYR A 1 18 ? 3.107   -3.249  -6.375  1.00 10.44 ? 18  TYR A CA  1 
ATOM   141  C C   . TYR A 1 18 ? 3.901   -4.250  -5.549  1.00 10.59 ? 18  TYR A C   1 
ATOM   142  O O   . TYR A 1 18 ? 3.383   -5.283  -5.118  1.00 11.19 ? 18  TYR A O   1 
ATOM   143  C CB  . TYR A 1 18 ? 3.542   -3.278  -7.845  1.00 11.07 ? 18  TYR A CB  1 
ATOM   144  C CG  . TYR A 1 18 ? 3.557   -4.659  -8.417  1.00 12.41 ? 18  TYR A CG  1 
ATOM   145  C CD1 . TYR A 1 18 ? 2.388   -5.242  -8.903  1.00 15.53 ? 18  TYR A CD1 1 
ATOM   146  C CD2 . TYR A 1 18 ? 4.739   -5.404  -8.469  1.00 15.02 ? 18  TYR A CD2 1 
ATOM   147  C CE1 . TYR A 1 18 ? 2.404   -6.542  -9.415  1.00 17.83 ? 18  TYR A CE1 1 
ATOM   148  C CE2 . TYR A 1 18 ? 4.755   -6.686  -8.965  1.00 16.32 ? 18  TYR A CE2 1 
ATOM   149  C CZ  . TYR A 1 18 ? 3.589   -7.247  -9.428  1.00 16.29 ? 18  TYR A CZ  1 
ATOM   150  O OH  . TYR A 1 18 ? 3.629   -8.539  -9.917  1.00 21.20 ? 18  TYR A OH  1 
ATOM   151  N N   . HIS A 1 19 ? 5.187   -3.971  -5.327  1.00 10.77 ? 19  HIS A N   1 
ATOM   152  C CA  . HIS A 1 19 ? 6.037   -4.907  -4.559  1.00 10.42 ? 19  HIS A CA  1 
ATOM   153  C C   . HIS A 1 19 ? 5.602   -5.008  -3.102  1.00 11.01 ? 19  HIS A C   1 
ATOM   154  O O   . HIS A 1 19 ? 5.589   -6.113  -2.529  1.00 11.63 ? 19  HIS A O   1 
ATOM   155  C CB  . HIS A 1 19 ? 7.517   -4.561  -4.715  1.00 10.66 ? 19  HIS A CB  1 
ATOM   156  C CG  . HIS A 1 19 ? 7.977   -4.685  -6.124  1.00 11.42 ? 19  HIS A CG  1 
ATOM   157  N ND1 . HIS A 1 19 ? 8.002   -5.892  -6.784  1.00 13.09 ? 19  HIS A ND1 1 
ATOM   158  C CD2 . HIS A 1 19 ? 8.354   -3.753  -7.022  1.00 13.30 ? 19  HIS A CD2 1 
ATOM   159  C CE1 . HIS A 1 19 ? 8.412   -5.700  -8.027  1.00 12.76 ? 19  HIS A CE1 1 
ATOM   160  N NE2 . HIS A 1 19 ? 8.624   -4.408  -8.198  1.00 13.30 ? 19  HIS A NE2 1 
ATOM   161  N N   . LEU A 1 20 ? 5.233   -3.898  -2.471  1.00 10.69 ? 20  LEU A N   1 
ATOM   162  C CA  . LEU A 1 20 ? 4.897   -4.009  -1.054  1.00 11.82 ? 20  LEU A CA  1 
ATOM   163  C C   . LEU A 1 20 ? 3.575   -4.752  -0.864  1.00 11.88 ? 20  LEU A C   1 
ATOM   164  O O   . LEU A 1 20 ? 3.434   -5.506  0.103   1.00 11.41 ? 20  LEU A O   1 
ATOM   165  C CB  . LEU A 1 20 ? 4.972   -2.646  -0.326  1.00 13.62 ? 20  LEU A CB  1 
ATOM   166  C CG  . LEU A 1 20 ? 3.834   -1.650  -0.498  1.00 13.51 ? 20  LEU A CG  1 
ATOM   167  C CD1 . LEU A 1 20 ? 2.720   -1.934  0.497   1.00 14.50 ? 20  LEU A CD1 1 
ATOM   168  C CD2 . LEU A 1 20 ? 4.389   -0.243  -0.328  1.00 16.05 ? 20  LEU A CD2 1 
ATOM   169  N N   . VAL A 1 21 ? 2.631   -4.596  -1.781  1.00 11.10 ? 21  VAL A N   1 
ATOM   170  C CA  . VAL A 1 21 ? 1.374   -5.341  -1.718  1.00 12.26 ? 21  VAL A CA  1 
ATOM   171  C C   . VAL A 1 21 ? 1.642   -6.842  -1.877  1.00 12.60 ? 21  VAL A C   1 
ATOM   172  O O   . VAL A 1 21 ? 1.047   -7.661  -1.155  1.00 12.80 ? 21  VAL A O   1 
ATOM   173  C CB  . VAL A 1 21 ? 0.311   -4.796  -2.721  1.00 11.62 ? 21  VAL A CB  1 
ATOM   174  C CG1 . VAL A 1 21 ? -0.888  -5.709  -2.834  1.00 15.00 ? 21  VAL A CG1 1 
ATOM   175  C CG2 . VAL A 1 21 ? -0.170  -3.400  -2.293  1.00 12.87 ? 21  VAL A CG2 1 
ATOM   176  N N   . ASN A 1 22 ? 2.553   -7.229  -2.770  1.00 12.25 ? 22  ASN A N   1 
ATOM   177  C CA  . ASN A 1 22 ? 2.992   -8.634  -2.813  1.00 12.82 ? 22  ASN A CA  1 
ATOM   178  C C   . ASN A 1 22 ? 3.577   -9.126  -1.496  1.00 12.43 ? 22  ASN A C   1 
ATOM   179  O O   . ASN A 1 22 ? 3.322   -10.262 -1.091  1.00 12.75 ? 22  ASN A O   1 
ATOM   180  C CB  . ASN A 1 22 ? 4.007   -8.855  -3.946  1.00 14.36 ? 22  ASN A CB  1 
ATOM   181  C CG  . ASN A 1 22 ? 3.350   -8.953  -5.301  1.00 16.73 ? 22  ASN A CG  1 
ATOM   182  O OD1 . ASN A 1 22 ? 2.121   -8.960  -5.429  1.00 20.26 ? 22  ASN A OD1 1 
ATOM   183  N ND2 . ASN A 1 22 ? 4.179   -9.038  -6.338  1.00 21.26 ? 22  ASN A ND2 1 
ATOM   184  N N   . GLU A 1 23 ? 4.385   -8.313  -0.832  1.00 12.32 ? 23  GLU A N   1 
ATOM   185  C CA  . GLU A 1 23 ? 4.987   -8.707  0.445   1.00 12.39 ? 23  GLU A CA  1 
ATOM   186  C C   . GLU A 1 23 ? 3.890   -8.931  1.480   1.00 12.76 ? 23  GLU A C   1 
ATOM   187  O O   . GLU A 1 23 ? 3.899   -9.902  2.246   1.00 11.94 ? 23  GLU A O   1 
ATOM   188  C CB  . GLU A 1 23 ? 5.966   -7.632  0.959   1.00 13.51 ? 23  GLU A CB  1 
ATOM   189  C CG  . GLU A 1 23 ? 7.289   -7.501  0.199   1.00 18.26 ? 23  GLU A CG  1 
ATOM   190  C CD  . GLU A 1 23 ? 8.209   -8.725  0.230   1.00 21.23 ? 23  GLU A CD  1 
ATOM   191  O OE1 . GLU A 1 23 ? 7.985   -9.666  1.010   1.00 23.72 ? 23  GLU A OE1 1 
ATOM   192  O OE2 . GLU A 1 23 ? 9.191   -8.746  -0.562  1.00 26.02 ? 23  GLU A OE2 1 
ATOM   193  N N   . VAL A 1 24 ? 2.932   -8.021  1.508   1.00 11.42 ? 24  VAL A N   1 
ATOM   194  C CA  . VAL A 1 24 ? 1.844   -8.120  2.456   1.00 11.76 ? 24  VAL A CA  1 
ATOM   195  C C   . VAL A 1 24 ? 0.988   -9.358  2.159   1.00 11.74 ? 24  VAL A C   1 
ATOM   196  O O   . VAL A 1 24 ? 0.598   -10.081 3.068   1.00 12.25 ? 24  VAL A O   1 
ATOM   197  C CB  . VAL A 1 24 ? 1.016   -6.828  2.453   1.00 11.22 ? 24  VAL A CB  1 
ATOM   198  C CG1 . VAL A 1 24 ? -0.259  -6.994  3.263   1.00 13.62 ? 24  VAL A CG1 1 
ATOM   199  C CG2 . VAL A 1 24 ? 1.844   -5.666  3.010   1.00 14.11 ? 24  VAL A CG2 1 
ATOM   200  N N   . ALA A 1 25 ? 0.712   -9.619  0.882   1.00 11.41 ? 25  ALA A N   1 
ATOM   201  C CA  . ALA A 1 25 ? -0.055  -10.804 0.510   1.00 11.52 ? 25  ALA A CA  1 
ATOM   202  C C   . ALA A 1 25 ? 0.617   -12.087 1.002   1.00 11.73 ? 25  ALA A C   1 
ATOM   203  O O   . ALA A 1 25 ? -0.067  -13.012 1.486   1.00 12.47 ? 25  ALA A O   1 
ATOM   204  C CB  . ALA A 1 25 ? -0.253  -10.850 -1.007  1.00 12.58 ? 25  ALA A CB  1 
ATOM   205  N N   . ARG A 1 26 ? 1.933   -12.149 0.927   1.00 11.82 ? 26  ARG A N   1 
ATOM   206  C CA  . ARG A 1 26 ? 2.656   -13.295 1.475   1.00 13.20 ? 26  ARG A CA  1 
ATOM   207  C C   . ARG A 1 26 ? 2.462   -13.408 2.987   1.00 13.74 ? 26  ARG A C   1 
ATOM   208  O O   . ARG A 1 26 ? 2.215   -14.518 3.496   1.00 14.44 ? 26  ARG A O   1 
ATOM   209  C CB  . ARG A 1 26 ? 4.131   -13.218 1.140   1.00 14.40 ? 26  ARG A CB  1 
ATOM   210  C CG  . ARG A 1 26 ? 4.938   -14.237 1.862   1.00 16.58 ? 26  ARG A CG  1 
ATOM   211  C CD  . ARG A 1 26 ? 6.323   -14.254 1.428   1.00 18.01 ? 26  ARG A CD  1 
ATOM   212  N NE  . ARG A 1 26 ? 7.105   -15.138 2.281   1.00 21.55 ? 26  ARG A NE  1 
ATOM   213  C CZ  . ARG A 1 26 ? 7.600   -14.791 3.461   1.00 22.92 ? 26  ARG A CZ  1 
ATOM   214  N NH1 . ARG A 1 26 ? 7.406   -13.572 3.951   1.00 23.31 ? 26  ARG A NH1 1 
ATOM   215  N NH2 . ARG A 1 26 ? 8.300   -15.671 4.160   1.00 25.28 ? 26  ARG A NH2 1 
ATOM   216  N N   . LEU A 1 27 ? 2.596   -12.298 3.720   1.00 13.56 ? 27  LEU A N   1 
ATOM   217  C CA  . LEU A 1 27 ? 2.414   -12.357 5.171   1.00 14.32 ? 27  LEU A CA  1 
ATOM   218  C C   . LEU A 1 27 ? 1.025   -12.833 5.530   1.00 13.47 ? 27  LEU A C   1 
ATOM   219  O O   . LEU A 1 27 ? 0.837   -13.654 6.453   1.00 14.07 ? 27  LEU A O   1 
ATOM   220  C CB  . LEU A 1 27 ? 2.685   -10.990 5.808   1.00 14.27 ? 27  LEU A CB  1 
ATOM   221  C CG  . LEU A 1 27 ? 4.100   -10.448 5.637   1.00 15.88 ? 27  LEU A CG  1 
ATOM   222  C CD1 . LEU A 1 27 ? 4.259   -9.165  6.441   1.00 18.54 ? 27  LEU A CD1 1 
ATOM   223  C CD2 . LEU A 1 27 ? 5.137   -11.493 6.056   1.00 18.29 ? 27  LEU A CD2 1 
ATOM   224  N N   . VAL A 1 28 ? 0.023   -12.329 4.823   1.00 13.22 ? 28  VAL A N   1 
ATOM   225  C CA  . VAL A 1 28 ? -1.370  -12.692 5.077   1.00 13.77 ? 28  VAL A CA  1 
ATOM   226  C C   . VAL A 1 28 ? -1.640  -14.173 4.776   1.00 14.18 ? 28  VAL A C   1 
ATOM   227  O O   . VAL A 1 28 ? -2.410  -14.837 5.500   1.00 14.84 ? 28  VAL A O   1 
ATOM   228  C CB  . VAL A 1 28 ? -2.308  -11.761 4.292   1.00 13.66 ? 28  VAL A CB  1 
ATOM   229  C CG1 . VAL A 1 28 ? -3.763  -12.238 4.296   1.00 14.46 ? 28  VAL A CG1 1 
ATOM   230  C CG2 . VAL A 1 28 ? -2.225  -10.323 4.847   1.00 13.65 ? 28  VAL A CG2 1 
ATOM   231  N N   . LYS A 1 29 ? -1.003  -14.690 3.718   1.00 15.54 ? 29  LYS A N   1 
ATOM   232  C CA  . LYS A 1 29 ? -1.077  -16.116 3.352   1.00 16.43 ? 29  LYS A CA  1 
ATOM   233  C C   . LYS A 1 29 ? -0.472  -16.963 4.463   1.00 16.72 ? 29  LYS A C   1 
ATOM   234  O O   . LYS A 1 29 ? -1.063  -17.978 4.879   1.00 16.99 ? 29  LYS A O   1 
ATOM   235  C CB  . LYS A 1 29 ? -0.317  -16.364 2.057   1.00 17.14 ? 29  LYS A CB  1 
ATOM   236  C CG  . LYS A 1 29 ? -0.241  -17.850 1.664   1.00 18.97 ? 29  LYS A CG  1 
ATOM   237  C CD  . LYS A 1 29 ? 0.561   -18.009 0.368   1.00 23.15 ? 29  LYS A CD  1 
ATOM   238  C CE  . LYS A 1 29 ? 0.762   -19.475 0.018   1.00 26.67 ? 29  LYS A CE  1 
ATOM   239  N NZ  . LYS A 1 29 ? -0.472  -20.004 -0.588  1.00 27.73 ? 29  LYS A NZ  1 
ATOM   240  N N   . LEU A 1 30 ? 0.698   -16.573 4.948   1.00 17.29 ? 30  LEU A N   1 
ATOM   241  C CA  . LEU A 1 30 ? 1.384   -17.316 6.008   1.00 18.75 ? 30  LEU A CA  1 
ATOM   242  C C   . LEU A 1 30 ? 0.570   -17.380 7.287   1.00 19.01 ? 30  LEU A C   1 
ATOM   243  O O   . LEU A 1 30 ? 0.508   -18.445 7.922   1.00 19.67 ? 30  LEU A O   1 
ATOM   244  C CB  . LEU A 1 30 ? 2.761   -16.723 6.307   1.00 18.65 ? 30  LEU A CB  1 
ATOM   245  C CG  . LEU A 1 30 ? 3.847   -16.886 5.249   1.00 19.55 ? 30  LEU A CG  1 
ATOM   246  C CD1 . LEU A 1 30 ? 5.075   -16.095 5.683   1.00 21.81 ? 30  LEU A CD1 1 
ATOM   247  C CD2 . LEU A 1 30 ? 4.212   -18.360 4.953   1.00 22.39 ? 30  LEU A CD2 1 
ATOM   248  N N   . VAL A 1 31 ? -0.079  -16.280 7.666   1.00 19.07 ? 31  VAL A N   1 
ATOM   249  C CA  . VAL A 1 31 ? -0.930  -16.277 8.856   1.00 19.97 ? 31  VAL A CA  1 
ATOM   250  C C   . VAL A 1 31 ? -2.116  -17.218 8.623   1.00 20.67 ? 31  VAL A C   1 
ATOM   251  O O   . VAL A 1 31 ? -2.463  -18.015 9.497   1.00 20.90 ? 31  VAL A O   1 
ATOM   252  C CB  . VAL A 1 31 ? -1.420  -14.861 9.232   1.00 19.64 ? 31  VAL A CB  1 
ATOM   253  C CG1 . VAL A 1 31 ? -2.402  -14.937 10.396  1.00 19.96 ? 31  VAL A CG1 1 
ATOM   254  C CG2 . VAL A 1 31 ? -0.249  -14.001 9.609   1.00 20.25 ? 31  VAL A CG2 1 
ATOM   255  N N   . GLY A 1 32 ? -2.717  -17.154 7.438   1.00 21.35 ? 32  GLY A N   1 
ATOM   256  C CA  . GLY A 1 32 ? -3.857  -18.000 7.110   1.00 23.33 ? 32  GLY A CA  1 
ATOM   257  C C   . GLY A 1 32 ? -3.566  -19.496 7.158   1.00 25.08 ? 32  GLY A C   1 
ATOM   258  O O   . GLY A 1 32 ? -4.455  -20.295 7.473   1.00 25.96 ? 32  GLY A O   1 
ATOM   259  N N   . GLU A 1 33 ? -2.320  -19.863 6.862   1.00 26.25 ? 33  GLU A N   1 
ATOM   260  C CA  . GLU A 1 33 ? -1.917  -21.265 6.717   1.00 28.31 ? 33  GLU A CA  1 
ATOM   261  C C   . GLU A 1 33 ? -1.119  -21.769 7.915   1.00 29.80 ? 33  GLU A C   1 
ATOM   262  O O   . GLU A 1 33 ? -0.687  -22.936 7.942   1.00 30.20 ? 33  GLU A O   1 
ATOM   263  C CB  . GLU A 1 33 ? -1.122  -21.445 5.417   1.00 28.36 ? 33  GLU A CB  1 
ATOM   264  C CG  . GLU A 1 33 ? -1.969  -21.204 4.176   1.00 28.34 ? 33  GLU A CG  1 
ATOM   265  C CD  . GLU A 1 33 ? -1.240  -21.420 2.864   1.00 30.07 ? 33  GLU A CD  1 
ATOM   266  O OE1 . GLU A 1 33 ? -0.106  -21.941 2.871   1.00 31.05 ? 33  GLU A OE1 1 
ATOM   267  O OE2 . GLU A 1 33 ? -1.816  -21.060 1.813   1.00 29.41 ? 33  GLU A OE2 1 
ATOM   268  N N   . ARG A 1 34 ? -0.962  -20.888 8.907   1.00 31.45 ? 34  ARG A N   1 
ATOM   269  C CA  . ARG A 1 34 ? -0.153  -21.121 10.113  1.00 33.12 ? 34  ARG A CA  1 
ATOM   270  C C   . ARG A 1 34 ? 0.581   -22.463 10.145  1.00 33.62 ? 34  ARG A C   1 
ATOM   271  O O   . ARG A 1 34 ? 1.619   -22.636 9.498   1.00 33.84 ? 34  ARG A O   1 
ATOM   272  C CB  . ARG A 1 34 ? -0.995  -20.916 11.384  1.00 33.75 ? 34  ARG A CB  1 
ATOM   273  C CG  . ARG A 1 34 ? -0.900  -19.520 11.976  1.00 35.30 ? 34  ARG A CG  1 
ATOM   274  C CD  . ARG A 1 34 ? -2.035  -19.159 12.931  1.00 38.48 ? 34  ARG A CD  1 
ATOM   275  N NE  . ARG A 1 34 ? -3.072  -18.346 12.290  1.00 39.71 ? 34  ARG A NE  1 
ATOM   276  C CZ  . ARG A 1 34 ? -4.196  -18.826 11.761  1.00 40.72 ? 34  ARG A CZ  1 
ATOM   277  N NH1 . ARG A 1 34 ? -4.455  -20.131 11.777  1.00 41.25 ? 34  ARG A NH1 1 
ATOM   278  N NH2 . ARG A 1 34 ? -5.068  -17.996 11.205  1.00 41.27 ? 34  ARG A NH2 1 
ATOM   279  O OXT . ARG A 1 34 ? 0.175   -23.435 10.790  1.00 34.44 ? 34  ARG A OXT 1 
ATOM   280  N N   . MET B 1 1  ? -6.402  23.810  -10.563 1.00 26.80 ? 1   MET B N   1 
ATOM   281  C CA  . MET B 1 1  ? -5.248  23.381  -9.720  1.00 26.41 ? 1   MET B CA  1 
ATOM   282  C C   . MET B 1 1  ? -3.925  23.775  -10.357 1.00 25.42 ? 1   MET B C   1 
ATOM   283  O O   . MET B 1 1  ? -3.714  23.582  -11.562 1.00 25.97 ? 1   MET B O   1 
ATOM   284  C CB  . MET B 1 1  ? -5.280  21.870  -9.492  1.00 27.19 ? 1   MET B CB  1 
ATOM   285  C CG  . MET B 1 1  ? -4.452  21.407  -8.298  1.00 30.15 ? 1   MET B CG  1 
ATOM   286  S SD  . MET B 1 1  ? -5.479  20.916  -6.907  1.00 36.10 ? 1   MET B SD  1 
ATOM   287  C CE  . MET B 1 1  ? -6.060  19.328  -7.446  1.00 33.50 ? 1   MET B CE  1 
ATOM   288  N N   . LYS B 1 2  ? -3.041  24.323  -9.534  1.00 23.84 ? 2   LYS B N   1 
ATOM   289  C CA  . LYS B 1 2  ? -1.706  24.696  -9.974  1.00 22.41 ? 2   LYS B CA  1 
ATOM   290  C C   . LYS B 1 2  ? -0.767  23.498  -9.918  1.00 21.26 ? 2   LYS B C   1 
ATOM   291  O O   . LYS B 1 2  ? -0.915  22.597  -9.079  1.00 20.54 ? 2   LYS B O   1 
ATOM   292  C CB  . LYS B 1 2  ? -1.159  25.821  -9.095  1.00 23.07 ? 2   LYS B CB  1 
ATOM   293  C CG  . LYS B 1 2  ? -1.684  27.218  -9.452  1.00 26.24 ? 2   LYS B CG  1 
ATOM   294  C CD  . LYS B 1 2  ? -1.645  28.156  -8.244  1.00 30.11 ? 2   LYS B CD  1 
ATOM   295  C CE  . LYS B 1 2  ? -0.351  28.962  -8.187  1.00 32.03 ? 2   LYS B CE  1 
ATOM   296  N NZ  . LYS B 1 2  ? -0.479  30.355  -8.734  1.00 35.19 ? 2   LYS B NZ  1 
ATOM   297  N N   . VAL B 1 3  ? 0.212   23.489  -10.815 1.00 19.70 ? 3   VAL B N   1 
ATOM   298  C CA  . VAL B 1 3  ? 1.279   22.491  -10.807 1.00 19.97 ? 3   VAL B CA  1 
ATOM   299  C C   . VAL B 1 3  ? 1.936   22.400  -9.426  1.00 19.19 ? 3   VAL B C   1 
ATOM   300  O O   . VAL B 1 3  ? 2.180   21.290  -8.929  1.00 17.63 ? 3   VAL B O   1 
ATOM   301  C CB  . VAL B 1 3  ? 2.330   22.794  -11.916 1.00 19.73 ? 3   VAL B CB  1 
ATOM   302  C CG1 . VAL B 1 3  ? 3.503   21.809  -11.858 1.00 21.58 ? 3   VAL B CG1 1 
ATOM   303  C CG2 . VAL B 1 3  ? 1.666   22.752  -13.305 1.00 21.17 ? 3   VAL B CG2 1 
ATOM   304  N N   . LYS B 1 4  ? 2.194   23.542  -8.797  1.00 18.20 ? 4   LYS B N   1 
ATOM   305  C CA  . LYS B 1 4  ? 2.822   23.581  -7.470  1.00 19.47 ? 4   LYS B CA  1 
ATOM   306  C C   . LYS B 1 4  ? 2.042   22.783  -6.420  1.00 18.24 ? 4   LYS B C   1 
ATOM   307  O O   . LYS B 1 4  ? 2.651   22.127  -5.574  1.00 18.17 ? 4   LYS B O   1 
ATOM   308  C CB  . LYS B 1 4  ? 3.055   25.025  -7.001  1.00 19.68 ? 4   LYS B CB  1 
ATOM   309  C CG  . LYS B 1 4  ? 3.799   25.170  -5.670  1.00 23.57 ? 4   LYS B CG  1 
ATOM   310  C CD  . LYS B 1 4  ? 5.271   24.778  -5.785  1.00 27.59 ? 4   LYS B CD  1 
ATOM   311  C CE  . LYS B 1 4  ? 6.034   25.038  -4.484  1.00 28.61 ? 4   LYS B CE  1 
ATOM   312  N NZ  . LYS B 1 4  ? 7.002   23.947  -4.190  1.00 31.15 ? 4   LYS B NZ  1 
ATOM   313  N N   . GLN B 1 5  ? 0.709   22.841  -6.465  1.00 17.40 ? 5   GLN B N   1 
ATOM   314  C CA  . GLN B 1 5  ? -0.140  22.043  -5.574  1.00 17.43 ? 5   GLN B CA  1 
ATOM   315  C C   . GLN B 1 5  ? 0.121   20.545  -5.773  1.00 16.67 ? 5   GLN B C   1 
ATOM   316  O O   . GLN B 1 5  ? 0.210   19.782  -4.806  1.00 16.56 ? 5   GLN B O   1 
ATOM   317  C CB  . GLN B 1 5  ? -1.616  22.373  -5.800  1.00 18.01 ? 5   GLN B CB  1 
ATOM   318  C CG  . GLN B 1 5  ? -2.044  23.771  -5.309  1.00 19.00 ? 5   GLN B CG  1 
ATOM   319  C CD  . GLN B 1 5  ? -3.468  24.131  -5.714  1.00 19.72 ? 5   GLN B CD  1 
ATOM   320  O OE1 . GLN B 1 5  ? -3.709  24.579  -6.834  1.00 22.13 ? 5   GLN B OE1 1 
ATOM   321  N NE2 . GLN B 1 5  ? -4.410  23.934  -4.807  1.00 19.77 ? 5   GLN B NE2 1 
ATOM   322  N N   . LEU B 1 6  ? 0.260   20.128  -7.021  1.00 15.90 ? 6   LEU B N   1 
ATOM   323  C CA  . LEU B 1 6  ? 0.498   18.732  -7.326  1.00 16.62 ? 6   LEU B CA  1 
ATOM   324  C C   . LEU B 1 6  ? 1.899   18.305  -6.930  1.00 17.19 ? 6   LEU B C   1 
ATOM   325  O O   . LEU B 1 6  ? 2.078   17.215  -6.416  1.00 15.63 ? 6   LEU B O   1 
ATOM   326  C CB  . LEU B 1 6  ? 0.270   18.467  -8.811  1.00 17.90 ? 6   LEU B CB  1 
ATOM   327  C CG  . LEU B 1 6  ? -1.183  18.560  -9.261  1.00 19.29 ? 6   LEU B CG  1 
ATOM   328  C CD1 . LEU B 1 6  ? -1.234  18.520  -10.778 1.00 21.58 ? 6   LEU B CD1 1 
ATOM   329  C CD2 . LEU B 1 6  ? -2.039  17.449  -8.662  1.00 21.47 ? 6   LEU B CD2 1 
ATOM   330  N N   . VAL B 1 7  ? 2.891   19.155  -7.155  1.00 17.11 ? 7   VAL B N   1 
ATOM   331  C CA  . VAL B 1 7  ? 4.268   18.843  -6.781  1.00 17.84 ? 7   VAL B CA  1 
ATOM   332  C C   . VAL B 1 7  ? 4.377   18.663  -5.268  1.00 17.13 ? 7   VAL B C   1 
ATOM   333  O O   . VAL B 1 7  ? 4.973   17.673  -4.799  1.00 16.26 ? 7   VAL B O   1 
ATOM   334  C CB  . VAL B 1 7  ? 5.236   19.927  -7.297  1.00 18.33 ? 7   VAL B CB  1 
ATOM   335  C CG1 . VAL B 1 7  ? 6.649   19.697  -6.781  1.00 20.74 ? 7   VAL B CG1 1 
ATOM   336  C CG2 . VAL B 1 7  ? 5.247   19.932  -8.819  1.00 19.56 ? 7   VAL B CG2 1 
ATOM   337  N N   . ASP B 1 8  ? 3.774   19.564  -4.505  1.00 16.83 ? 8   ASP B N   1 
ATOM   338  C CA  . ASP B 1 8  ? 3.802   19.472  -3.049  1.00 17.66 ? 8   ASP B CA  1 
ATOM   339  C C   . ASP B 1 8  ? 3.102   18.203  -2.561  1.00 16.10 ? 8   ASP B C   1 
ATOM   340  O O   . ASP B 1 8  ? 3.579   17.538  -1.633  1.00 16.46 ? 8   ASP B O   1 
ATOM   341  C CB  . ASP B 1 8  ? 3.149   20.681  -2.384  1.00 18.57 ? 8   ASP B CB  1 
ATOM   342  C CG  . ASP B 1 8  ? 3.971   21.950  -2.519  1.00 22.64 ? 8   ASP B CG  1 
ATOM   343  O OD1 . ASP B 1 8  ? 5.196   21.880  -2.773  1.00 26.07 ? 8   ASP B OD1 1 
ATOM   344  O OD2 . ASP B 1 8  ? 3.448   23.077  -2.369  1.00 26.79 ? 8   ASP B OD2 1 
ATOM   345  N N   . LYS B 1 9  ? 1.968   17.868  -3.173  1.00 15.22 ? 9   LYS B N   1 
ATOM   346  C CA  . LYS B 1 9  ? 1.261   16.651  -2.794  1.00 14.29 ? 9   LYS B CA  1 
ATOM   347  C C   . LYS B 1 9  ? 2.101   15.426  -3.086  1.00 13.18 ? 9   LYS B C   1 
ATOM   348  O O   . LYS B 1 9  ? 2.205   14.540  -2.226  1.00 13.15 ? 9   LYS B O   1 
ATOM   349  C CB  . LYS B 1 9  ? -0.107  16.552  -3.471  1.00 14.21 ? 9   LYS B CB  1 
ATOM   350  C CG  . LYS B 1 9  ? -0.827  15.197  -3.284  1.00 15.40 ? 9   LYS B CG  1 
ATOM   351  C CD  . LYS B 1 9  ? -1.188  14.854  -1.856  1.00 16.33 ? 9   LYS B CD  1 
ATOM   352  C CE  . LYS B 1 9  ? -2.075  15.932  -1.223  1.00 17.99 ? 9   LYS B CE  1 
ATOM   353  N NZ  . LYS B 1 9  ? -2.519  15.557  0.151   1.00 18.32 ? 9   LYS B NZ  1 
ATOM   354  N N   . VAL B 1 10 ? 2.708   15.357  -4.250  1.00 12.82 ? 10  VAL B N   1 
ATOM   355  C CA  . VAL B 1 10 ? 3.525   14.190  -4.572  1.00 12.73 ? 10  VAL B CA  1 
ATOM   356  C C   . VAL B 1 10 ? 4.736   14.082  -3.626  1.00 12.90 ? 10  VAL B C   1 
ATOM   357  O O   . VAL B 1 10 ? 5.096   12.975  -3.243  1.00 12.51 ? 10  VAL B O   1 
ATOM   358  C CB  . VAL B 1 10 ? 3.920   14.176  -6.066  1.00 12.86 ? 10  VAL B CB  1 
ATOM   359  C CG1 . VAL B 1 10 ? 5.016   13.126  -6.360  1.00 14.66 ? 10  VAL B CG1 1 
ATOM   360  C CG2 . VAL B 1 10 ? 2.675   13.898  -6.917  1.00 15.26 ? 10  VAL B CG2 1 
ATOM   361  N N   . GLU B 1 11 ? 5.330   15.185  -3.199  1.00 13.08 ? 11  GLU B N   1 
ATOM   362  C CA  . GLU B 1 11 ? 6.418   15.110  -2.216  1.00 14.11 ? 11  GLU B CA  1 
ATOM   363  C C   . GLU B 1 11 ? 5.941   14.516  -0.881  1.00 14.03 ? 11  GLU B C   1 
ATOM   364  O O   . GLU B 1 11 ? 6.634   13.682  -0.268  1.00 13.58 ? 11  GLU B O   1 
ATOM   365  C CB  . GLU B 1 11 ? 7.089   16.471  -2.017  1.00 15.34 ? 11  GLU B CB  1 
ATOM   366  C CG  . GLU B 1 11 ? 7.935   16.918  -3.196  1.00 19.10 ? 11  GLU B CG  1 
ATOM   367  C CD  . GLU B 1 11 ? 8.919   15.840  -3.652  1.00 22.97 ? 11  GLU B CD  1 
ATOM   368  O OE1 . GLU B 1 11 ? 9.777   15.417  -2.847  1.00 26.61 ? 11  GLU B OE1 1 
ATOM   369  O OE2 . GLU B 1 11 ? 8.826   15.387  -4.804  1.00 26.82 ? 11  GLU B OE2 1 
ATOM   370  N N   . GLU B 1 12 ? 4.750   14.905  -0.452  1.00 12.74 ? 12  GLU B N   1 
ATOM   371  C CA  . GLU B 1 12 ? 4.119   14.369  0.757   1.00 13.71 ? 12  GLU B CA  1 
ATOM   372  C C   . GLU B 1 12 ? 3.896   12.857  0.608   1.00 12.57 ? 12  GLU B C   1 
ATOM   373  O O   . GLU B 1 12 ? 4.170   12.071  1.526   1.00 12.44 ? 12  GLU B O   1 
ATOM   374  C CB  . GLU B 1 12 ? 2.790   15.090  1.057   1.00 15.26 ? 12  GLU B CB  1 
ATOM   375  C CG  . GLU B 1 12 ? 1.989   14.488  2.206   1.00 20.42 ? 12  GLU B CG  1 
ATOM   376  C CD  . GLU B 1 12 ? 0.556   14.998  2.311   1.00 25.86 ? 12  GLU B CD  1 
ATOM   377  O OE1 . GLU B 1 12 ? 0.072   15.680  1.379   1.00 29.08 ? 12  GLU B OE1 1 
ATOM   378  O OE2 . GLU B 1 12 ? -0.094  14.702  3.342   1.00 30.46 ? 12  GLU B OE2 1 
ATOM   379  N N   . LEU B 1 13 ? 3.415   12.452  -0.558  1.00 11.35 ? 13  LEU B N   1 
ATOM   380  C CA  . LEU B 1 13 ? 3.148   11.045  -0.819  1.00 10.90 ? 13  LEU B CA  1 
ATOM   381  C C   . LEU B 1 13 ? 4.426   10.244  -0.827  1.00 10.68 ? 13  LEU B C   1 
ATOM   382  O O   . LEU B 1 13 ? 4.435   9.130   -0.336  1.00 10.31 ? 13  LEU B O   1 
ATOM   383  C CB  . LEU B 1 13 ? 2.373   10.872  -2.131  1.00 11.47 ? 13  LEU B CB  1 
ATOM   384  C CG  . LEU B 1 13 ? 0.955   11.462  -2.108  1.00 12.99 ? 13  LEU B CG  1 
ATOM   385  C CD1 . LEU B 1 13 ? 0.256   11.185  -3.432  1.00 16.39 ? 13  LEU B CD1 1 
ATOM   386  C CD2 . LEU B 1 13 ? 0.094   10.959  -0.961  1.00 15.55 ? 13  LEU B CD2 1 
ATOM   387  N N   . LEU B 1 14 ? 5.502   10.792  -1.374  1.00 11.18 ? 14  LEU B N   1 
ATOM   388  C CA  . LEU B 1 14 ? 6.772   10.075  -1.379  1.00 11.79 ? 14  LEU B CA  1 
ATOM   389  C C   . LEU B 1 14 ? 7.283   9.827   0.037   1.00 11.12 ? 14  LEU B C   1 
ATOM   390  O O   . LEU B 1 14 ? 7.812   8.748   0.339   1.00 11.15 ? 14  LEU B O   1 
ATOM   391  C CB  . LEU B 1 14 ? 7.825   10.843  -2.188  1.00 12.96 ? 14  LEU B CB  1 
ATOM   392  C CG  . LEU B 1 14 ? 7.620   10.872  -3.707  1.00 16.12 ? 14  LEU B CG  1 
ATOM   393  C CD1 . LEU B 1 14 ? 8.522   11.893  -4.368  1.00 17.56 ? 14  LEU B CD1 1 
ATOM   394  C CD2 . LEU B 1 14 ? 7.881   9.539   -4.332  1.00 18.11 ? 14  LEU B CD2 1 
ATOM   395  N N   . SER B 1 15 ? 7.125   10.794  0.923   1.00 11.01 ? 15  SER B N   1 
ATOM   396  C CA  . SER B 1 15 ? 7.600   10.606  2.304   1.00 12.20 ? 15  SER B CA  1 
ATOM   397  C C   . SER B 1 15 ? 6.724   9.597   3.050   1.00 11.23 ? 15  SER B C   1 
ATOM   398  O O   . SER B 1 15 ? 7.230   8.700   3.751   1.00 12.00 ? 15  SER B O   1 
ATOM   399  C CB  . SER B 1 15 ? 7.678   11.942  3.032   1.00 13.58 ? 15  SER B CB  1 
ATOM   400  O OG  . SER B 1 15 ? 8.624   12.773  2.403   1.00 20.46 ? 15  SER B OG  1 
ATOM   401  N N   . LYS B 1 16 ? 5.422   9.674   2.837   1.00 10.31 ? 16  LYS B N   1 
ATOM   402  C CA  . LYS B 1 16 ? 4.521   8.728   3.460   1.00 11.53 ? 16  LYS B CA  1 
ATOM   403  C C   . LYS B 1 16 ? 4.811   7.320   2.915   1.00 10.02 ? 16  LYS B C   1 
ATOM   404  O O   . LYS B 1 16 ? 4.826   6.341   3.675   1.00 10.40 ? 16  LYS B O   1 
ATOM   405  C CB  . LYS B 1 16 ? 3.087   9.127   3.174   1.00 12.37 ? 16  LYS B CB  1 
ATOM   406  C CG  . LYS B 1 16 ? 2.596   10.320  3.997   1.00 18.52 ? 16  LYS B CG  1 
ATOM   407  C CD  . LYS B 1 16 ? 1.439   9.946   4.921   1.00 25.58 ? 16  LYS B CD  1 
ATOM   408  C CE  . LYS B 1 16 ? 1.536   10.678  6.251   1.00 27.80 ? 16  LYS B CE  1 
ATOM   409  N NZ  . LYS B 1 16 ? 1.651   9.732   7.393   1.00 30.45 ? 16  LYS B NZ  1 
ATOM   410  N N   . ASN B 1 17 ? 5.084   7.190   1.627   1.00 9.05  ? 17  ASN B N   1 
ATOM   411  C CA  . ASN B 1 17 ? 5.381   5.891   1.048   1.00 8.81  ? 17  ASN B CA  1 
ATOM   412  C C   . ASN B 1 17 ? 6.682   5.300   1.585   1.00 9.41  ? 17  ASN B C   1 
ATOM   413  O O   . ASN B 1 17 ? 6.774   4.092   1.810   1.00 9.58  ? 17  ASN B O   1 
ATOM   414  C CB  . ASN B 1 17 ? 5.448   5.958   -0.471  1.00 10.07 ? 17  ASN B CB  1 
ATOM   415  C CG  . ASN B 1 17 ? 5.482   4.597   -1.086  1.00 11.49 ? 17  ASN B CG  1 
ATOM   416  O OD1 . ASN B 1 17 ? 4.567   3.801   -0.891  1.00 14.67 ? 17  ASN B OD1 1 
ATOM   417  N ND2 . ASN B 1 17 ? 6.566   4.292   -1.800  1.00 16.57 ? 17  ASN B ND2 1 
ATOM   418  N N   . TYR B 1 18 ? 7.686   6.146   1.782   1.00 9.29  ? 18  TYR B N   1 
ATOM   419  C CA  . TYR B 1 18 ? 8.963   5.721   2.362   1.00 10.22 ? 18  TYR B CA  1 
ATOM   420  C C   . TYR B 1 18 ? 8.744   5.001   3.677   1.00 9.87  ? 18  TYR B C   1 
ATOM   421  O O   . TYR B 1 18 ? 9.235   3.883   3.877   1.00 9.58  ? 18  TYR B O   1 
ATOM   422  C CB  . TYR B 1 18 ? 9.816   6.953   2.509   1.00 11.02 ? 18  TYR B CB  1 
ATOM   423  C CG  . TYR B 1 18 ? 11.084  6.821   3.337   1.00 10.67 ? 18  TYR B CG  1 
ATOM   424  C CD1 . TYR B 1 18 ? 12.233  6.232   2.811   1.00 12.57 ? 18  TYR B CD1 1 
ATOM   425  C CD2 . TYR B 1 18 ? 11.163  7.370   4.621   1.00 11.58 ? 18  TYR B CD2 1 
ATOM   426  C CE1 . TYR B 1 18 ? 13.416  6.162   3.589   1.00 13.84 ? 18  TYR B CE1 1 
ATOM   427  C CE2 . TYR B 1 18 ? 12.321  7.305   5.379   1.00 11.48 ? 18  TYR B CE2 1 
ATOM   428  C CZ  . TYR B 1 18 ? 13.431  6.737   4.840   1.00 11.59 ? 18  TYR B CZ  1 
ATOM   429  O OH  . TYR B 1 18 ? 14.595  6.701   5.600   1.00 13.19 ? 18  TYR B OH  1 
ATOM   430  N N   . HIS B 1 19 ? 7.955   5.591   4.571   1.00 8.46  ? 19  HIS B N   1 
ATOM   431  C CA  . HIS B 1 19 ? 7.680   4.951   5.842   1.00 8.91  ? 19  HIS B CA  1 
ATOM   432  C C   . HIS B 1 19 ? 6.841   3.692   5.710   1.00 8.96  ? 19  HIS B C   1 
ATOM   433  O O   . HIS B 1 19 ? 7.070   2.740   6.449   1.00 9.52  ? 19  HIS B O   1 
ATOM   434  C CB  . HIS B 1 19 ? 7.056   5.958   6.830   1.00 9.64  ? 19  HIS B CB  1 
ATOM   435  C CG  . HIS B 1 19 ? 8.005   7.040   7.209   1.00 10.33 ? 19  HIS B CG  1 
ATOM   436  N ND1 . HIS B 1 19 ? 9.163   6.781   7.916   1.00 12.43 ? 19  HIS B ND1 1 
ATOM   437  C CD2 . HIS B 1 19 ? 8.013   8.359   6.928   1.00 10.99 ? 19  HIS B CD2 1 
ATOM   438  C CE1 . HIS B 1 19 ? 9.825   7.911   8.074   1.00 14.05 ? 19  HIS B CE1 1 
ATOM   439  N NE2 . HIS B 1 19 ? 9.152   8.882   7.491   1.00 12.33 ? 19  HIS B NE2 1 
ATOM   440  N N   . LEU B 1 20 ? 5.905   3.656   4.764   1.00 8.42  ? 20  LEU B N   1 
ATOM   441  C CA  . LEU B 1 20 ? 5.137   2.430   4.490   1.00 9.55  ? 20  LEU B CA  1 
ATOM   442  C C   . LEU B 1 20 ? 6.037   1.268   4.061   1.00 9.28  ? 20  LEU B C   1 
ATOM   443  O O   . LEU B 1 20 ? 5.924   0.167   4.595   1.00 9.59  ? 20  LEU B O   1 
ATOM   444  C CB  . LEU B 1 20 ? 4.108   2.727   3.385   1.00 10.72 ? 20  LEU B CB  1 
ATOM   445  C CG  . LEU B 1 20 ? 3.253   1.569   2.874   1.00 12.15 ? 20  LEU B CG  1 
ATOM   446  C CD1 . LEU B 1 20 ? 2.379   1.119   4.013   1.00 16.81 ? 20  LEU B CD1 1 
ATOM   447  C CD2 . LEU B 1 20 ? 2.396   1.988   1.677   1.00 13.56 ? 20  LEU B CD2 1 
ATOM   448  N N   . VAL B 1 21 ? 6.914   1.521   3.117   1.00 9.13  ? 21  VAL B N   1 
ATOM   449  C CA  . VAL B 1 21 ? 7.870   0.514   2.652   1.00 10.47 ? 21  VAL B CA  1 
ATOM   450  C C   . VAL B 1 21 ? 8.701   0.023   3.846   1.00 10.41 ? 21  VAL B C   1 
ATOM   451  O O   . VAL B 1 21 ? 8.919   -1.200  4.000   1.00 9.99  ? 21  VAL B O   1 
ATOM   452  C CB  . VAL B 1 21 ? 8.749   1.079   1.545   1.00 10.92 ? 21  VAL B CB  1 
ATOM   453  C CG1 . VAL B 1 21 ? 9.890   0.122   1.205   1.00 12.66 ? 21  VAL B CG1 1 
ATOM   454  C CG2 . VAL B 1 21 ? 7.926   1.352   0.278   1.00 12.75 ? 21  VAL B CG2 1 
ATOM   455  N N   . ASN B 1 22 ? 9.136   0.942   4.703   1.00 9.73  ? 22  ASN B N   1 
ATOM   456  C CA  . ASN B 1 22 ? 9.969   0.549   5.842   1.00 9.98  ? 22  ASN B CA  1 
ATOM   457  C C   . ASN B 1 22 ? 9.170   -0.255  6.847   1.00 9.65  ? 22  ASN B C   1 
ATOM   458  O O   . ASN B 1 22 ? 9.711   -1.194  7.453   1.00 9.85  ? 22  ASN B O   1 
ATOM   459  C CB  . ASN B 1 22 ? 10.564  1.784   6.516   1.00 10.58 ? 22  ASN B CB  1 
ATOM   460  C CG  . ASN B 1 22 ? 11.494  2.555   5.604   1.00 10.86 ? 22  ASN B CG  1 
ATOM   461  O OD1 . ASN B 1 22 ? 12.011  2.021   4.615   1.00 14.28 ? 22  ASN B OD1 1 
ATOM   462  N ND2 . ASN B 1 22 ? 11.700  3.823   5.920   1.00 11.86 ? 22  ASN B ND2 1 
ATOM   463  N N   . GLU B 1 23 ? 7.888   0.050   7.020   1.00 9.12  ? 23  GLU B N   1 
ATOM   464  C CA  . GLU B 1 23 ? 7.088   -0.725  7.956   1.00 10.54 ? 23  GLU B CA  1 
ATOM   465  C C   . GLU B 1 23 ? 6.882   -2.147  7.451   1.00 10.69 ? 23  GLU B C   1 
ATOM   466  O O   . GLU B 1 23 ? 6.940   -3.117  8.218   1.00 11.32 ? 23  GLU B O   1 
ATOM   467  C CB  . GLU B 1 23 ? 5.738   -0.038  8.203   1.00 10.39 ? 23  GLU B CB  1 
ATOM   468  C CG  . GLU B 1 23 ? 4.764   -0.821  9.107   1.00 12.59 ? 23  GLU B CG  1 
ATOM   469  C CD  . GLU B 1 23 ? 5.207   -1.010  10.545  1.00 16.12 ? 23  GLU B CD  1 
ATOM   470  O OE1 . GLU B 1 23 ? 6.359   -0.699  10.932  1.00 15.28 ? 23  GLU B OE1 1 
ATOM   471  O OE2 . GLU B 1 23 ? 4.369   -1.492  11.334  1.00 18.34 ? 23  GLU B OE2 1 
ATOM   472  N N   . VAL B 1 24 ? 6.682   -2.293  6.151   1.00 9.92  ? 24  VAL B N   1 
ATOM   473  C CA  . VAL B 1 24 ? 6.521   -3.625  5.572   1.00 10.50 ? 24  VAL B CA  1 
ATOM   474  C C   . VAL B 1 24 ? 7.836   -4.409  5.738   1.00 10.04 ? 24  VAL B C   1 
ATOM   475  O O   . VAL B 1 24 ? 7.796   -5.573  6.154   1.00 10.93 ? 24  VAL B O   1 
ATOM   476  C CB  . VAL B 1 24 ? 6.078   -3.535  4.086   1.00 10.35 ? 24  VAL B CB  1 
ATOM   477  C CG1 . VAL B 1 24 ? 6.146   -4.910  3.406   1.00 12.20 ? 24  VAL B CG1 1 
ATOM   478  C CG2 . VAL B 1 24 ? 4.649   -3.017  3.978   1.00 12.31 ? 24  VAL B CG2 1 
ATOM   479  N N   . ALA B 1 25 ? 8.973   -3.775  5.490   1.00 10.21 ? 25  ALA B N   1 
ATOM   480  C CA  . ALA B 1 25 ? 10.267  -4.451  5.721   1.00 10.95 ? 25  ALA B CA  1 
ATOM   481  C C   . ALA B 1 25 ? 10.413  -4.922  7.166   1.00 11.72 ? 25  ALA B C   1 
ATOM   482  O O   . ALA B 1 25 ? 10.895  -6.051  7.440   1.00 12.70 ? 25  ALA B O   1 
ATOM   483  C CB  . ALA B 1 25 ? 11.396  -3.582  5.320   1.00 11.74 ? 25  ALA B CB  1 
ATOM   484  N N   . ARG B 1 26 ? 9.951   -4.107  8.102   1.00 11.12 ? 26  ARG B N   1 
ATOM   485  C CA  . ARG B 1 26 ? 10.041  -4.456  9.516   1.00 12.30 ? 26  ARG B CA  1 
ATOM   486  C C   . ARG B 1 26 ? 9.187   -5.675  9.807   1.00 12.72 ? 26  ARG B C   1 
ATOM   487  O O   . ARG B 1 26 ? 9.607   -6.579  10.543  1.00 13.21 ? 26  ARG B O   1 
ATOM   488  C CB  . ARG B 1 26 ? 9.596   -3.266  10.376  1.00 12.30 ? 26  ARG B CB  1 
ATOM   489  C CG  . ARG B 1 26 ? 9.746   -3.505  11.885  1.00 14.08 ? 26  ARG B CG  1 
ATOM   490  C CD  . ARG B 1 26 ? 9.097   -2.406  12.741  1.00 15.09 ? 26  ARG B CD  1 
ATOM   491  N NE  . ARG B 1 26 ? 7.630   -2.429  12.704  1.00 14.21 ? 26  ARG B NE  1 
ATOM   492  C CZ  . ARG B 1 26 ? 6.857   -3.192  13.462  1.00 15.32 ? 26  ARG B CZ  1 
ATOM   493  N NH1 . ARG B 1 26 ? 7.403   -4.033  14.334  1.00 20.00 ? 26  ARG B NH1 1 
ATOM   494  N NH2 . ARG B 1 26 ? 5.543   -3.127  13.348  1.00 18.12 ? 26  ARG B NH2 1 
ATOM   495  N N   . LEU B 1 27 ? 7.980   -5.706  9.267   1.00 12.72 ? 27  LEU B N   1 
ATOM   496  C CA  . LEU B 1 27 ? 7.086   -6.833  9.490   1.00 13.76 ? 27  LEU B CA  1 
ATOM   497  C C   . LEU B 1 27 ? 7.574   -8.112  8.831   1.00 14.41 ? 27  LEU B C   1 
ATOM   498  O O   . LEU B 1 27 ? 7.409   -9.191  9.390   1.00 14.39 ? 27  LEU B O   1 
ATOM   499  C CB  . LEU B 1 27 ? 5.669   -6.513  9.008   1.00 14.37 ? 27  LEU B CB  1 
ATOM   500  C CG  . LEU B 1 27 ? 4.912   -5.485  9.829   1.00 13.79 ? 27  LEU B CG  1 
ATOM   501  C CD1 . LEU B 1 27 ? 3.615   -5.099  9.133   1.00 17.98 ? 27  LEU B CD1 1 
ATOM   502  C CD2 . LEU B 1 27 ? 4.674   -5.947  11.261  1.00 17.57 ? 27  LEU B CD2 1 
ATOM   503  N N   . VAL B 1 28 ? 8.156   -8.002  7.651   1.00 13.70 ? 28  VAL B N   1 
ATOM   504  C CA  . VAL B 1 28 ? 8.672   -9.164  6.927   1.00 15.16 ? 28  VAL B CA  1 
ATOM   505  C C   . VAL B 1 28 ? 9.817   -9.771  7.739   1.00 16.17 ? 28  VAL B C   1 
ATOM   506  O O   . VAL B 1 28 ? 9.878   -11.002 7.902   1.00 16.54 ? 28  VAL B O   1 
ATOM   507  C CB  . VAL B 1 28 ? 9.122   -8.774  5.496   1.00 14.67 ? 28  VAL B CB  1 
ATOM   508  C CG1 . VAL B 1 28 ? 9.970   -9.905  4.864   1.00 15.89 ? 28  VAL B CG1 1 
ATOM   509  C CG2 . VAL B 1 28 ? 7.883   -8.418  4.620   1.00 15.55 ? 28  VAL B CG2 1 
ATOM   510  N N   . LYS B 1 29 ? 10.697  -8.932  8.272   1.00 16.19 ? 29  LYS B N   1 
ATOM   511  C CA  . LYS B 1 29 ? 11.778  -9.402  9.143   1.00 17.19 ? 29  LYS B CA  1 
ATOM   512  C C   . LYS B 1 29 ? 11.233  -10.092 10.385  1.00 17.60 ? 29  LYS B C   1 
ATOM   513  O O   . LYS B 1 29 ? 11.728  -11.173 10.749  1.00 18.55 ? 29  LYS B O   1 
ATOM   514  C CB  . LYS B 1 29 ? 12.700  -8.243  9.530   1.00 17.46 ? 29  LYS B CB  1 
ATOM   515  C CG  . LYS B 1 29 ? 13.886  -8.662  10.405  1.00 20.62 ? 29  LYS B CG  1 
ATOM   516  C CD  . LYS B 1 29 ? 14.767  -7.460  10.719  1.00 23.99 ? 29  LYS B CD  1 
ATOM   517  C CE  . LYS B 1 29 ? 14.945  -7.260  12.218  1.00 28.85 ? 29  LYS B CE  1 
ATOM   518  N NZ  . LYS B 1 29 ? 16.361  -7.431  12.650  1.00 30.47 ? 29  LYS B NZ  1 
ATOM   519  N N   . LEU B 1 30 ? 10.238  -9.500  11.046  1.00 17.47 ? 30  LEU B N   1 
ATOM   520  C CA  . LEU B 1 30 ? 9.665   -10.074 12.258  1.00 18.83 ? 30  LEU B CA  1 
ATOM   521  C C   . LEU B 1 30 ? 9.070   -11.446 11.979  1.00 19.17 ? 30  LEU B C   1 
ATOM   522  O O   . LEU B 1 30 ? 9.303   -12.401 12.741  1.00 20.25 ? 30  LEU B O   1 
ATOM   523  C CB  . LEU B 1 30 ? 8.594   -9.139  12.836  1.00 19.29 ? 30  LEU B CB  1 
ATOM   524  C CG  . LEU B 1 30 ? 7.813   -9.632  14.056  1.00 21.78 ? 30  LEU B CG  1 
ATOM   525  C CD1 . LEU B 1 30 ? 8.735   -9.822  15.255  1.00 23.80 ? 30  LEU B CD1 1 
ATOM   526  C CD2 . LEU B 1 30 ? 6.712   -8.655  14.375  1.00 21.68 ? 30  LEU B CD2 1 
ATOM   527  N N   . VAL B 1 31 ? 8.290   -11.554 10.907  1.00 18.45 ? 31  VAL B N   1 
ATOM   528  C CA  . VAL B 1 31 ? 7.659   -12.828 10.565  1.00 18.76 ? 31  VAL B CA  1 
ATOM   529  C C   . VAL B 1 31 ? 8.716   -13.869 10.170  1.00 19.09 ? 31  VAL B C   1 
ATOM   530  O O   . VAL B 1 31 ? 8.572   -15.059 10.487  1.00 20.63 ? 31  VAL B O   1 
ATOM   531  C CB  . VAL B 1 31 ? 6.559   -12.634 9.489   1.00 18.46 ? 31  VAL B CB  1 
ATOM   532  C CG1 . VAL B 1 31 ? 6.061   -13.967 8.912   1.00 18.81 ? 31  VAL B CG1 1 
ATOM   533  C CG2 . VAL B 1 31 ? 5.365   -11.883 10.077  1.00 18.65 ? 31  VAL B CG2 1 
ATOM   534  N N   . GLY B 1 32 ? 9.791   -13.428 9.531   1.00 19.55 ? 32  GLY B N   1 
ATOM   535  C CA  . GLY B 1 32 ? 10.829  -14.335 9.062   1.00 21.28 ? 32  GLY B CA  1 
ATOM   536  C C   . GLY B 1 32 ? 11.678  -14.915 10.185  1.00 23.56 ? 32  GLY B C   1 
ATOM   537  O O   . GLY B 1 32 ? 12.388  -15.909 9.985   1.00 23.20 ? 32  GLY B O   1 
ATOM   538  N N   . GLU B 1 33 ? 11.605  -14.298 11.361  1.00 24.91 ? 33  GLU B N   1 
ATOM   539  C CA  . GLU B 1 33 ? 12.300  -14.779 12.563  1.00 27.92 ? 33  GLU B CA  1 
ATOM   540  C C   . GLU B 1 33 ? 11.373  -15.671 13.394  1.00 29.45 ? 33  GLU B C   1 
ATOM   541  O O   . GLU B 1 33 ? 11.603  -15.908 14.592  1.00 30.74 ? 33  GLU B O   1 
ATOM   542  C CB  . GLU B 1 33 ? 12.843  -13.591 13.371  1.00 27.74 ? 33  GLU B CB  1 
ATOM   543  C CG  . GLU B 1 33 ? 13.992  -12.865 12.681  1.00 29.44 ? 33  GLU B CG  1 
ATOM   544  C CD  . GLU B 1 33 ? 14.266  -11.474 13.237  1.00 32.27 ? 33  GLU B CD  1 
ATOM   545  O OE1 . GLU B 1 33 ? 13.487  -10.985 14.085  1.00 33.70 ? 33  GLU B OE1 1 
ATOM   546  O OE2 . GLU B 1 33 ? 15.274  -10.862 12.814  1.00 34.22 ? 33  GLU B OE2 1 
ATOM   547  N N   . ARG B 1 34 ? 10.337  -16.176 12.724  1.00 31.42 ? 34  ARG B N   1 
ATOM   548  C CA  . ARG B 1 34 ? 9.353   -17.120 13.259  1.00 32.72 ? 34  ARG B CA  1 
ATOM   549  C C   . ARG B 1 34 ? 9.959   -18.224 14.123  1.00 33.50 ? 34  ARG B C   1 
ATOM   550  O O   . ARG B 1 34 ? 9.687   -18.318 15.324  1.00 34.19 ? 34  ARG B O   1 
ATOM   551  C CB  . ARG B 1 34 ? 8.582   -17.754 12.099  1.00 32.63 ? 34  ARG B CB  1 
ATOM   552  C CG  . ARG B 1 34 ? 7.085   -17.793 12.262  1.00 32.80 ? 34  ARG B CG  1 
ATOM   553  C CD  . ARG B 1 34 ? 6.321   -17.368 11.020  1.00 32.73 ? 34  ARG B CD  1 
ATOM   554  N NE  . ARG B 1 34 ? 6.349   -18.366 9.948   1.00 31.11 ? 34  ARG B NE  1 
ATOM   555  C CZ  . ARG B 1 34 ? 7.110   -18.284 8.857   1.00 30.32 ? 34  ARG B CZ  1 
ATOM   556  N NH1 . ARG B 1 34 ? 7.930   -17.256 8.685   1.00 28.81 ? 34  ARG B NH1 1 
ATOM   557  N NH2 . ARG B 1 34 ? 7.053   -19.236 7.939   1.00 31.23 ? 34  ARG B NH2 1 
ATOM   558  O OXT . ARG B 1 34 ? 10.723  -19.066 13.650  1.00 34.45 ? 34  ARG B OXT 1 
ATOM   559  N N   . MET C 1 1  ? -8.742  16.746  -15.951 1.00 33.87 ? 1   MET C N   1 
ATOM   560  C CA  . MET C 1 1  ? -7.254  16.736  -16.016 1.00 33.78 ? 1   MET C CA  1 
ATOM   561  C C   . MET C 1 1  ? -6.749  15.420  -15.439 1.00 32.72 ? 1   MET C C   1 
ATOM   562  O O   . MET C 1 1  ? -7.082  15.039  -14.308 1.00 33.65 ? 1   MET C O   1 
ATOM   563  C CB  . MET C 1 1  ? -6.671  17.948  -15.280 1.00 34.27 ? 1   MET C CB  1 
ATOM   564  C CG  . MET C 1 1  ? -5.170  18.174  -15.469 1.00 35.56 ? 1   MET C CG  1 
ATOM   565  S SD  . MET C 1 1  ? -4.183  17.449  -14.137 1.00 37.23 ? 1   MET C SD  1 
ATOM   566  C CE  . MET C 1 1  ? -2.843  18.586  -14.036 1.00 36.88 ? 1   MET C CE  1 
ATOM   567  N N   . LYS C 1 2  ? -5.952  14.728  -16.239 1.00 31.32 ? 2   LYS C N   1 
ATOM   568  C CA  . LYS C 1 2  ? -5.609  13.345  -15.990 1.00 29.03 ? 2   LYS C CA  1 
ATOM   569  C C   . LYS C 1 2  ? -4.612  13.174  -14.836 1.00 26.79 ? 2   LYS C C   1 
ATOM   570  O O   . LYS C 1 2  ? -4.780  12.273  -14.021 1.00 26.22 ? 2   LYS C O   1 
ATOM   571  C CB  . LYS C 1 2  ? -5.112  12.679  -17.283 1.00 29.57 ? 2   LYS C CB  1 
ATOM   572  C CG  . LYS C 1 2  ? -3.761  13.185  -17.776 1.00 30.79 ? 2   LYS C CG  1 
ATOM   573  C CD  . LYS C 1 2  ? -3.761  13.519  -19.253 1.00 33.68 ? 2   LYS C CD  1 
ATOM   574  C CE  . LYS C 1 2  ? -2.470  13.045  -19.892 1.00 35.31 ? 2   LYS C CE  1 
ATOM   575  N NZ  . LYS C 1 2  ? -2.730  12.346  -21.178 1.00 36.21 ? 2   LYS C NZ  1 
ATOM   576  N N   . VAL C 1 3  ? -3.609  14.047  -14.753 1.00 24.38 ? 3   VAL C N   1 
ATOM   577  C CA  . VAL C 1 3  ? -2.582  13.940  -13.706 1.00 22.55 ? 3   VAL C CA  1 
ATOM   578  C C   . VAL C 1 3  ? -3.150  14.154  -12.306 1.00 21.27 ? 3   VAL C C   1 
ATOM   579  O O   . VAL C 1 3  ? -2.836  13.387  -11.400 1.00 19.07 ? 3   VAL C O   1 
ATOM   580  C CB  . VAL C 1 3  ? -1.372  14.872  -13.951 1.00 22.89 ? 3   VAL C CB  1 
ATOM   581  C CG1 . VAL C 1 3  ? -0.428  14.880  -12.753 1.00 22.81 ? 3   VAL C CG1 1 
ATOM   582  C CG2 . VAL C 1 3  ? -0.618  14.408  -15.175 1.00 23.22 ? 3   VAL C CG2 1 
ATOM   583  N N   . LYS C 1 4  ? -4.002  15.156  -12.115 1.00 20.17 ? 4   LYS C N   1 
ATOM   584  C CA  . LYS C 1 4  ? -4.527  15.379  -10.766 1.00 20.14 ? 4   LYS C CA  1 
ATOM   585  C C   . LYS C 1 4  ? -5.401  14.206  -10.312 1.00 19.28 ? 4   LYS C C   1 
ATOM   586  O O   . LYS C 1 4  ? -5.404  13.831  -9.133  1.00 18.24 ? 4   LYS C O   1 
ATOM   587  C CB  . LYS C 1 4  ? -5.255  16.716  -10.632 1.00 20.99 ? 4   LYS C CB  1 
ATOM   588  C CG  . LYS C 1 4  ? -6.479  16.904  -11.498 1.00 23.85 ? 4   LYS C CG  1 
ATOM   589  C CD  . LYS C 1 4  ? -6.811  18.378  -11.518 1.00 25.60 ? 4   LYS C CD  1 
ATOM   590  C CE  . LYS C 1 4  ? -8.031  18.675  -12.359 1.00 28.92 ? 4   LYS C CE  1 
ATOM   591  N NZ  . LYS C 1 4  ? -8.292  20.137  -12.311 1.00 28.64 ? 4   LYS C NZ  1 
ATOM   592  N N   . GLN C 1 5  ? -6.109  13.593  -11.257 1.00 18.73 ? 5   GLN C N   1 
ATOM   593  C CA  . GLN C 1 5  ? -6.926  12.438  -10.944 1.00 19.16 ? 5   GLN C CA  1 
ATOM   594  C C   . GLN C 1 5  ? -6.055  11.245  -10.541 1.00 17.86 ? 5   GLN C C   1 
ATOM   595  O O   . GLN C 1 5  ? -6.383  10.536  -9.595  1.00 17.99 ? 5   GLN C O   1 
ATOM   596  C CB  . GLN C 1 5  ? -7.860  12.108  -12.110 1.00 20.42 ? 5   GLN C CB  1 
ATOM   597  C CG  . GLN C 1 5  ? -9.099  13.020  -12.129 1.00 24.43 ? 5   GLN C CG  1 
ATOM   598  C CD  . GLN C 1 5  ? -9.624  13.322  -13.525 1.00 30.41 ? 5   GLN C CD  1 
ATOM   599  O OE1 . GLN C 1 5  ? -9.855  14.488  -13.866 1.00 33.21 ? 5   GLN C OE1 1 
ATOM   600  N NE2 . GLN C 1 5  ? -9.829  12.286  -14.324 1.00 32.52 ? 5   GLN C NE2 1 
ATOM   601  N N   . LEU C 1 6  ? -4.951  11.042  -11.246 1.00 16.92 ? 6   LEU C N   1 
ATOM   602  C CA  . LEU C 1 6  ? -3.982  10.014  -10.880 1.00 16.22 ? 6   LEU C CA  1 
ATOM   603  C C   . LEU C 1 6  ? -3.415  10.239  -9.471  1.00 15.39 ? 6   LEU C C   1 
ATOM   604  O O   . LEU C 1 6  ? -3.344  9.297   -8.669  1.00 14.65 ? 6   LEU C O   1 
ATOM   605  C CB  . LEU C 1 6  ? -2.857  9.966   -11.913 1.00 16.95 ? 6   LEU C CB  1 
ATOM   606  C CG  . LEU C 1 6  ? -1.648  9.092   -11.572 1.00 15.83 ? 6   LEU C CG  1 
ATOM   607  C CD1 . LEU C 1 6  ? -2.041  7.620   -11.496 1.00 18.02 ? 6   LEU C CD1 1 
ATOM   608  C CD2 . LEU C 1 6  ? -0.537  9.345   -12.606 1.00 18.13 ? 6   LEU C CD2 1 
ATOM   609  N N   . VAL C 1 7  ? -3.001  11.464  -9.173  1.00 14.22 ? 7   VAL C N   1 
ATOM   610  C CA  . VAL C 1 7  ? -2.447  11.798  -7.873  1.00 13.75 ? 7   VAL C CA  1 
ATOM   611  C C   . VAL C 1 7  ? -3.465  11.512  -6.750  1.00 13.22 ? 7   VAL C C   1 
ATOM   612  O O   . VAL C 1 7  ? -3.113  10.938  -5.721  1.00 13.07 ? 7   VAL C O   1 
ATOM   613  C CB  . VAL C 1 7  ? -1.908  13.259  -7.840  1.00 14.29 ? 7   VAL C CB  1 
ATOM   614  C CG1 . VAL C 1 7  ? -1.506  13.684  -6.442  1.00 14.93 ? 7   VAL C CG1 1 
ATOM   615  C CG2 . VAL C 1 7  ? -0.716  13.387  -8.772  1.00 15.85 ? 7   VAL C CG2 1 
ATOM   616  N N   . ASP C 1 8  ? -4.734  11.882  -6.940  1.00 13.32 ? 8   ASP C N   1 
ATOM   617  C CA  . ASP C 1 8  ? -5.756  11.577  -5.939  1.00 13.66 ? 8   ASP C CA  1 
ATOM   618  C C   . ASP C 1 8  ? -5.891  10.075  -5.713  1.00 12.28 ? 8   ASP C C   1 
ATOM   619  O O   . ASP C 1 8  ? -6.105  9.633   -4.572  1.00 11.68 ? 8   ASP C O   1 
ATOM   620  C CB  . ASP C 1 8  ? -7.132  12.120  -6.344  1.00 14.56 ? 8   ASP C CB  1 
ATOM   621  C CG  . ASP C 1 8  ? -7.496  13.405  -5.641  1.00 17.10 ? 8   ASP C CG  1 
ATOM   622  O OD1 . ASP C 1 8  ? -7.029  13.689  -4.527  1.00 18.58 ? 8   ASP C OD1 1 
ATOM   623  O OD2 . ASP C 1 8  ? -8.281  14.214  -6.180  1.00 22.28 ? 8   ASP C OD2 1 
ATOM   624  N N   . LYS C 1 9  ? -5.849  9.294   -6.788  1.00 11.69 ? 9   LYS C N   1 
ATOM   625  C CA  . LYS C 1 9  ? -5.960  7.841   -6.657  1.00 12.12 ? 9   LYS C CA  1 
ATOM   626  C C   . LYS C 1 9  ? -4.747  7.243   -5.939  1.00 11.43 ? 9   LYS C C   1 
ATOM   627  O O   . LYS C 1 9  ? -4.909  6.325   -5.144  1.00 11.22 ? 9   LYS C O   1 
ATOM   628  C CB  . LYS C 1 9  ? -6.170  7.179   -8.012  1.00 13.93 ? 9   LYS C CB  1 
ATOM   629  C CG  . LYS C 1 9  ? -7.562  7.448   -8.564  1.00 16.56 ? 9   LYS C CG  1 
ATOM   630  C CD  . LYS C 1 9  ? -8.583  6.438   -8.065  1.00 22.36 ? 9   LYS C CD  1 
ATOM   631  C CE  . LYS C 1 9  ? -9.957  6.700   -8.650  1.00 26.07 ? 9   LYS C CE  1 
ATOM   632  N NZ  . LYS C 1 9  ? -9.926  6.562   -10.121 1.00 27.36 ? 9   LYS C NZ  1 
ATOM   633  N N   . VAL C 1 10 ? -3.558  7.793   -6.174  1.00 10.91 ? 10  VAL C N   1 
ATOM   634  C CA  . VAL C 1 10 ? -2.373  7.328   -5.473  1.00 11.10 ? 10  VAL C CA  1 
ATOM   635  C C   . VAL C 1 10 ? -2.488  7.681   -3.979  1.00 10.96 ? 10  VAL C C   1 
ATOM   636  O O   . VAL C 1 10 ? -2.134  6.879   -3.115  1.00 10.39 ? 10  VAL C O   1 
ATOM   637  C CB  . VAL C 1 10 ? -1.077  7.881   -6.121  1.00 10.97 ? 10  VAL C CB  1 
ATOM   638  C CG1 . VAL C 1 10 ? 0.149   7.514   -5.268  1.00 13.37 ? 10  VAL C CG1 1 
ATOM   639  C CG2 . VAL C 1 10 ? -0.947  7.332   -7.517  1.00 15.71 ? 10  VAL C CG2 1 
ATOM   640  N N   . GLU C 1 11 ? -2.998  8.863   -3.648  1.00 10.17 ? 11  GLU C N   1 
ATOM   641  C CA  . GLU C 1 11 ? -3.238  9.226   -2.262  1.00 11.23 ? 11  GLU C CA  1 
ATOM   642  C C   . GLU C 1 11 ? -4.190  8.241   -1.594  1.00 11.18 ? 11  GLU C C   1 
ATOM   643  O O   . GLU C 1 11 ? -3.967  7.823   -0.466  1.00 11.06 ? 11  GLU C O   1 
ATOM   644  C CB  . GLU C 1 11 ? -3.771  10.662  -2.138  1.00 11.92 ? 11  GLU C CB  1 
ATOM   645  C CG  . GLU C 1 11 ? -3.924  11.060  -0.681  1.00 14.74 ? 11  GLU C CG  1 
ATOM   646  C CD  . GLU C 1 11 ? -4.060  12.554  -0.434  1.00 16.28 ? 11  GLU C CD  1 
ATOM   647  O OE1 . GLU C 1 11 ? -4.138  13.336  -1.388  1.00 19.44 ? 11  GLU C OE1 1 
ATOM   648  O OE2 . GLU C 1 11 ? -4.128  12.917  0.756   1.00 23.06 ? 11  GLU C OE2 1 
ATOM   649  N N   . GLU C 1 12 ? -5.266  7.891   -2.278  1.00 9.57  ? 12  GLU C N   1 
ATOM   650  C CA  . GLU C 1 12 ? -6.219  6.922   -1.738  1.00 10.03 ? 12  GLU C CA  1 
ATOM   651  C C   . GLU C 1 12 ? -5.528  5.582   -1.501  1.00 9.34  ? 12  GLU C C   1 
ATOM   652  O O   . GLU C 1 12 ? -5.712  4.984   -0.449  1.00 9.66  ? 12  GLU C O   1 
ATOM   653  C CB  . GLU C 1 12 ? -7.385  6.780   -2.675  1.00 11.18 ? 12  GLU C CB  1 
ATOM   654  C CG  . GLU C 1 12 ? -8.434  5.801   -2.186  1.00 12.43 ? 12  GLU C CG  1 
ATOM   655  C CD  . GLU C 1 12 ? -9.579  5.634   -3.154  1.00 19.04 ? 12  GLU C CD  1 
ATOM   656  O OE1 . GLU C 1 12 ? -9.809  6.560   -3.963  1.00 21.17 ? 12  GLU C OE1 1 
ATOM   657  O OE2 . GLU C 1 12 ? -10.244 4.568   -3.110  1.00 21.30 ? 12  GLU C OE2 1 
ATOM   658  N N   . LEU C 1 13 ? -4.760  5.114   -2.479  1.00 9.40  ? 13  LEU C N   1 
ATOM   659  C CA  . LEU C 1 13 ? -4.065  3.843   -2.331  1.00 9.80  ? 13  LEU C CA  1 
ATOM   660  C C   . LEU C 1 13 ? -3.117  3.869   -1.142  1.00 9.52  ? 13  LEU C C   1 
ATOM   661  O O   . LEU C 1 13 ? -3.064  2.917   -0.364  1.00 9.59  ? 13  LEU C O   1 
ATOM   662  C CB  . LEU C 1 13 ? -3.312  3.474   -3.612  1.00 10.15 ? 13  LEU C CB  1 
ATOM   663  C CG  . LEU C 1 13 ? -2.427  2.218   -3.492  1.00 10.24 ? 13  LEU C CG  1 
ATOM   664  C CD1 . LEU C 1 13 ? -3.262  0.969   -3.384  1.00 11.18 ? 13  LEU C CD1 1 
ATOM   665  C CD2 . LEU C 1 13 ? -1.511  2.142   -4.707  1.00 12.94 ? 13  LEU C CD2 1 
ATOM   666  N N   . LEU C 1 14 ? -2.336  4.928   -0.992  1.00 9.53  ? 14  LEU C N   1 
ATOM   667  C CA  . LEU C 1 14 ? -1.404  4.993   0.111   1.00 10.30 ? 14  LEU C CA  1 
ATOM   668  C C   . LEU C 1 14 ? -2.135  4.967   1.455   1.00 9.59  ? 14  LEU C C   1 
ATOM   669  O O   . LEU C 1 14 ? -1.702  4.283   2.391   1.00 11.11 ? 14  LEU C O   1 
ATOM   670  C CB  . LEU C 1 14 ? -0.518  6.239   0.000   1.00 11.69 ? 14  LEU C CB  1 
ATOM   671  C CG  . LEU C 1 14 ? 0.633   6.213   -0.988  1.00 14.43 ? 14  LEU C CG  1 
ATOM   672  C CD1 . LEU C 1 14 ? 1.499   7.422   -0.730  1.00 18.96 ? 14  LEU C CD1 1 
ATOM   673  C CD2 . LEU C 1 14 ? 1.470   4.948   -0.887  1.00 19.56 ? 14  LEU C CD2 1 
ATOM   674  N N   . SER C 1 15 ? -3.239  5.712   1.569   1.00 10.33 ? 15  SER C N   1 
ATOM   675  C CA  . SER C 1 15 ? -4.037  5.701   2.794   1.00 11.45 ? 15  SER C CA  1 
ATOM   676  C C   . SER C 1 15 ? -4.570  4.306   3.127   1.00 10.63 ? 15  SER C C   1 
ATOM   677  O O   . SER C 1 15 ? -4.487  3.844   4.280   1.00 11.75 ? 15  SER C O   1 
ATOM   678  C CB  . SER C 1 15 ? -5.202  6.665   2.672   1.00 13.19 ? 15  SER C CB  1 
ATOM   679  O OG  . SER C 1 15 ? -6.189  6.221   1.775   1.00 22.21 ? 15  SER C OG  1 
ATOM   680  N N   . LYS C 1 16 ? -5.067  3.621   2.112   1.00 9.53  ? 16  LYS C N   1 
ATOM   681  C CA  . LYS C 1 16 ? -5.601  2.268   2.325   1.00 9.40  ? 16  LYS C CA  1 
ATOM   682  C C   . LYS C 1 16 ? -4.506  1.262   2.603   1.00 9.33  ? 16  LYS C C   1 
ATOM   683  O O   . LYS C 1 16 ? -4.737  0.329   3.377   1.00 9.00  ? 16  LYS C O   1 
ATOM   684  C CB  . LYS C 1 16 ? -6.433  1.847   1.138   1.00 10.12 ? 16  LYS C CB  1 
ATOM   685  C CG  . LYS C 1 16 ? -7.713  2.662   1.112   1.00 13.00 ? 16  LYS C CG  1 
ATOM   686  C CD  . LYS C 1 16 ? -8.595  2.371   -0.050  1.00 15.64 ? 16  LYS C CD  1 
ATOM   687  C CE  . LYS C 1 16 ? -9.969  2.982   0.239   1.00 20.62 ? 16  LYS C CE  1 
ATOM   688  N NZ  . LYS C 1 16 ? -10.864 3.045   -0.936  1.00 22.92 ? 16  LYS C NZ  1 
ATOM   689  N N   . ASN C 1 17 ? -3.325  1.415   1.999   1.00 8.32  ? 17  ASN C N   1 
ATOM   690  C CA  . ASN C 1 17 ? -2.223  0.538   2.350   1.00 8.92  ? 17  ASN C CA  1 
ATOM   691  C C   . ASN C 1 17 ? -1.692  0.794   3.767   1.00 9.17  ? 17  ASN C C   1 
ATOM   692  O O   . ASN C 1 17 ? -1.240  -0.145  4.418   1.00 9.73  ? 17  ASN C O   1 
ATOM   693  C CB  . ASN C 1 17 ? -1.097  0.630   1.315   1.00 9.46  ? 17  ASN C CB  1 
ATOM   694  C CG  . ASN C 1 17 ? -1.367  -0.255  0.080   1.00 9.68  ? 17  ASN C CG  1 
ATOM   695  O OD1 . ASN C 1 17 ? -2.216  -1.142  0.114   1.00 10.95 ? 17  ASN C OD1 1 
ATOM   696  N ND2 . ASN C 1 17 ? -0.649  -0.006  -1.008  1.00 10.32 ? 17  ASN C ND2 1 
ATOM   697  N N   . TYR C 1 18 ? -1.754  2.027   4.264   1.00 9.57  ? 18  TYR C N   1 
ATOM   698  C CA  . TYR C 1 18 ? -1.425  2.296   5.663   1.00 10.76 ? 18  TYR C CA  1 
ATOM   699  C C   . TYR C 1 18 ? -2.372  1.515   6.563   1.00 10.61 ? 18  TYR C C   1 
ATOM   700  O O   . TYR C 1 18 ? -1.953  0.907   7.552   1.00 11.94 ? 18  TYR C O   1 
ATOM   701  C CB  . TYR C 1 18 ? -1.555  3.799   5.965   1.00 11.87 ? 18  TYR C CB  1 
ATOM   702  C CG  . TYR C 1 18 ? -0.225  4.521   5.990   1.00 12.43 ? 18  TYR C CG  1 
ATOM   703  C CD1 . TYR C 1 18 ? 0.514   4.706   4.826   1.00 12.22 ? 18  TYR C CD1 1 
ATOM   704  C CD2 . TYR C 1 18 ? 0.305   4.996   7.187   1.00 14.15 ? 18  TYR C CD2 1 
ATOM   705  C CE1 . TYR C 1 18 ? 1.736   5.351   4.841   1.00 11.68 ? 18  TYR C CE1 1 
ATOM   706  C CE2 . TYR C 1 18 ? 1.539   5.658   7.210   1.00 14.09 ? 18  TYR C CE2 1 
ATOM   707  C CZ  . TYR C 1 18 ? 2.241   5.819   6.027   1.00 12.54 ? 18  TYR C CZ  1 
ATOM   708  O OH  . TYR C 1 18 ? 3.464   6.422   6.019   1.00 13.39 ? 18  TYR C OH  1 
ATOM   709  N N   . HIS C 1 19 ? -3.652  1.552   6.254   1.00 11.10 ? 19  HIS C N   1 
ATOM   710  C CA  . HIS C 1 19 ? -4.617  0.795   7.049   1.00 12.51 ? 19  HIS C CA  1 
ATOM   711  C C   . HIS C 1 19 ? -4.352  -0.698  6.988   1.00 11.31 ? 19  HIS C C   1 
ATOM   712  O O   . HIS C 1 19 ? -4.323  -1.376  8.030   1.00 11.80 ? 19  HIS C O   1 
ATOM   713  C CB  . HIS C 1 19 ? -6.012  1.158   6.640   1.00 15.17 ? 19  HIS C CB  1 
ATOM   714  C CG  . HIS C 1 19 ? -6.326  2.592   6.941   1.00 19.82 ? 19  HIS C CG  1 
ATOM   715  N ND1 . HIS C 1 19 ? -7.039  3.397   6.083   1.00 25.39 ? 19  HIS C ND1 1 
ATOM   716  C CD2 . HIS C 1 19 ? -5.980  3.373   7.993   1.00 25.23 ? 19  HIS C CD2 1 
ATOM   717  C CE1 . HIS C 1 19 ? -7.150  4.603   6.605   1.00 25.53 ? 19  HIS C CE1 1 
ATOM   718  N NE2 . HIS C 1 19 ? -6.509  4.620   7.760   1.00 27.34 ? 19  HIS C NE2 1 
ATOM   719  N N   . LEU C 1 20 ? -4.054  -1.208  5.805   1.00 10.43 ? 20  LEU C N   1 
ATOM   720  C CA  . LEU C 1 20 ? -3.756  -2.608  5.653   1.00 10.30 ? 20  LEU C CA  1 
ATOM   721  C C   . LEU C 1 20 ? -2.550  -3.011  6.484   1.00 10.11 ? 20  LEU C C   1 
ATOM   722  O O   . LEU C 1 20 ? -2.587  -4.001  7.233   1.00 10.60 ? 20  LEU C O   1 
ATOM   723  C CB  . LEU C 1 20 ? -3.534  -2.910  4.174   1.00 10.11 ? 20  LEU C CB  1 
ATOM   724  C CG  . LEU C 1 20 ? -3.032  -4.315  3.820   1.00 9.89  ? 20  LEU C CG  1 
ATOM   725  C CD1 . LEU C 1 20 ? -3.932  -5.453  4.326   1.00 11.61 ? 20  LEU C CD1 1 
ATOM   726  C CD2 . LEU C 1 20 ? -2.924  -4.375  2.292   1.00 10.28 ? 20  LEU C CD2 1 
ATOM   727  N N   . VAL C 1 21 ? -1.468  -2.256  6.392   1.00 10.25 ? 21  VAL C N   1 
ATOM   728  C CA  . VAL C 1 21 ? -0.267  -2.635  7.111   1.00 11.74 ? 21  VAL C CA  1 
ATOM   729  C C   . VAL C 1 21 ? -0.462  -2.528  8.647   1.00 11.71 ? 21  VAL C C   1 
ATOM   730  O O   . VAL C 1 21 ? 0.062   -3.374  9.379   1.00 13.01 ? 21  VAL C O   1 
ATOM   731  C CB  . VAL C 1 21 ? 0.967   -1.899  6.516   1.00 12.20 ? 21  VAL C CB  1 
ATOM   732  C CG1 . VAL C 1 21 ? 2.209   -2.154  7.330   1.00 15.36 ? 21  VAL C CG1 1 
ATOM   733  C CG2 . VAL C 1 21 ? 1.167   -2.319  5.085   1.00 13.89 ? 21  VAL C CG2 1 
ATOM   734  N N   . ASN C 1 22 ? -1.236  -1.546  9.117   1.00 12.30 ? 22  ASN C N   1 
ATOM   735  C CA  . ASN C 1 22 ? -1.616  -1.451  10.546  1.00 13.47 ? 22  ASN C CA  1 
ATOM   736  C C   . ASN C 1 22 ? -2.307  -2.710  11.002  1.00 12.70 ? 22  ASN C C   1 
ATOM   737  O O   . ASN C 1 22 ? -1.996  -3.259  12.076  1.00 13.20 ? 22  ASN C O   1 
ATOM   738  C CB  . ASN C 1 22 ? -2.525  -0.219  10.826  1.00 15.34 ? 22  ASN C CB  1 
ATOM   739  C CG  . ASN C 1 22 ? -3.030  -0.129  12.303  1.00 17.34 ? 22  ASN C CG  1 
ATOM   740  O OD1 . ASN C 1 22 ? -4.161  -0.525  12.643  1.00 19.49 ? 22  ASN C OD1 1 
ATOM   741  N ND2 . ASN C 1 22 ? -2.186  0.408   13.160  1.00 22.50 ? 22  ASN C ND2 1 
ATOM   742  N N   . GLU C 1 23 ? -3.254  -3.170  10.195  1.00 12.32 ? 23  GLU C N   1 
ATOM   743  C CA  . GLU C 1 23 ? -4.051  -4.358  10.542  1.00 12.16 ? 23  GLU C CA  1 
ATOM   744  C C   . GLU C 1 23 ? -3.238  -5.628  10.472  1.00 11.62 ? 23  GLU C C   1 
ATOM   745  O O   . GLU C 1 23 ? -3.425  -6.523  11.301  1.00 11.55 ? 23  GLU C O   1 
ATOM   746  C CB  . GLU C 1 23 ? -5.292  -4.483  9.671   1.00 13.42 ? 23  GLU C CB  1 
ATOM   747  C CG  . GLU C 1 23 ? -6.360  -3.431  9.977   1.00 17.55 ? 23  GLU C CG  1 
ATOM   748  C CD  . GLU C 1 23 ? -6.770  -3.364  11.447  1.00 23.11 ? 23  GLU C CD  1 
ATOM   749  O OE1 . GLU C 1 23 ? -7.077  -4.412  12.063  1.00 24.13 ? 23  GLU C OE1 1 
ATOM   750  O OE2 . GLU C 1 23 ? -6.762  -2.239  12.011  1.00 29.08 ? 23  GLU C OE2 1 
ATOM   751  N N   . VAL C 1 24 ? -2.297  -5.713  9.550   1.00 10.27 ? 24  VAL C N   1 
ATOM   752  C CA  . VAL C 1 24 ? -1.412  -6.873  9.489   1.00 11.60 ? 24  VAL C CA  1 
ATOM   753  C C   . VAL C 1 24 ? -0.526  -6.943  10.745  1.00 11.15 ? 24  VAL C C   1 
ATOM   754  O O   . VAL C 1 24 ? -0.344  -8.026  11.312  1.00 10.82 ? 24  VAL C O   1 
ATOM   755  C CB  . VAL C 1 24 ? -0.542  -6.888  8.205   1.00 11.37 ? 24  VAL C CB  1 
ATOM   756  C CG1 . VAL C 1 24 ? 0.539   -7.991  8.272   1.00 13.64 ? 24  VAL C CG1 1 
ATOM   757  C CG2 . VAL C 1 24 ? -1.416  -7.084  6.988   1.00 12.41 ? 24  VAL C CG2 1 
ATOM   758  N N   . ALA C 1 25 ? 0.022   -5.810  11.178  1.00 11.63 ? 25  ALA C N   1 
ATOM   759  C CA  . ALA C 1 25 ? 0.829   -5.781  12.404  1.00 12.02 ? 25  ALA C CA  1 
ATOM   760  C C   . ALA C 1 25 ? -0.015  -6.265  13.585  1.00 12.19 ? 25  ALA C C   1 
ATOM   761  O O   . ALA C 1 25 ? 0.456   -7.081  14.405  1.00 12.96 ? 25  ALA C O   1 
ATOM   762  C CB  . ALA C 1 25 ? 1.368   -4.380  12.669  1.00 13.06 ? 25  ALA C CB  1 
ATOM   763  N N   . ARG C 1 26 ? -1.261  -5.813  13.660  1.00 11.81 ? 26  ARG C N   1 
ATOM   764  C CA  . ARG C 1 26 ? -2.168  -6.253  14.733  1.00 13.27 ? 26  ARG C CA  1 
ATOM   765  C C   . ARG C 1 26 ? -2.395  -7.763  14.672  1.00 13.24 ? 26  ARG C C   1 
ATOM   766  O O   . ARG C 1 26 ? -2.364  -8.465  15.697  1.00 13.76 ? 26  ARG C O   1 
ATOM   767  C CB  . ARG C 1 26 ? -3.502  -5.539  14.622  1.00 14.52 ? 26  ARG C CB  1 
ATOM   768  C CG  . ARG C 1 26 ? -4.586  -6.053  15.579  1.00 18.39 ? 26  ARG C CG  1 
ATOM   769  C CD  . ARG C 1 26 ? -5.810  -5.159  15.646  1.00 23.63 ? 26  ARG C CD  1 
ATOM   770  N NE  . ARG C 1 26 ? -5.429  -3.847  16.148  1.00 23.18 ? 26  ARG C NE  1 
ATOM   771  C CZ  . ARG C 1 26 ? -5.140  -2.802  15.375  1.00 24.97 ? 26  ARG C CZ  1 
ATOM   772  N NH1 . ARG C 1 26 ? -5.225  -2.891  14.058  1.00 24.42 ? 26  ARG C NH1 1 
ATOM   773  N NH2 . ARG C 1 26 ? -4.778  -1.658  15.928  1.00 25.88 ? 26  ARG C NH2 1 
ATOM   774  N N   . LEU C 1 27 ? -2.677  -8.280  13.485  1.00 13.08 ? 27  LEU C N   1 
ATOM   775  C CA  . LEU C 1 27 ? -2.892  -9.702  13.284  1.00 13.24 ? 27  LEU C CA  1 
ATOM   776  C C   . LEU C 1 27 ? -1.671  -10.538 13.669  1.00 12.51 ? 27  LEU C C   1 
ATOM   777  O O   . LEU C 1 27 ? -1.807  -11.607 14.304  1.00 13.04 ? 27  LEU C O   1 
ATOM   778  C CB  . LEU C 1 27 ? -3.311  -9.961  11.829  1.00 13.13 ? 27  LEU C CB  1 
ATOM   779  C CG  . LEU C 1 27 ? -3.478  -11.416 11.423  1.00 13.33 ? 27  LEU C CG  1 
ATOM   780  C CD1 . LEU C 1 27 ? -4.575  -12.120 12.217  1.00 17.08 ? 27  LEU C CD1 1 
ATOM   781  C CD2 . LEU C 1 27 ? -3.795  -11.500 9.935   1.00 16.35 ? 27  LEU C CD2 1 
ATOM   782  N N   . VAL C 1 28 ? -0.486  -10.091 13.288  1.00 12.20 ? 28  VAL C N   1 
ATOM   783  C CA  . VAL C 1 28 ? 0.735   -10.817 13.606  1.00 14.44 ? 28  VAL C CA  1 
ATOM   784  C C   . VAL C 1 28 ? 0.890   -10.892 15.131  1.00 14.69 ? 28  VAL C C   1 
ATOM   785  O O   . VAL C 1 28 ? 1.169   -11.955 15.674  1.00 16.57 ? 28  VAL C O   1 
ATOM   786  C CB  . VAL C 1 28 ? 1.983   -10.204 12.864  1.00 14.20 ? 28  VAL C CB  1 
ATOM   787  C CG1 . VAL C 1 28 ? 3.320   -10.713 13.437  1.00 15.96 ? 28  VAL C CG1 1 
ATOM   788  C CG2 . VAL C 1 28 ? 1.913   -10.475 11.372  1.00 15.77 ? 28  VAL C CG2 1 
ATOM   789  N N   . LYS C 1 29 ? 0.639   -9.792  15.827  1.00 15.44 ? 29  LYS C N   1 
ATOM   790  C CA  . LYS C 1 29 ? 0.741   -9.787  17.289  1.00 16.91 ? 29  LYS C CA  1 
ATOM   791  C C   . LYS C 1 29 ? -0.294  -10.739 17.887  1.00 16.89 ? 29  LYS C C   1 
ATOM   792  O O   . LYS C 1 29 ? 0.032   -11.518 18.801  1.00 17.55 ? 29  LYS C O   1 
ATOM   793  C CB  . LYS C 1 29 ? 0.536   -8.365  17.807  1.00 16.81 ? 29  LYS C CB  1 
ATOM   794  C CG  . LYS C 1 29 ? 0.893   -8.162  19.286  1.00 21.42 ? 29  LYS C CG  1 
ATOM   795  C CD  . LYS C 1 29 ? 0.559   -6.732  19.733  1.00 24.67 ? 29  LYS C CD  1 
ATOM   796  C CE  . LYS C 1 29 ? 1.074   -5.683  18.767  1.00 28.10 ? 29  LYS C CE  1 
ATOM   797  N NZ  . LYS C 1 29 ? 2.259   -4.970  19.312  1.00 30.93 ? 29  LYS C NZ  1 
ATOM   798  N N   . LEU C 1 30 ? -1.521  -10.689 17.377  1.00 16.25 ? 30  LEU C N   1 
ATOM   799  C CA  . LEU C 1 30 ? -2.617  -11.531 17.861  1.00 17.19 ? 30  LEU C CA  1 
ATOM   800  C C   . LEU C 1 30 ? -2.314  -13.011 17.721  1.00 17.65 ? 30  LEU C C   1 
ATOM   801  O O   . LEU C 1 30 ? -2.539  -13.778 18.660  1.00 17.27 ? 30  LEU C O   1 
ATOM   802  C CB  . LEU C 1 30 ? -3.924  -11.191 17.139  1.00 17.60 ? 30  LEU C CB  1 
ATOM   803  C CG  . LEU C 1 30 ? -5.251  -11.740 17.649  1.00 20.97 ? 30  LEU C CG  1 
ATOM   804  C CD1 . LEU C 1 30 ? -5.619  -11.102 18.983  1.00 22.47 ? 30  LEU C CD1 1 
ATOM   805  C CD2 . LEU C 1 30 ? -6.353  -11.507 16.608  1.00 23.80 ? 30  LEU C CD2 1 
ATOM   806  N N   . VAL C 1 31 ? -1.817  -13.440 16.564  1.00 18.65 ? 31  VAL C N   1 
ATOM   807  C CA  . VAL C 1 31 ? -1.631  -14.877 16.356  1.00 20.66 ? 31  VAL C CA  1 
ATOM   808  C C   . VAL C 1 31 ? -0.512  -15.438 17.212  1.00 21.54 ? 31  VAL C C   1 
ATOM   809  O O   . VAL C 1 31 ? -0.521  -16.633 17.535  1.00 22.55 ? 31  VAL C O   1 
ATOM   810  C CB  . VAL C 1 31 ? -1.472  -15.279 14.859  1.00 20.84 ? 31  VAL C CB  1 
ATOM   811  C CG1 . VAL C 1 31 ? -2.725  -14.942 14.096  1.00 22.60 ? 31  VAL C CG1 1 
ATOM   812  C CG2 . VAL C 1 31 ? -0.228  -14.662 14.232  1.00 21.53 ? 31  VAL C CG2 1 
ATOM   813  N N   . GLY C 1 32 ? 0.430   -14.581 17.611  1.00 22.12 ? 32  GLY C N   1 
ATOM   814  C CA  . GLY C 1 32 ? 1.474   -14.982 18.541  1.00 23.68 ? 32  GLY C CA  1 
ATOM   815  C C   . GLY C 1 32 ? 0.945   -15.209 19.950  1.00 24.23 ? 32  GLY C C   1 
ATOM   816  O O   . GLY C 1 32 ? 1.561   -15.948 20.728  1.00 25.42 ? 32  GLY C O   1 
ATOM   817  N N   . GLU C 1 33 ? -0.196  -14.596 20.273  1.00 24.11 ? 33  GLU C N   1 
ATOM   818  C CA  . GLU C 1 33 ? -0.776  -14.644 21.620  1.00 24.86 ? 33  GLU C CA  1 
ATOM   819  C C   . GLU C 1 33 ? -1.888  -15.683 21.774  1.00 24.80 ? 33  GLU C C   1 
ATOM   820  O O   . GLU C 1 33 ? -2.130  -16.178 22.883  1.00 23.88 ? 33  GLU C O   1 
ATOM   821  C CB  . GLU C 1 33 ? -1.343  -13.268 21.996  1.00 25.32 ? 33  GLU C CB  1 
ATOM   822  C CG  . GLU C 1 33 ? -0.312  -12.153 22.060  1.00 27.59 ? 33  GLU C CG  1 
ATOM   823  C CD  . GLU C 1 33 ? -0.933  -10.773 22.145  1.00 31.39 ? 33  GLU C CD  1 
ATOM   824  O OE1 . GLU C 1 33 ? -2.162  -10.639 21.939  1.00 34.39 ? 33  GLU C OE1 1 
ATOM   825  O OE2 . GLU C 1 33 ? -0.185  -9.810  22.414  1.00 33.40 ? 33  GLU C OE2 1 
ATOM   826  N N   . ARG C 1 34 ? -2.522  -16.026 20.656  1.00 25.18 ? 34  ARG C N   1 
ATOM   827  C CA  . ARG C 1 34 ? -3.855  -16.618 20.620  1.00 26.60 ? 34  ARG C CA  1 
ATOM   828  C C   . ARG C 1 34 ? -3.941  -17.672 19.535  1.00 26.51 ? 34  ARG C C   1 
ATOM   829  O O   . ARG C 1 34 ? -4.702  -18.635 19.654  1.00 26.82 ? 34  ARG C O   1 
ATOM   830  C CB  . ARG C 1 34 ? -4.845  -15.512 20.260  1.00 27.23 ? 34  ARG C CB  1 
ATOM   831  C CG  . ARG C 1 34 ? -6.259  -15.702 20.706  1.00 29.33 ? 34  ARG C CG  1 
ATOM   832  C CD  . ARG C 1 34 ? -7.041  -14.413 20.686  1.00 29.13 ? 34  ARG C CD  1 
ATOM   833  N NE  . ARG C 1 34 ? -6.701  -13.550 21.816  1.00 30.78 ? 34  ARG C NE  1 
ATOM   834  C CZ  . ARG C 1 34 ? -7.056  -13.793 23.074  1.00 29.13 ? 34  ARG C CZ  1 
ATOM   835  N NH1 . ARG C 1 34 ? -7.763  -14.877 23.381  1.00 29.59 ? 34  ARG C NH1 1 
ATOM   836  N NH2 . ARG C 1 34 ? -6.704  -12.951 24.031  1.00 30.68 ? 34  ARG C NH2 1 
ATOM   837  O OXT . ARG C 1 34 ? -3.280  -17.535 18.508  1.00 26.40 ? 34  ARG C OXT 1 
ATOM   838  N N   . MET D 1 1  ? -1.073  5.479   -23.681 1.00 31.87 ? 1   MET D N   1 
ATOM   839  C CA  . MET D 1 1  ? -0.798  6.758   -22.963 1.00 31.45 ? 1   MET D CA  1 
ATOM   840  C C   . MET D 1 1  ? -0.321  6.470   -21.526 1.00 30.35 ? 1   MET D C   1 
ATOM   841  O O   . MET D 1 1  ? -0.898  5.617   -20.833 1.00 30.23 ? 1   MET D O   1 
ATOM   842  C CB  . MET D 1 1  ? -2.050  7.642   -22.990 1.00 32.21 ? 1   MET D CB  1 
ATOM   843  C CG  . MET D 1 1  ? -1.869  9.059   -22.488 1.00 34.55 ? 1   MET D CG  1 
ATOM   844  S SD  . MET D 1 1  ? -2.658  9.273   -20.870 1.00 38.80 ? 1   MET D SD  1 
ATOM   845  C CE  . MET D 1 1  ? -4.396  9.358   -21.333 1.00 39.11 ? 1   MET D CE  1 
ATOM   846  N N   . LYS D 1 2  ? 0.736   7.161   -21.096 1.00 28.86 ? 2   LYS D N   1 
ATOM   847  C CA  . LYS D 1 2  ? 1.368   6.865   -19.805 1.00 27.39 ? 2   LYS D CA  1 
ATOM   848  C C   . LYS D 1 2  ? 0.444   7.101   -18.610 1.00 25.95 ? 2   LYS D C   1 
ATOM   849  O O   . LYS D 1 2  ? 0.289   6.215   -17.776 1.00 24.14 ? 2   LYS D O   1 
ATOM   850  C CB  . LYS D 1 2  ? 2.703   7.603   -19.612 1.00 27.68 ? 2   LYS D CB  1 
ATOM   851  C CG  . LYS D 1 2  ? 3.386   7.277   -18.274 1.00 28.60 ? 2   LYS D CG  1 
ATOM   852  C CD  . LYS D 1 2  ? 4.668   8.048   -18.083 1.00 31.40 ? 2   LYS D CD  1 
ATOM   853  C CE  . LYS D 1 2  ? 5.894   7.199   -18.396 1.00 32.53 ? 2   LYS D CE  1 
ATOM   854  N NZ  . LYS D 1 2  ? 5.622   5.740   -18.570 1.00 33.57 ? 2   LYS D NZ  1 
ATOM   855  N N   . VAL D 1 3  ? -0.160  8.278   -18.520 1.00 24.31 ? 3   VAL D N   1 
ATOM   856  C CA  . VAL D 1 3  ? -1.018  8.592   -17.368 1.00 23.52 ? 3   VAL D CA  1 
ATOM   857  C C   . VAL D 1 3  ? -2.186  7.613   -17.250 1.00 23.05 ? 3   VAL D C   1 
ATOM   858  O O   . VAL D 1 3  ? -2.481  7.144   -16.147 1.00 21.31 ? 3   VAL D O   1 
ATOM   859  C CB  . VAL D 1 3  ? -1.494  10.063  -17.357 1.00 23.85 ? 3   VAL D CB  1 
ATOM   860  C CG1 . VAL D 1 3  ? -2.534  10.286  -16.259 1.00 23.08 ? 3   VAL D CG1 1 
ATOM   861  C CG2 . VAL D 1 3  ? -0.294  11.001  -17.163 1.00 22.41 ? 3   VAL D CG2 1 
ATOM   862  N N   . LYS D 1 4  ? -2.821  7.279   -18.374 1.00 22.28 ? 4   LYS D N   1 
ATOM   863  C CA  . LYS D 1 4  ? -3.895  6.292   -18.385 1.00 22.42 ? 4   LYS D CA  1 
ATOM   864  C C   . LYS D 1 4  ? -3.400  4.914   -17.916 1.00 21.67 ? 4   LYS D C   1 
ATOM   865  O O   . LYS D 1 4  ? -4.080  4.262   -17.127 1.00 21.21 ? 4   LYS D O   1 
ATOM   866  C CB  . LYS D 1 4  ? -4.557  6.196   -19.774 1.00 23.28 ? 4   LYS D CB  1 
ATOM   867  C CG  . LYS D 1 4  ? -5.787  5.289   -19.836 1.00 25.21 ? 4   LYS D CG  1 
ATOM   868  C CD  . LYS D 1 4  ? -5.441  3.878   -20.299 1.00 28.95 ? 4   LYS D CD  1 
ATOM   869  C CE  . LYS D 1 4  ? -6.686  3.034   -20.558 1.00 30.10 ? 4   LYS D CE  1 
ATOM   870  N NZ  . LYS D 1 4  ? -7.814  3.346   -19.632 1.00 31.46 ? 4   LYS D NZ  1 
ATOM   871  N N   . GLN D 1 5  ? -2.240  4.474   -18.399 1.00 21.53 ? 5   GLN D N   1 
ATOM   872  C CA  . GLN D 1 5  ? -1.670  3.189   -17.980 1.00 20.72 ? 5   GLN D CA  1 
ATOM   873  C C   . GLN D 1 5  ? -1.404  3.170   -16.461 1.00 18.63 ? 5   GLN D C   1 
ATOM   874  O O   . GLN D 1 5  ? -1.608  2.152   -15.792 1.00 18.00 ? 5   GLN D O   1 
ATOM   875  C CB  . GLN D 1 5  ? -0.385  2.868   -18.751 1.00 22.23 ? 5   GLN D CB  1 
ATOM   876  C CG  . GLN D 1 5  ? -0.628  2.280   -20.146 1.00 26.08 ? 5   GLN D CG  1 
ATOM   877  C CD  . GLN D 1 5  ? 0.660   2.018   -20.932 1.00 30.72 ? 5   GLN D CD  1 
ATOM   878  O OE1 . GLN D 1 5  ? 1.748   2.448   -20.536 1.00 32.26 ? 5   GLN D OE1 1 
ATOM   879  N NE2 . GLN D 1 5  ? 0.529   1.323   -22.060 1.00 33.32 ? 5   GLN D NE2 1 
ATOM   880  N N   . LEU D 1 6  ? -0.961  4.299   -15.926 1.00 16.33 ? 6   LEU D N   1 
ATOM   881  C CA  . LEU D 1 6  ? -0.718  4.426   -14.485 1.00 15.31 ? 6   LEU D CA  1 
ATOM   882  C C   . LEU D 1 6  ? -2.028  4.420   -13.701 1.00 14.84 ? 6   LEU D C   1 
ATOM   883  O O   . LEU D 1 6  ? -2.081  3.857   -12.602 1.00 13.63 ? 6   LEU D O   1 
ATOM   884  C CB  . LEU D 1 6  ? 0.054   5.695   -14.179 1.00 15.05 ? 6   LEU D CB  1 
ATOM   885  C CG  . LEU D 1 6  ? 1.500   5.727   -14.693 1.00 15.64 ? 6   LEU D CG  1 
ATOM   886  C CD1 . LEU D 1 6  ? 2.147   7.077   -14.464 1.00 17.44 ? 6   LEU D CD1 1 
ATOM   887  C CD2 . LEU D 1 6  ? 2.315   4.638   -14.016 1.00 18.23 ? 6   LEU D CD2 1 
ATOM   888  N N   . VAL D 1 7  ? -3.089  5.014   -14.247 1.00 15.26 ? 7   VAL D N   1 
ATOM   889  C CA  . VAL D 1 7  ? -4.395  4.939   -13.612 1.00 16.05 ? 7   VAL D CA  1 
ATOM   890  C C   . VAL D 1 7  ? -4.890  3.493   -13.584 1.00 15.42 ? 7   VAL D C   1 
ATOM   891  O O   . VAL D 1 7  ? -5.417  3.047   -12.560 1.00 15.33 ? 7   VAL D O   1 
ATOM   892  C CB  . VAL D 1 7  ? -5.428  5.892   -14.289 1.00 16.70 ? 7   VAL D CB  1 
ATOM   893  C CG1 . VAL D 1 7  ? -6.844  5.639   -13.746 1.00 18.53 ? 7   VAL D CG1 1 
ATOM   894  C CG2 . VAL D 1 7  ? -5.048  7.333   -14.054 1.00 19.26 ? 7   VAL D CG2 1 
ATOM   895  N N   . ASP D 1 8  ? -4.701  2.748   -14.664 1.00 15.35 ? 8   ASP D N   1 
ATOM   896  C CA  . ASP D 1 8  ? -5.087  1.348   -14.686 1.00 16.55 ? 8   ASP D CA  1 
ATOM   897  C C   . ASP D 1 8  ? -4.340  0.604   -13.589 1.00 14.97 ? 8   ASP D C   1 
ATOM   898  O O   . ASP D 1 8  ? -4.908  -0.269  -12.917 1.00 14.80 ? 8   ASP D O   1 
ATOM   899  C CB  . ASP D 1 8  ? -4.828  0.687   -16.055 1.00 17.59 ? 8   ASP D CB  1 
ATOM   900  C CG  . ASP D 1 8  ? -5.746  1.205   -17.154 1.00 21.09 ? 8   ASP D CG  1 
ATOM   901  O OD1 . ASP D 1 8  ? -6.814  1.776   -16.849 1.00 25.23 ? 8   ASP D OD1 1 
ATOM   902  O OD2 . ASP D 1 8  ? -5.451  1.099   -18.363 1.00 28.57 ? 8   ASP D OD2 1 
ATOM   903  N N   . LYS D 1 9  ? -3.079  0.958   -13.391 1.00 14.39 ? 9   LYS D N   1 
ATOM   904  C CA  . LYS D 1 9  ? -2.256  0.285   -12.404 1.00 13.71 ? 9   LYS D CA  1 
ATOM   905  C C   . LYS D 1 9  ? -2.722  0.596   -10.985 1.00 11.52 ? 9   LYS D C   1 
ATOM   906  O O   . LYS D 1 9  ? -2.835  -0.301  -10.166 1.00 11.19 ? 9   LYS D O   1 
ATOM   907  C CB  . LYS D 1 9  ? -0.802  0.684   -12.561 1.00 14.09 ? 9   LYS D CB  1 
ATOM   908  C CG  . LYS D 1 9  ? 0.144   -0.094  -11.650 1.00 17.54 ? 9   LYS D CG  1 
ATOM   909  C CD  . LYS D 1 9  ? 1.596   0.027   -12.108 1.00 18.65 ? 9   LYS D CD  1 
ATOM   910  C CE  . LYS D 1 9  ? 2.529   -0.806  -11.247 1.00 20.38 ? 9   LYS D CE  1 
ATOM   911  N NZ  . LYS D 1 9  ? 3.934   -0.685  -11.734 1.00 22.13 ? 9   LYS D NZ  1 
ATOM   912  N N   . VAL D 1 10 ? -2.989  1.856   -10.687 1.00 10.95 ? 10  VAL D N   1 
ATOM   913  C CA  . VAL D 1 10 ? -3.475  2.197   -9.368  1.00 12.08 ? 10  VAL D CA  1 
ATOM   914  C C   . VAL D 1 10 ? -4.816  1.499   -9.097  1.00 11.96 ? 10  VAL D C   1 
ATOM   915  O O   . VAL D 1 10 ? -5.043  1.024   -7.974  1.00 11.00 ? 10  VAL D O   1 
ATOM   916  C CB  . VAL D 1 10 ? -3.510  3.715   -9.150  1.00 12.36 ? 10  VAL D CB  1 
ATOM   917  C CG1 . VAL D 1 10 ? -4.634  4.355   -9.901  1.00 15.34 ? 10  VAL D CG1 1 
ATOM   918  C CG2 . VAL D 1 10 ? -3.568  4.050   -7.650  1.00 14.29 ? 10  VAL D CG2 1 
ATOM   919  N N   . GLU D 1 11 ? -5.685  1.395   -10.103 1.00 11.79 ? 11  GLU D N   1 
ATOM   920  C CA  . GLU D 1 11 ? -6.969  0.722   -9.886  1.00 13.04 ? 11  GLU D CA  1 
ATOM   921  C C   . GLU D 1 11 ? -6.786  -0.753  -9.562  1.00 11.99 ? 11  GLU D C   1 
ATOM   922  O O   . GLU D 1 11 ? -7.503  -1.321  -8.714  1.00 12.58 ? 11  GLU D O   1 
ATOM   923  C CB  . GLU D 1 11 ? -7.897  0.886   -11.100 1.00 13.08 ? 11  GLU D CB  1 
ATOM   924  C CG  . GLU D 1 11 ? -8.421  2.294   -11.301 1.00 18.50 ? 11  GLU D CG  1 
ATOM   925  C CD  . GLU D 1 11 ? -9.414  2.735   -10.246 1.00 21.73 ? 11  GLU D CD  1 
ATOM   926  O OE1 . GLU D 1 11 ? -9.706  1.963   -9.308  1.00 25.11 ? 11  GLU D OE1 1 
ATOM   927  O OE2 . GLU D 1 11 ? -9.915  3.873   -10.371 1.00 27.05 ? 11  GLU D OE2 1 
ATOM   928  N N   . GLU D 1 12 ? -5.844  -1.402  -10.226 1.00 12.41 ? 12  GLU D N   1 
ATOM   929  C CA  . GLU D 1 12 ? -5.541  -2.804  -9.918  1.00 13.02 ? 12  GLU D CA  1 
ATOM   930  C C   . GLU D 1 12 ? -5.041  -2.947  -8.485  1.00 11.80 ? 12  GLU D C   1 
ATOM   931  O O   . GLU D 1 12 ? -5.432  -3.890  -7.769  1.00 12.42 ? 12  GLU D O   1 
ATOM   932  C CB  . GLU D 1 12 ? -4.507  -3.366  -10.885 1.00 14.27 ? 12  GLU D CB  1 
ATOM   933  C CG  . GLU D 1 12 ? -5.026  -3.508  -12.310 1.00 20.51 ? 12  GLU D CG  1 
ATOM   934  C CD  . GLU D 1 12 ? -3.955  -3.912  -13.310 1.00 26.96 ? 12  GLU D CD  1 
ATOM   935  O OE1 . GLU D 1 12 ? -2.752  -3.628  -13.091 1.00 30.56 ? 12  GLU D OE1 1 
ATOM   936  O OE2 . GLU D 1 12 ? -4.328  -4.506  -14.346 1.00 31.20 ? 12  GLU D OE2 1 
ATOM   937  N N   . LEU D 1 13 ? -4.181  -2.034  -8.045  1.00 10.77 ? 13  LEU D N   1 
ATOM   938  C CA  . LEU D 1 13 ? -3.646  -2.121  -6.694  1.00 10.44 ? 13  LEU D CA  1 
ATOM   939  C C   . LEU D 1 13 ? -4.730  -1.800  -5.658  1.00 9.61  ? 13  LEU D C   1 
ATOM   940  O O   . LEU D 1 13 ? -4.740  -2.410  -4.595  1.00 8.62  ? 13  LEU D O   1 
ATOM   941  C CB  . LEU D 1 13 ? -2.431  -1.191  -6.541  1.00 11.05 ? 13  LEU D CB  1 
ATOM   942  C CG  . LEU D 1 13 ? -1.214  -1.565  -7.408  1.00 11.86 ? 13  LEU D CG  1 
ATOM   943  C CD1 . LEU D 1 13 ? -0.165  -0.484  -7.327  1.00 14.41 ? 13  LEU D CD1 1 
ATOM   944  C CD2 . LEU D 1 13 ? -0.646  -2.945  -7.016  1.00 16.82 ? 13  LEU D CD2 1 
ATOM   945  N N   . LEU D 1 14 ? -5.634  -0.873  -5.969  1.00 9.11  ? 14  LEU D N   1 
ATOM   946  C CA  . LEU D 1 14 ? -6.754  -0.594  -5.079  1.00 9.59  ? 14  LEU D CA  1 
ATOM   947  C C   . LEU D 1 14 ? -7.620  -1.830  -4.895  1.00 10.11 ? 14  LEU D C   1 
ATOM   948  O O   . LEU D 1 14 ? -8.079  -2.100  -3.780  1.00 10.11 ? 14  LEU D O   1 
ATOM   949  C CB  . LEU D 1 14 ? -7.564  0.603   -5.591  1.00 11.09 ? 14  LEU D CB  1 
ATOM   950  C CG  . LEU D 1 14 ? -6.930  1.962   -5.317  1.00 11.36 ? 14  LEU D CG  1 
ATOM   951  C CD1 . LEU D 1 14 ? -7.576  3.045   -6.173  1.00 13.90 ? 14  LEU D CD1 1 
ATOM   952  C CD2 . LEU D 1 14 ? -7.037  2.280   -3.842  1.00 12.39 ? 14  LEU D CD2 1 
ATOM   953  N N   . SER D 1 15 ? -7.854  -2.583  -5.952  1.00 9.92  ? 15  SER D N   1 
ATOM   954  C CA  . SER D 1 15 ? -8.666  -3.804  -5.822  1.00 11.03 ? 15  SER D CA  1 
ATOM   955  C C   . SER D 1 15 ? -7.946  -4.870  -5.000  1.00 10.91 ? 15  SER D C   1 
ATOM   956  O O   . SER D 1 15 ? -8.576  -5.560  -4.182  1.00 11.48 ? 15  SER D O   1 
ATOM   957  C CB  . SER D 1 15 ? -9.044  -4.336  -7.193  1.00 12.73 ? 15  SER D CB  1 
ATOM   958  O OG  . SER D 1 15 ? -9.933  -3.431  -7.805  1.00 18.53 ? 15  SER D OG  1 
ATOM   959  N N   . LYS D 1 16 ? -6.637  -5.015  -5.195  1.00 10.19 ? 16  LYS D N   1 
ATOM   960  C CA  . LYS D 1 16 ? -5.839  -5.971  -4.438  1.00 11.11 ? 16  LYS D CA  1 
ATOM   961  C C   . LYS D 1 16 ? -5.841  -5.595  -2.961  1.00 10.09 ? 16  LYS D C   1 
ATOM   962  O O   . LYS D 1 16 ? -5.971  -6.464  -2.096  1.00 10.53 ? 16  LYS D O   1 
ATOM   963  C CB  . LYS D 1 16 ? -4.397  -6.007  -4.931  1.00 12.06 ? 16  LYS D CB  1 
ATOM   964  C CG  . LYS D 1 16 ? -4.186  -6.586  -6.340  1.00 15.88 ? 16  LYS D CG  1 
ATOM   965  C CD  . LYS D 1 16 ? -2.657  -6.676  -6.613  1.00 19.81 ? 16  LYS D CD  1 
ATOM   966  C CE  . LYS D 1 16 ? -2.301  -6.800  -8.077  1.00 23.37 ? 16  LYS D CE  1 
ATOM   967  N NZ  . LYS D 1 16 ? -0.820  -6.971  -8.308  1.00 21.85 ? 16  LYS D NZ  1 
ATOM   968  N N   . ASN D 1 17 ? -5.716  -4.305  -2.660  1.00 9.32  ? 17  ASN D N   1 
ATOM   969  C CA  . ASN D 1 17 ? -5.761  -3.821  -1.299  1.00 9.04  ? 17  ASN D CA  1 
ATOM   970  C C   . ASN D 1 17 ? -7.101  -4.172  -0.663  1.00 9.00  ? 17  ASN D C   1 
ATOM   971  O O   . ASN D 1 17 ? -7.139  -4.628  0.470   1.00 9.20  ? 17  ASN D O   1 
ATOM   972  C CB  . ASN D 1 17 ? -5.498  -2.311  -1.242  1.00 9.09  ? 17  ASN D CB  1 
ATOM   973  C CG  . ASN D 1 17 ? -5.879  -1.728  0.074   1.00 9.39  ? 17  ASN D CG  1 
ATOM   974  O OD1 . ASN D 1 17 ? -7.051  -1.470  0.333   1.00 10.02 ? 17  ASN D OD1 1 
ATOM   975  N ND2 . ASN D 1 17 ? -4.899  -1.528  0.931   1.00 9.25  ? 17  ASN D ND2 1 
ATOM   976  N N   . TYR D 1 18 ? -8.178  -3.973  -1.424  1.00 9.09  ? 18  TYR D N   1 
ATOM   977  C CA  . TYR D 1 18 ? -9.529  -4.238  -0.913  1.00 9.87  ? 18  TYR D CA  1 
ATOM   978  C C   . TYR D 1 18 ? -9.638  -5.662  -0.410  1.00 9.85  ? 18  TYR D C   1 
ATOM   979  O O   . TYR D 1 18 ? -10.077 -5.915  0.723   1.00 10.23 ? 18  TYR D O   1 
ATOM   980  C CB  . TYR D 1 18 ? -10.524 -3.954  -2.019  1.00 10.04 ? 18  TYR D CB  1 
ATOM   981  C CG  . TYR D 1 18 ? -11.972 -4.358  -1.785  1.00 11.22 ? 18  TYR D CG  1 
ATOM   982  C CD1 . TYR D 1 18 ? -12.794 -3.616  -0.946  1.00 12.72 ? 18  TYR D CD1 1 
ATOM   983  C CD2 . TYR D 1 18 ? -12.507 -5.471  -2.433  1.00 11.42 ? 18  TYR D CD2 1 
ATOM   984  C CE1 . TYR D 1 18 ? -14.131 -3.944  -0.786  1.00 12.94 ? 18  TYR D CE1 1 
ATOM   985  C CE2 . TYR D 1 18 ? -13.860 -5.806  -2.296  1.00 10.75 ? 18  TYR D CE2 1 
ATOM   986  C CZ  . TYR D 1 18 ? -14.654 -5.022  -1.466  1.00 10.70 ? 18  TYR D CZ  1 
ATOM   987  O OH  . TYR D 1 18 ? -16.002 -5.328  -1.312  1.00 12.13 ? 18  TYR D OH  1 
ATOM   988  N N   . HIS D 1 19 ? -9.236  -6.617  -1.233  1.00 9.24  ? 19  HIS D N   1 
ATOM   989  C CA  . HIS D 1 19 ? -9.351  -8.017  -0.864  1.00 9.75  ? 19  HIS D CA  1 
ATOM   990  C C   . HIS D 1 19 ? -8.393  -8.407  0.273   1.00 9.86  ? 19  HIS D C   1 
ATOM   991  O O   . HIS D 1 19 ? -8.779  -9.186  1.139   1.00 10.05 ? 19  HIS D O   1 
ATOM   992  C CB  . HIS D 1 19 ? -9.176  -8.874  -2.117  1.00 11.15 ? 19  HIS D CB  1 
ATOM   993  C CG  . HIS D 1 19 ? -10.328 -8.748  -3.060  1.00 11.87 ? 19  HIS D CG  1 
ATOM   994  N ND1 . HIS D 1 19 ? -11.609 -9.097  -2.697  1.00 13.67 ? 19  HIS D ND1 1 
ATOM   995  C CD2 . HIS D 1 19 ? -10.406 -8.255  -4.319  1.00 13.80 ? 19  HIS D CD2 1 
ATOM   996  C CE1 . HIS D 1 19 ? -12.426 -8.851  -3.706  1.00 16.08 ? 19  HIS D CE1 1 
ATOM   997  N NE2 . HIS D 1 19 ? -11.724 -8.340  -4.698  1.00 14.61 ? 19  HIS D NE2 1 
ATOM   998  N N   . LEU D 1 20 ? -7.182  -7.847  0.313   1.00 9.07  ? 20  LEU D N   1 
ATOM   999  C CA  . LEU D 1 20 ? -6.280  -8.123  1.439   1.00 9.79  ? 20  LEU D CA  1 
ATOM   1000 C C   . LEU D 1 20 ? -6.804  -7.572  2.762   1.00 9.58  ? 20  LEU D C   1 
ATOM   1001 O O   . LEU D 1 20 ? -6.729  -8.246  3.792   1.00 10.22 ? 20  LEU D O   1 
ATOM   1002 C CB  . LEU D 1 20 ? -4.898  -7.550  1.158   1.00 10.41 ? 20  LEU D CB  1 
ATOM   1003 C CG  . LEU D 1 20 ? -4.141  -8.392  0.158   1.00 11.42 ? 20  LEU D CG  1 
ATOM   1004 C CD1 . LEU D 1 20 ? -3.012  -7.587  -0.401  1.00 14.38 ? 20  LEU D CD1 1 
ATOM   1005 C CD2 . LEU D 1 20 ? -3.625  -9.656  0.779   1.00 14.78 ? 20  LEU D CD2 1 
ATOM   1006 N N   . VAL D 1 21 ? -7.346  -6.354  2.753   1.00 9.23  ? 21  VAL D N   1 
ATOM   1007 C CA  . VAL D 1 21 ? -7.914  -5.779  3.964   1.00 11.07 ? 21  VAL D CA  1 
ATOM   1008 C C   . VAL D 1 21 ? -9.049  -6.697  4.423   1.00 10.10 ? 21  VAL D C   1 
ATOM   1009 O O   . VAL D 1 21 ? -9.201  -6.989  5.607   1.00 11.25 ? 21  VAL D O   1 
ATOM   1010 C CB  . VAL D 1 21 ? -8.414  -4.334  3.707   1.00 10.30 ? 21  VAL D CB  1 
ATOM   1011 C CG1 . VAL D 1 21 ? -9.301  -3.847  4.841   1.00 12.43 ? 21  VAL D CG1 1 
ATOM   1012 C CG2 . VAL D 1 21 ? -7.229  -3.387  3.546   1.00 11.81 ? 21  VAL D CG2 1 
ATOM   1013 N N   . ASN D 1 22 ? -9.875  -7.153  3.480   1.00 10.00 ? 22  ASN D N   1 
ATOM   1014 C CA  . ASN D 1 22 ? -10.971 -8.043  3.837   1.00 9.93  ? 22  ASN D CA  1 
ATOM   1015 C C   . ASN D 1 22 ? -10.470 -9.378  4.402   1.00 10.29 ? 22  ASN D C   1 
ATOM   1016 O O   . ASN D 1 22 ? -11.079 -9.941  5.349   1.00 10.92 ? 22  ASN D O   1 
ATOM   1017 C CB  . ASN D 1 22 ? -11.899 -8.288  2.639   1.00 10.91 ? 22  ASN D CB  1 
ATOM   1018 C CG  . ASN D 1 22 ? -12.588 -7.031  2.175   1.00 10.94 ? 22  ASN D CG  1 
ATOM   1019 O OD1 . ASN D 1 22 ? -12.676 -6.043  2.917   1.00 14.84 ? 22  ASN D OD1 1 
ATOM   1020 N ND2 . ASN D 1 22 ? -13.048 -7.031  0.933   1.00 11.08 ? 22  ASN D ND2 1 
ATOM   1021 N N   . GLU D 1 23 ? -9.399  -9.921  3.837   1.00 9.78  ? 23  GLU D N   1 
ATOM   1022 C CA  . GLU D 1 23 ? -8.849  -11.174 4.339   1.00 10.79 ? 23  GLU D CA  1 
ATOM   1023 C C   . GLU D 1 23 ? -8.293  -11.000 5.744   1.00 10.69 ? 23  GLU D C   1 
ATOM   1024 O O   . GLU D 1 23 ? -8.475  -11.887 6.616   1.00 10.77 ? 23  GLU D O   1 
ATOM   1025 C CB  . GLU D 1 23 ? -7.792  -11.733 3.383   1.00 10.57 ? 23  GLU D CB  1 
ATOM   1026 C CG  . GLU D 1 23 ? -7.042  -12.988 3.867   1.00 11.78 ? 23  GLU D CG  1 
ATOM   1027 C CD  . GLU D 1 23 ? -7.913  -14.235 4.046   1.00 13.85 ? 23  GLU D CD  1 
ATOM   1028 O OE1 . GLU D 1 23 ? -9.135  -14.200 3.796   1.00 13.18 ? 23  GLU D OE1 1 
ATOM   1029 O OE2 . GLU D 1 23 ? -7.329  -15.237 4.506   1.00 14.64 ? 23  GLU D OE2 1 
ATOM   1030 N N   . VAL D 1 24 ? -7.627  -9.882  6.004   1.00 11.16 ? 24  VAL D N   1 
ATOM   1031 C CA  . VAL D 1 24 ? -7.089  -9.644  7.327   1.00 11.86 ? 24  VAL D CA  1 
ATOM   1032 C C   . VAL D 1 24 ? -8.220  -9.534  8.341   1.00 12.54 ? 24  VAL D C   1 
ATOM   1033 O O   . VAL D 1 24 ? -8.111  -10.122 9.434   1.00 13.75 ? 24  VAL D O   1 
ATOM   1034 C CB  . VAL D 1 24 ? -6.192  -8.402  7.329   1.00 11.38 ? 24  VAL D CB  1 
ATOM   1035 C CG1 . VAL D 1 24 ? -5.744  -8.019  8.740   1.00 13.66 ? 24  VAL D CG1 1 
ATOM   1036 C CG2 . VAL D 1 24 ? -4.969  -8.674  6.493   1.00 13.58 ? 24  VAL D CG2 1 
ATOM   1037 N N   . ALA D 1 25 ? -9.298  -8.837  7.987   1.00 12.51 ? 25  ALA D N   1 
ATOM   1038 C CA  . ALA D 1 25 ? -10.452 -8.722  8.875   1.00 13.46 ? 25  ALA D CA  1 
ATOM   1039 C C   . ALA D 1 25 ? -11.014 -10.106 9.172   1.00 14.35 ? 25  ALA D C   1 
ATOM   1040 O O   . ALA D 1 25 ? -11.378 -10.399 10.323  1.00 15.32 ? 25  ALA D O   1 
ATOM   1041 C CB  . ALA D 1 25 ? -11.511 -7.830  8.272   1.00 14.64 ? 25  ALA D CB  1 
ATOM   1042 N N   . ARG D 1 26 ? -11.090 -10.976 8.164   1.00 13.28 ? 26  ARG D N   1 
ATOM   1043 C CA  . ARG D 1 26 ? -11.612 -12.335 8.360   1.00 13.71 ? 26  ARG D CA  1 
ATOM   1044 C C   . ARG D 1 26 ? -10.714 -13.087 9.342   1.00 12.99 ? 26  ARG D C   1 
ATOM   1045 O O   . ARG D 1 26 ? -11.204 -13.771 10.254  1.00 13.88 ? 26  ARG D O   1 
ATOM   1046 C CB  . ARG D 1 26 ? -11.676 -13.077 7.021   1.00 13.29 ? 26  ARG D CB  1 
ATOM   1047 C CG  . ARG D 1 26 ? -12.310 -14.473 7.101   1.00 14.27 ? 26  ARG D CG  1 
ATOM   1048 C CD  . ARG D 1 26 ? -12.162 -15.274 5.805   1.00 13.29 ? 26  ARG D CD  1 
ATOM   1049 N NE  . ARG D 1 26 ? -10.800 -15.725 5.591   1.00 13.67 ? 26  ARG D NE  1 
ATOM   1050 C CZ  . ARG D 1 26 ? -10.259 -16.832 6.083   1.00 15.34 ? 26  ARG D CZ  1 
ATOM   1051 N NH1 . ARG D 1 26 ? -10.981 -17.639 6.859   1.00 19.08 ? 26  ARG D NH1 1 
ATOM   1052 N NH2 . ARG D 1 26 ? -8.998  -17.144 5.815   1.00 17.48 ? 26  ARG D NH2 1 
ATOM   1053 N N   . LEU D 1 27 ? -9.410  -12.968 9.192   1.00 13.44 ? 27  LEU D N   1 
ATOM   1054 C CA  . LEU D 1 27 ? -8.471  -13.697 10.028  1.00 13.56 ? 27  LEU D CA  1 
ATOM   1055 C C   . LEU D 1 27 ? -8.461  -13.166 11.453  1.00 14.75 ? 27  LEU D C   1 
ATOM   1056 O O   . LEU D 1 27 ? -8.316  -13.933 12.401  1.00 14.70 ? 27  LEU D O   1 
ATOM   1057 C CB  . LEU D 1 27 ? -7.052  -13.641 9.445   1.00 12.74 ? 27  LEU D CB  1 
ATOM   1058 C CG  . LEU D 1 27 ? -6.826  -14.461 8.166   1.00 12.84 ? 27  LEU D CG  1 
ATOM   1059 C CD1 . LEU D 1 27 ? -5.504  -14.090 7.498   1.00 14.91 ? 27  LEU D CD1 1 
ATOM   1060 C CD2 . LEU D 1 27 ? -6.930  -15.955 8.446   1.00 15.94 ? 27  LEU D CD2 1 
ATOM   1061 N N   . VAL D 1 28 ? -8.620  -11.861 11.617  1.00 15.38 ? 28  VAL D N   1 
ATOM   1062 C CA  . VAL D 1 28 ? -8.630  -11.276 12.959  1.00 17.16 ? 28  VAL D CA  1 
ATOM   1063 C C   . VAL D 1 28 ? -9.857  -11.781 13.708  1.00 17.78 ? 28  VAL D C   1 
ATOM   1064 O O   . VAL D 1 28 ? -9.761  -12.101 14.893  1.00 18.44 ? 28  VAL D O   1 
ATOM   1065 C CB  . VAL D 1 28 ? -8.619  -9.740  12.879  1.00 17.61 ? 28  VAL D CB  1 
ATOM   1066 C CG1 . VAL D 1 28 ? -9.021  -9.084  14.237  1.00 19.10 ? 28  VAL D CG1 1 
ATOM   1067 C CG2 . VAL D 1 28 ? -7.263  -9.259  12.459  1.00 18.50 ? 28  VAL D CG2 1 
ATOM   1068 N N   . LYS D 1 29 ? -10.993 -11.881 13.022  1.00 18.39 ? 29  LYS D N   1 
ATOM   1069 C CA  . LYS D 1 29 ? -12.230 -12.342 13.640  1.00 19.81 ? 29  LYS D CA  1 
ATOM   1070 C C   . LYS D 1 29 ? -12.069 -13.788 14.074  1.00 20.21 ? 29  LYS D C   1 
ATOM   1071 O O   . LYS D 1 29 ? -12.448 -14.156 15.187  1.00 20.47 ? 29  LYS D O   1 
ATOM   1072 C CB  . LYS D 1 29 ? -13.422 -12.163 12.688  1.00 20.52 ? 29  LYS D CB  1 
ATOM   1073 C CG  . LYS D 1 29 ? -14.791 -12.378 13.354  1.00 24.03 ? 29  LYS D CG  1 
ATOM   1074 C CD  . LYS D 1 29 ? -15.939 -11.917 12.459  1.00 27.29 ? 29  LYS D CD  1 
ATOM   1075 C CE  . LYS D 1 29 ? -17.270 -11.953 13.208  1.00 30.52 ? 29  LYS D CE  1 
ATOM   1076 N NZ  . LYS D 1 29 ? -18.111 -13.126 12.829  1.00 32.26 ? 29  LYS D NZ  1 
ATOM   1077 N N   . LEU D 1 30 ? -11.474 -14.607 13.218  1.00 20.05 ? 30  LEU D N   1 
ATOM   1078 C CA  . LEU D 1 30 ? -11.276 -16.021 13.511  1.00 22.01 ? 30  LEU D CA  1 
ATOM   1079 C C   . LEU D 1 30 ? -10.313 -16.263 14.663  1.00 22.35 ? 30  LEU D C   1 
ATOM   1080 O O   . LEU D 1 30 ? -10.562 -17.110 15.538  1.00 22.46 ? 30  LEU D O   1 
ATOM   1081 C CB  . LEU D 1 30 ? -10.750 -16.747 12.281  1.00 22.65 ? 30  LEU D CB  1 
ATOM   1082 C CG  . LEU D 1 30 ? -11.802 -17.159 11.272  1.00 25.88 ? 30  LEU D CG  1 
ATOM   1083 C CD1 . LEU D 1 30 ? -11.092 -17.570 10.010  1.00 26.65 ? 30  LEU D CD1 1 
ATOM   1084 C CD2 . LEU D 1 30 ? -12.646 -18.309 11.803  1.00 26.33 ? 30  LEU D CD2 1 
ATOM   1085 N N   . VAL D 1 31 ? -9.207  -15.534 14.651  1.00 23.31 ? 31  VAL D N   1 
ATOM   1086 C CA  . VAL D 1 31 ? -8.174  -15.709 15.662  1.00 24.21 ? 31  VAL D CA  1 
ATOM   1087 C C   . VAL D 1 31 ? -8.711  -15.248 17.014  1.00 25.23 ? 31  VAL D C   1 
ATOM   1088 O O   . VAL D 1 31 ? -8.396  -15.843 18.044  1.00 25.23 ? 31  VAL D O   1 
ATOM   1089 C CB  . VAL D 1 31 ? -6.852  -15.010 15.275  1.00 24.34 ? 31  VAL D CB  1 
ATOM   1090 C CG1 . VAL D 1 31 ? -5.856  -15.091 16.421  1.00 23.62 ? 31  VAL D CG1 1 
ATOM   1091 C CG2 . VAL D 1 31 ? -6.255  -15.677 14.049  1.00 24.67 ? 31  VAL D CG2 1 
ATOM   1092 N N   . GLY D 1 32 ? -9.559  -14.224 16.995  1.00 26.44 ? 32  GLY D N   1 
ATOM   1093 C CA  . GLY D 1 32 ? -10.202 -13.721 18.199  1.00 28.41 ? 32  GLY D CA  1 
ATOM   1094 C C   . GLY D 1 32 ? -11.216 -14.667 18.821  1.00 30.07 ? 32  GLY D C   1 
ATOM   1095 O O   . GLY D 1 32 ? -11.589 -14.499 19.988  1.00 30.25 ? 32  GLY D O   1 
ATOM   1096 N N   . GLU D 1 33 ? -11.653 -15.666 18.056  1.00 31.55 ? 33  GLU D N   1 
ATOM   1097 C CA  . GLU D 1 33 ? -12.574 -16.688 18.549  1.00 33.15 ? 33  GLU D CA  1 
ATOM   1098 C C   . GLU D 1 33 ? -11.832 -17.886 19.160  1.00 34.06 ? 33  GLU D C   1 
ATOM   1099 O O   . GLU D 1 33 ? -12.458 -18.835 19.645  1.00 34.59 ? 33  GLU D O   1 
ATOM   1100 C CB  . GLU D 1 33 ? -13.529 -17.143 17.433  1.00 33.51 ? 33  GLU D CB  1 
ATOM   1101 C CG  . GLU D 1 33 ? -14.551 -16.102 16.983  1.00 33.92 ? 33  GLU D CG  1 
ATOM   1102 C CD  . GLU D 1 33 ? -15.423 -15.574 18.112  1.00 35.45 ? 33  GLU D CD  1 
ATOM   1103 O OE1 . GLU D 1 33 ? -15.208 -14.422 18.550  1.00 35.52 ? 33  GLU D OE1 1 
ATOM   1104 O OE2 . GLU D 1 33 ? -16.330 -16.306 18.556  1.00 36.88 ? 33  GLU D OE2 1 
ATOM   1105 N N   . ARG D 1 34 ? -10.500 -17.836 19.135  1.00 34.89 ? 34  ARG D N   1 
ATOM   1106 C CA  . ARG D 1 34 ? -9.663  -18.807 19.844  1.00 35.49 ? 34  ARG D CA  1 
ATOM   1107 C C   . ARG D 1 34 ? -9.581  -18.469 21.335  1.00 35.61 ? 34  ARG D C   1 
ATOM   1108 O O   . ARG D 1 34 ? -9.432  -19.341 22.187  1.00 36.01 ? 34  ARG D O   1 
ATOM   1109 C CB  . ARG D 1 34 ? -8.243  -18.848 19.267  1.00 35.69 ? 34  ARG D CB  1 
ATOM   1110 C CG  . ARG D 1 34 ? -8.118  -19.208 17.789  1.00 36.41 ? 34  ARG D CG  1 
ATOM   1111 C CD  . ARG D 1 34 ? -6.811  -18.700 17.174  1.00 38.93 ? 34  ARG D CD  1 
ATOM   1112 N NE  . ARG D 1 34 ? -6.229  -19.612 16.195  1.00 40.77 ? 34  ARG D NE  1 
ATOM   1113 C CZ  . ARG D 1 34 ? -5.006  -19.493 15.684  1.00 41.18 ? 34  ARG D CZ  1 
ATOM   1114 N NH1 . ARG D 1 34 ? -4.207  -18.498 16.054  1.00 40.53 ? 34  ARG D NH1 1 
ATOM   1115 N NH2 . ARG D 1 34 ? -4.575  -20.379 14.796  1.00 42.14 ? 34  ARG D NH2 1 
ATOM   1116 O OXT . ARG D 1 34 ? -9.645  -17.312 21.767  1.00 35.75 ? 34  ARG D OXT 1 
HETATM 1117 C C1  . GOL E 2 .  ? 15.068  1.308   6.685   1.00 34.58 ? 201 GOL B C1  1 
HETATM 1118 O O1  . GOL E 2 .  ? 15.460  -0.017  6.977   1.00 35.52 ? 201 GOL B O1  1 
HETATM 1119 C C2  . GOL E 2 .  ? 15.947  1.870   5.571   1.00 34.73 ? 201 GOL B C2  1 
HETATM 1120 O O2  . GOL E 2 .  ? 15.716  1.169   4.367   1.00 36.30 ? 201 GOL B O2  1 
HETATM 1121 C C3  . GOL E 2 .  ? 15.659  3.350   5.358   1.00 34.67 ? 201 GOL B C3  1 
HETATM 1122 O O3  . GOL E 2 .  ? 16.870  4.024   5.102   1.00 35.76 ? 201 GOL B O3  1 
HETATM 1123 C C1  . IPA F 3 .  ? -7.071  -12.366 -0.650  1.00 37.19 ? 301 IPA D C1  1 
HETATM 1124 C C2  . IPA F 3 .  ? -7.107  -13.891 -0.672  1.00 37.39 ? 301 IPA D C2  1 
HETATM 1125 C C3  . IPA F 3 .  ? -6.130  -14.413 -1.715  1.00 37.27 ? 301 IPA D C3  1 
HETATM 1126 O O2  . IPA F 3 .  ? -6.751  -14.398 0.594   1.00 37.61 ? 301 IPA D O2  1 
HETATM 1127 O O   . HOH G 4 .  ? 7.069   -8.351  -5.772  1.00 21.54 ? 35  HOH A O   1 
HETATM 1128 O O   . HOH G 4 .  ? 8.357   -1.711  -2.114  1.00 18.00 ? 36  HOH A O   1 
HETATM 1129 O O   . HOH G 4 .  ? 10.121  -0.758  -7.069  1.00 21.27 ? 37  HOH A O   1 
HETATM 1130 O O   . HOH G 4 .  ? -2.731  -13.324 0.657   1.00 22.11 ? 38  HOH A O   1 
HETATM 1131 O O   . HOH G 4 .  ? 6.396   -11.041 2.745   1.00 21.24 ? 39  HOH A O   1 
HETATM 1132 O O   . HOH G 4 .  ? 2.928   -12.510 -2.595  1.00 19.80 ? 40  HOH A O   1 
HETATM 1133 O O   . HOH G 4 .  ? 1.803   -14.699 -1.308  1.00 22.27 ? 41  HOH A O   1 
HETATM 1134 O O   . HOH G 4 .  ? 9.627   -5.902  -1.696  1.00 31.28 ? 42  HOH A O   1 
HETATM 1135 O O   . HOH G 4 .  ? 7.305   -17.415 0.547   1.00 29.63 ? 43  HOH A O   1 
HETATM 1136 O O   . HOH G 4 .  ? 8.908   -13.223 6.258   1.00 26.09 ? 44  HOH A O   1 
HETATM 1137 O O   . HOH G 4 .  ? 9.087   -15.896 6.416   1.00 25.77 ? 45  HOH A O   1 
HETATM 1138 O O   . HOH G 4 .  ? -3.314  -12.763 -1.901  1.00 30.70 ? 46  HOH A O   1 
HETATM 1139 O O   . HOH G 4 .  ? 2.297   -20.925 3.456   1.00 36.88 ? 47  HOH A O   1 
HETATM 1140 O O   . HOH G 4 .  ? 7.721   -8.107  -3.135  1.00 30.06 ? 48  HOH A O   1 
HETATM 1141 O O   . HOH G 4 .  ? 3.586   -16.918 -1.345  1.00 25.27 ? 49  HOH A O   1 
HETATM 1142 O O   . HOH G 4 .  ? 0.640   -24.832 3.843   1.00 28.97 ? 50  HOH A O   1 
HETATM 1143 O O   . HOH G 4 .  ? 6.895   11.000  -16.922 1.00 37.48 ? 51  HOH A O   1 
HETATM 1144 O O   . HOH G 4 .  ? -0.446  -26.077 11.979  1.00 43.19 ? 52  HOH A O   1 
HETATM 1145 O O   . HOH G 4 .  ? 2.445   -20.388 7.731   1.00 34.48 ? 53  HOH A O   1 
HETATM 1146 O O   . HOH G 4 .  ? 6.307   1.370   -14.519 1.00 29.60 ? 54  HOH A O   1 
HETATM 1147 O O   . HOH G 4 .  ? -1.164  -14.881 -1.856  1.00 34.40 ? 55  HOH A O   1 
HETATM 1148 O O   . HOH G 4 .  ? 12.863  1.910   -11.018 1.00 43.63 ? 56  HOH A O   1 
HETATM 1149 O O   . HOH G 4 .  ? 2.765   -25.244 8.394   1.00 40.60 ? 57  HOH A O   1 
HETATM 1150 O O   . HOH G 4 .  ? 11.438  12.707  -11.293 1.00 38.24 ? 58  HOH A O   1 
HETATM 1151 O O   . HOH G 4 .  ? -3.833  -18.563 3.570   1.00 41.12 ? 59  HOH A O   1 
HETATM 1152 O O   . HOH G 4 .  ? -2.555  -25.030 8.064   1.00 46.62 ? 60  HOH A O   1 
HETATM 1153 O O   . HOH G 4 .  ? 3.700   -5.221  -12.463 1.00 45.86 ? 61  HOH A O   1 
HETATM 1154 O O   . HOH G 4 .  ? 0.545   -18.385 -3.949  1.00 36.41 ? 62  HOH A O   1 
HETATM 1155 O O   . HOH G 4 .  ? -6.443  -19.753 5.733   1.00 46.41 ? 63  HOH A O   1 
HETATM 1156 O O   . HOH G 4 .  ? -1.971  -17.511 -2.253  1.00 41.93 ? 64  HOH A O   1 
HETATM 1157 O O   . HOH G 4 .  ? 8.097   22.995  -15.675 1.00 45.69 ? 65  HOH A O   1 
HETATM 1158 O O   . HOH H 4 .  ? 9.582   -3.217  2.055   1.00 15.13 ? 202 HOH B O   1 
HETATM 1159 O O   . HOH H 4 .  ? 12.884  -7.095  5.831   1.00 20.78 ? 203 HOH B O   1 
HETATM 1160 O O   . HOH H 4 .  ? 16.620  7.893   3.826   1.00 23.73 ? 204 HOH B O   1 
HETATM 1161 O O   . HOH H 4 .  ? 12.674  2.579   1.977   1.00 24.69 ? 205 HOH B O   1 
HETATM 1162 O O   . HOH H 4 .  ? 1.848   -1.195  11.216  1.00 23.89 ? 206 HOH B O   1 
HETATM 1163 O O   . HOH H 4 .  ? 8.807   6.742   -1.493  1.00 20.78 ? 207 HOH B O   1 
HETATM 1164 O O   . HOH H 4 .  ? 9.329   13.776  -0.380  1.00 21.23 ? 208 HOH B O   1 
HETATM 1165 O O   . HOH H 4 .  ? 11.430  -6.405  12.726  1.00 24.00 ? 209 HOH B O   1 
HETATM 1166 O O   . HOH H 4 .  ? 4.951   18.650  0.537   1.00 26.94 ? 210 HOH B O   1 
HETATM 1167 O O   . HOH H 4 .  ? 10.625  11.650  0.499   1.00 29.59 ? 211 HOH B O   1 
HETATM 1168 O O   . HOH H 4 .  ? 8.183   -3.838  -0.252  1.00 19.87 ? 212 HOH B O   1 
HETATM 1169 O O   . HOH H 4 .  ? 10.012  -5.927  2.630   1.00 21.37 ? 213 HOH B O   1 
HETATM 1170 O O   . HOH H 4 .  ? 12.190  -2.501  1.683   1.00 24.86 ? 214 HOH B O   1 
HETATM 1171 O O   . HOH H 4 .  ? 9.960   -5.347  14.775  1.00 26.06 ? 215 HOH B O   1 
HETATM 1172 O O   . HOH H 4 .  ? 13.578  -10.009 6.331   1.00 30.00 ? 216 HOH B O   1 
HETATM 1173 O O   . HOH H 4 .  ? 12.466  -6.812  3.247   1.00 23.04 ? 217 HOH B O   1 
HETATM 1174 O O   . HOH H 4 .  ? 12.561  -8.191  14.268  1.00 36.53 ? 218 HOH B O   1 
HETATM 1175 O O   . HOH H 4 .  ? 4.995   0.415   13.763  1.00 32.24 ? 219 HOH B O   1 
HETATM 1176 O O   . HOH H 4 .  ? 13.846  -4.644  2.339   1.00 29.57 ? 220 HOH B O   1 
HETATM 1177 O O   . HOH H 4 .  ? 8.225   16.749  -8.799  1.00 30.94 ? 221 HOH B O   1 
HETATM 1178 O O   . HOH H 4 .  ? 14.792  -5.117  6.991   1.00 36.41 ? 222 HOH B O   1 
HETATM 1179 O O   . HOH H 4 .  ? 13.675  -12.605 8.914   1.00 28.10 ? 223 HOH B O   1 
HETATM 1180 O O   . HOH H 4 .  ? 15.148  3.864   1.383   1.00 36.99 ? 224 HOH B O   1 
HETATM 1181 O O   . HOH H 4 .  ? 13.375  -4.119  11.688  1.00 39.02 ? 225 HOH B O   1 
HETATM 1182 O O   . HOH H 4 .  ? 12.837  -0.593  3.989   1.00 28.42 ? 226 HOH B O   1 
HETATM 1183 O O   . HOH H 4 .  ? -0.767  20.056  -2.227  1.00 27.87 ? 227 HOH B O   1 
HETATM 1184 O O   . HOH H 4 .  ? 12.705  -12.443 6.471   1.00 36.16 ? 228 HOH B O   1 
HETATM 1185 O O   . HOH H 4 .  ? 7.272   15.301  3.125   1.00 30.88 ? 229 HOH B O   1 
HETATM 1186 O O   . HOH H 4 .  ? 6.167   -7.430  18.227  1.00 37.61 ? 230 HOH B O   1 
HETATM 1187 O O   . HOH H 4 .  ? 4.042   12.891  4.346   1.00 31.36 ? 231 HOH B O   1 
HETATM 1188 O O   . HOH H 4 .  ? 9.218   6.500   -4.280  1.00 46.69 ? 232 HOH B O   1 
HETATM 1189 O O   . HOH H 4 .  ? 6.398   -4.933  17.317  1.00 31.45 ? 233 HOH B O   1 
HETATM 1190 O O   . HOH H 4 .  ? 13.946  5.408   -0.359  1.00 40.96 ? 234 HOH B O   1 
HETATM 1191 O O   . HOH H 4 .  ? 13.000  -8.877  0.881   1.00 46.55 ? 235 HOH B O   1 
HETATM 1192 O O   . HOH H 4 .  ? 6.860   16.204  -6.504  1.00 28.80 ? 236 HOH B O   1 
HETATM 1193 O O   . HOH H 4 .  ? 12.085  -11.904 16.146  1.00 49.47 ? 237 HOH B O   1 
HETATM 1194 O O   . HOH H 4 .  ? 15.522  -4.121  4.409   1.00 38.08 ? 238 HOH B O   1 
HETATM 1195 O O   . HOH H 4 .  ? 11.176  -8.199  17.016  1.00 45.81 ? 239 HOH B O   1 
HETATM 1196 O O   . HOH H 4 .  ? 0.402   18.913  -0.054  1.00 43.39 ? 240 HOH B O   1 
HETATM 1197 O O   . HOH H 4 .  ? 2.450   19.842  1.683   1.00 40.67 ? 241 HOH B O   1 
HETATM 1198 O O   . HOH H 4 .  ? 16.045  -1.183  2.313   1.00 46.96 ? 242 HOH B O   1 
HETATM 1199 O O   . HOH H 4 .  ? 14.034  0.418   1.494   1.00 40.41 ? 243 HOH B O   1 
HETATM 1200 O O   . HOH H 4 .  ? 4.781   -21.468 7.990   1.00 44.52 ? 244 HOH B O   1 
HETATM 1201 O O   . HOH H 4 .  ? 11.170  5.851   -0.954  1.00 32.00 ? 245 HOH B O   1 
HETATM 1202 O O   . HOH H 4 .  ? 11.762  9.506   0.457   1.00 48.51 ? 246 HOH B O   1 
HETATM 1203 O O   . HOH H 4 .  ? 11.145  3.427   -0.292  1.00 24.67 ? 247 HOH B O   1 
HETATM 1204 O O   . HOH H 4 .  ? 10.053  18.693  -6.055  1.00 36.95 ? 248 HOH B O   1 
HETATM 1205 O O   . HOH H 4 .  ? 0.586   0.836   11.017  1.00 30.58 ? 249 HOH B O   1 
HETATM 1206 O O   . HOH H 4 .  ? 10.439  -9.791  19.059  1.00 50.30 ? 250 HOH B O   1 
HETATM 1207 O O   . HOH I 4 .  ? -5.804  14.837  1.503   1.00 21.85 ? 35  HOH C O   1 
HETATM 1208 O O   . HOH I 4 .  ? -2.232  9.091   1.715   1.00 23.13 ? 36  HOH C O   1 
HETATM 1209 O O   . HOH I 4 .  ? -0.200  -15.940 25.032  1.00 20.23 ? 37  HOH C O   1 
HETATM 1210 O O   . HOH I 4 .  ? 3.148   -7.253  14.641  1.00 24.28 ? 38  HOH C O   1 
HETATM 1211 O O   . HOH I 4 .  ? -1.155  -2.193  14.574  1.00 26.41 ? 39  HOH C O   1 
HETATM 1212 O O   . HOH I 4 .  ? -8.589  -6.348  10.531  1.00 25.28 ? 40  HOH C O   1 
HETATM 1213 O O   . HOH I 4 .  ? 4.076   -8.850  17.014  1.00 31.00 ? 41  HOH C O   1 
HETATM 1214 O O   . HOH I 4 .  ? 0.293   -13.554 26.123  1.00 33.37 ? 42  HOH C O   1 
HETATM 1215 O O   . HOH I 4 .  ? -9.349  10.611  -9.086  1.00 27.86 ? 43  HOH C O   1 
HETATM 1216 O O   . HOH I 4 .  ? -6.931  -2.749  7.162   1.00 27.72 ? 44  HOH C O   1 
HETATM 1217 O O   . HOH I 4 .  ? -4.420  14.156  -4.019  1.00 27.91 ? 45  HOH C O   1 
HETATM 1218 O O   . HOH I 4 .  ? -9.414  13.752  -8.758  1.00 28.57 ? 46  HOH C O   1 
HETATM 1219 O O   . HOH I 4 .  ? -4.611  5.821   6.402   1.00 33.56 ? 47  HOH C O   1 
HETATM 1220 O O   . HOH I 4 .  ? -3.141  -7.349  18.266  1.00 30.97 ? 48  HOH C O   1 
HETATM 1221 O O   . HOH I 4 .  ? 1.367   -1.290  14.652  1.00 40.23 ? 49  HOH C O   1 
HETATM 1222 O O   . HOH I 4 .  ? -9.106  8.761   -5.310  1.00 30.00 ? 50  HOH C O   1 
HETATM 1223 O O   . HOH I 4 .  ? -1.606  8.469   4.329   1.00 35.18 ? 51  HOH C O   1 
HETATM 1224 O O   . HOH I 4 .  ? -1.688  11.480  5.609   1.00 49.22 ? 52  HOH C O   1 
HETATM 1225 O O   . HOH I 4 .  ? -0.714  2.474   9.689   1.00 36.47 ? 53  HOH C O   1 
HETATM 1226 O O   . HOH I 4 .  ? -0.754  -3.839  16.708  1.00 38.77 ? 54  HOH C O   1 
HETATM 1227 O O   . HOH I 4 .  ? -3.113  16.288  -17.018 1.00 33.73 ? 55  HOH C O   1 
HETATM 1228 O O   . HOH I 4 .  ? -4.302  2.395   10.790  1.00 30.95 ? 56  HOH C O   1 
HETATM 1229 O O   . HOH I 4 .  ? 2.660   -11.793 19.559  1.00 31.50 ? 57  HOH C O   1 
HETATM 1230 O O   . HOH I 4 .  ? -12.546 7.117   -11.020 1.00 36.72 ? 58  HOH C O   1 
HETATM 1231 O O   . HOH I 4 .  ? -4.890  15.544  -7.030  1.00 35.46 ? 59  HOH C O   1 
HETATM 1232 O O   . HOH I 4 .  ? -11.284 0.006   -0.732  1.00 33.44 ? 60  HOH C O   1 
HETATM 1233 O O   . HOH I 4 .  ? 7.385   -14.994 14.880  1.00 49.85 ? 61  HOH C O   1 
HETATM 1234 O O   . HOH I 4 .  ? -13.205 4.070   0.202   1.00 39.21 ? 62  HOH C O   1 
HETATM 1235 O O   . HOH I 4 .  ? -2.546  -4.813  18.855  1.00 41.66 ? 63  HOH C O   1 
HETATM 1236 O O   . HOH I 4 .  ? -5.842  -6.755  18.826  1.00 33.69 ? 64  HOH C O   1 
HETATM 1237 O O   . HOH I 4 .  ? -0.772  17.146  -17.989 1.00 39.66 ? 65  HOH C O   1 
HETATM 1238 O O   . HOH I 4 .  ? -4.856  -10.883 22.381  1.00 42.86 ? 66  HOH C O   1 
HETATM 1239 O O   . HOH I 4 .  ? 4.079   8.122   8.105   1.00 34.39 ? 67  HOH C O   1 
HETATM 1240 O O   . HOH I 4 .  ? 3.226   -13.781 15.357  1.00 34.84 ? 68  HOH C O   1 
HETATM 1241 O O   . HOH I 4 .  ? -13.708 -0.137  0.472   1.00 50.14 ? 69  HOH C O   1 
HETATM 1242 O O   . HOH I 4 .  ? 5.099   -14.426 13.527  1.00 55.42 ? 70  HOH C O   1 
HETATM 1243 O O   . HOH I 4 .  ? -5.997  -6.374  12.554  1.00 35.65 ? 71  HOH C O   1 
HETATM 1244 O O   . HOH I 4 .  ? 2.078   7.830   10.391  1.00 44.23 ? 72  HOH C O   1 
HETATM 1245 O O   . HOH J 4 .  ? -12.642 -9.615  -0.288  1.00 12.20 ? 302 HOH D O   1 
HETATM 1246 O O   . HOH J 4 .  ? -4.803  -15.872 4.264   1.00 17.63 ? 303 HOH D O   1 
HETATM 1247 O O   . HOH J 4 .  ? 4.916   1.783   -12.181 1.00 19.35 ? 304 HOH D O   1 
HETATM 1248 O O   . HOH J 4 .  ? -12.756 -8.445  11.835  1.00 23.57 ? 305 HOH D O   1 
HETATM 1249 O O   . HOH J 4 .  ? 0.852   -6.509  -6.096  1.00 20.37 ? 306 HOH D O   1 
HETATM 1250 O O   . HOH J 4 .  ? -7.303  -1.522  -13.852 1.00 24.76 ? 307 HOH D O   1 
HETATM 1251 O O   . HOH J 4 .  ? -8.798  -0.600  -1.697  1.00 19.56 ? 308 HOH D O   1 
HETATM 1252 O O   . HOH J 4 .  ? -5.682  -9.114  -3.115  1.00 22.45 ? 309 HOH D O   1 
HETATM 1253 O O   . HOH J 4 .  ? -10.101 -0.530  -8.326  1.00 25.06 ? 310 HOH D O   1 
HETATM 1254 O O   . HOH J 4 .  ? -8.818  -5.281  7.892   1.00 23.94 ? 311 HOH D O   1 
HETATM 1255 O O   . HOH J 4 .  ? -9.492  -1.172  1.805   1.00 21.38 ? 312 HOH D O   1 
HETATM 1256 O O   . HOH J 4 .  ? -17.230 -2.636  -2.100  1.00 23.34 ? 313 HOH D O   1 
HETATM 1257 O O   . HOH J 4 .  ? -11.413 -3.352  2.170   1.00 25.64 ? 314 HOH D O   1 
HETATM 1258 O O   . HOH J 4 .  ? -4.434  -15.204 1.564   1.00 23.66 ? 315 HOH D O   1 
HETATM 1259 O O   . HOH J 4 .  ? -9.145  0.359   4.093   1.00 31.32 ? 316 HOH D O   1 
HETATM 1260 O O   . HOH J 4 .  ? -3.270  -10.205 -3.116  1.00 29.61 ? 317 HOH D O   1 
HETATM 1261 O O   . HOH J 4 .  ? -12.940 -5.792  5.650   1.00 27.64 ? 318 HOH D O   1 
HETATM 1262 O O   . HOH J 4 .  ? -15.796 -13.022 8.567   1.00 33.87 ? 319 HOH D O   1 
HETATM 1263 O O   . HOH J 4 .  ? -11.291 3.059   -7.349  1.00 33.62 ? 320 HOH D O   1 
HETATM 1264 O O   . HOH J 4 .  ? -11.275 -6.128  11.746  1.00 30.42 ? 321 HOH D O   1 
HETATM 1265 O O   . HOH J 4 .  ? -1.380  -0.211  -16.878 1.00 33.71 ? 322 HOH D O   1 
HETATM 1266 O O   . HOH J 4 .  ? -13.939 -17.124 8.689   1.00 41.11 ? 323 HOH D O   1 
HETATM 1267 O O   . HOH J 4 .  ? -10.046 3.265   3.908   1.00 28.67 ? 324 HOH D O   1 
HETATM 1268 O O   . HOH J 4 .  ? -11.335 -1.219  -6.247  1.00 31.49 ? 325 HOH D O   1 
HETATM 1269 O O   . HOH J 4 .  ? -8.001  -7.809  -7.036  1.00 28.18 ? 326 HOH D O   1 
HETATM 1270 O O   . HOH J 4 .  ? -11.916 -4.100  7.590   1.00 31.56 ? 327 HOH D O   1 
HETATM 1271 O O   . HOH J 4 .  ? -9.879  -10.275 17.250  1.00 32.93 ? 328 HOH D O   1 
HETATM 1272 O O   . HOH J 4 .  ? -13.447 -12.455 16.951  1.00 35.65 ? 329 HOH D O   1 
HETATM 1273 O O   . HOH J 4 .  ? -11.272 -1.649  6.899   1.00 27.55 ? 330 HOH D O   1 
HETATM 1274 O O   . HOH J 4 .  ? -0.829  -4.252  -10.814 1.00 48.78 ? 331 HOH D O   1 
HETATM 1275 O O   . HOH J 4 .  ? 5.447   -2.734  -10.665 1.00 31.33 ? 332 HOH D O   1 
HETATM 1276 O O   . HOH J 4 .  ? 0.467   10.339  -20.713 1.00 31.90 ? 333 HOH D O   1 
HETATM 1277 O O   . HOH J 4 .  ? 3.674   -2.060  -14.282 1.00 36.79 ? 334 HOH D O   1 
HETATM 1278 O O   . HOH J 4 .  ? -6.473  -6.251  -8.997  1.00 26.29 ? 335 HOH D O   1 
HETATM 1279 O O   . HOH J 4 .  ? -16.280 -12.101 16.453  1.00 43.48 ? 336 HOH D O   1 
HETATM 1280 O O   . HOH J 4 .  ? -9.486  -3.927  -10.681 1.00 41.35 ? 337 HOH D O   1 
HETATM 1281 O O   . HOH J 4 .  ? -9.175  -6.533  -10.092 1.00 37.47 ? 338 HOH D O   1 
HETATM 1282 O O   . HOH J 4 .  ? -6.932  -9.941  -5.466  1.00 34.61 ? 339 HOH D O   1 
HETATM 1283 O O   . HOH J 4 .  ? -11.962 0.318   -4.188  1.00 45.83 ? 340 HOH D O   1 
HETATM 1284 O O   . HOH J 4 .  ? -3.070  -22.682 14.926  1.00 43.60 ? 341 HOH D O   1 
HETATM 1285 O O   . HOH J 4 .  ? -9.541  -0.051  -14.282 1.00 42.62 ? 342 HOH D O   1 
HETATM 1286 O O   . HOH J 4 .  ? -13.889 -14.758 10.203  1.00 24.48 ? 343 HOH D O   1 
HETATM 1287 O O   . HOH J 4 .  ? -15.740 -15.751 11.826  1.00 40.94 ? 344 HOH D O   1 
HETATM 1288 O O   . HOH J 4 .  ? -17.580 -15.944 10.029  1.00 39.12 ? 345 HOH D O   1 
HETATM 1289 O O   . HOH J 4 .  ? -4.511  -10.307 -7.251  1.00 42.79 ? 346 HOH D O   1 
HETATM 1290 O O   . HOH J 4 .  ? -14.462 -13.601 22.318  1.00 45.26 ? 347 HOH D O   1 
# 
loop_
_pdbx_poly_seq_scheme.asym_id 
_pdbx_poly_seq_scheme.entity_id 
_pdbx_poly_seq_scheme.seq_id 
_pdbx_poly_seq_scheme.mon_id 
_pdbx_poly_seq_scheme.ndb_seq_num 
_pdbx_poly_seq_scheme.pdb_seq_num 
_pdbx_poly_seq_scheme.auth_seq_num 
_pdbx_poly_seq_scheme.pdb_mon_id 
_pdbx_poly_seq_scheme.auth_mon_id 
_pdbx_poly_seq_scheme.pdb_strand_id 
_pdbx_poly_seq_scheme.pdb_ins_code 
_pdbx_poly_seq_scheme.hetero 
A 1 1  MET 1  1  1  MET MET A . n 
A 1 2  LYS 2  2  2  LYS LYS A . n 
A 1 3  VAL 3  3  3  VAL VAL A . n 
A 1 4  LYS 4  4  4  LYS LYS A . n 
A 1 5  GLN 5  5  5  GLN GLN A . n 
A 1 6  LEU 6  6  6  LEU LEU A . n 
A 1 7  VAL 7  7  7  VAL VAL A . n 
A 1 8  ASP 8  8  8  ASP ASP A . n 
A 1 9  LYS 9  9  9  LYS LYS A . n 
A 1 10 VAL 10 10 10 VAL VAL A . n 
A 1 11 GLU 11 11 11 GLU GLU A . n 
A 1 12 GLU 12 12 12 GLU GLU A . n 
A 1 13 LEU 13 13 13 LEU LEU A . n 
A 1 14 LEU 14 14 14 LEU LEU A . n 
A 1 15 SER 15 15 15 SER SER A . n 
A 1 16 LYS 16 16 16 LYS LYS A . n 
A 1 17 ASN 17 17 17 ASN ASN A . n 
A 1 18 TYR 18 18 18 TYR TYR A . n 
A 1 19 HIS 19 19 19 HIS HIS A . n 
A 1 20 LEU 20 20 20 LEU LEU A . n 
A 1 21 VAL 21 21 21 VAL VAL A . n 
A 1 22 ASN 22 22 22 ASN ASN A . n 
A 1 23 GLU 23 23 23 GLU GLU A . n 
A 1 24 VAL 24 24 24 VAL VAL A . n 
A 1 25 ALA 25 25 25 ALA ALA A . n 
A 1 26 ARG 26 26 26 ARG ARG A . n 
A 1 27 LEU 27 27 27 LEU LEU A . n 
A 1 28 VAL 28 28 28 VAL VAL A . n 
A 1 29 LYS 29 29 29 LYS LYS A . n 
A 1 30 LEU 30 30 30 LEU LEU A . n 
A 1 31 VAL 31 31 31 VAL VAL A . n 
A 1 32 GLY 32 32 32 GLY GLY A . n 
A 1 33 GLU 33 33 33 GLU GLU A . n 
A 1 34 ARG 34 34 34 ARG ARG A . n 
B 1 1  MET 1  1  1  MET MET B . n 
B 1 2  LYS 2  2  2  LYS LYS B . n 
B 1 3  VAL 3  3  3  VAL VAL B . n 
B 1 4  LYS 4  4  4  LYS LYS B . n 
B 1 5  GLN 5  5  5  GLN GLN B . n 
B 1 6  LEU 6  6  6  LEU LEU B . n 
B 1 7  VAL 7  7  7  VAL VAL B . n 
B 1 8  ASP 8  8  8  ASP ASP B . n 
B 1 9  LYS 9  9  9  LYS LYS B . n 
B 1 10 VAL 10 10 10 VAL VAL B . n 
B 1 11 GLU 11 11 11 GLU GLU B . n 
B 1 12 GLU 12 12 12 GLU GLU B . n 
B 1 13 LEU 13 13 13 LEU LEU B . n 
B 1 14 LEU 14 14 14 LEU LEU B . n 
B 1 15 SER 15 15 15 SER SER B . n 
B 1 16 LYS 16 16 16 LYS LYS B . n 
B 1 17 ASN 17 17 17 ASN ASN B . n 
B 1 18 TYR 18 18 18 TYR TYR B . n 
B 1 19 HIS 19 19 19 HIS HIS B . n 
B 1 20 LEU 20 20 20 LEU LEU B . n 
B 1 21 VAL 21 21 21 VAL VAL B . n 
B 1 22 ASN 22 22 22 ASN ASN B . n 
B 1 23 GLU 23 23 23 GLU GLU B . n 
B 1 24 VAL 24 24 24 VAL VAL B . n 
B 1 25 ALA 25 25 25 ALA ALA B . n 
B 1 26 ARG 26 26 26 ARG ARG B . n 
B 1 27 LEU 27 27 27 LEU LEU B . n 
B 1 28 VAL 28 28 28 VAL VAL B . n 
B 1 29 LYS 29 29 29 LYS LYS B . n 
B 1 30 LEU 30 30 30 LEU LEU B . n 
B 1 31 VAL 31 31 31 VAL VAL B . n 
B 1 32 GLY 32 32 32 GLY GLY B . n 
B 1 33 GLU 33 33 33 GLU GLU B . n 
B 1 34 ARG 34 34 34 ARG ARG B . n 
C 1 1  MET 1  1  1  MET MET C . n 
C 1 2  LYS 2  2  2  LYS LYS C . n 
C 1 3  VAL 3  3  3  VAL VAL C . n 
C 1 4  LYS 4  4  4  LYS LYS C . n 
C 1 5  GLN 5  5  5  GLN GLN C . n 
C 1 6  LEU 6  6  6  LEU LEU C . n 
C 1 7  VAL 7  7  7  VAL VAL C . n 
C 1 8  ASP 8  8  8  ASP ASP C . n 
C 1 9  LYS 9  9  9  LYS LYS C . n 
C 1 10 VAL 10 10 10 VAL VAL C . n 
C 1 11 GLU 11 11 11 GLU GLU C . n 
C 1 12 GLU 12 12 12 GLU GLU C . n 
C 1 13 LEU 13 13 13 LEU LEU C . n 
C 1 14 LEU 14 14 14 LEU LEU C . n 
C 1 15 SER 15 15 15 SER SER C . n 
C 1 16 LYS 16 16 16 LYS LYS C . n 
C 1 17 ASN 17 17 17 ASN ASN C . n 
C 1 18 TYR 18 18 18 TYR TYR C . n 
C 1 19 HIS 19 19 19 HIS HIS C . n 
C 1 20 LEU 20 20 20 LEU LEU C . n 
C 1 21 VAL 21 21 21 VAL VAL C . n 
C 1 22 ASN 22 22 22 ASN ASN C . n 
C 1 23 GLU 23 23 23 GLU GLU C . n 
C 1 24 VAL 24 24 24 VAL VAL C . n 
C 1 25 ALA 25 25 25 ALA ALA C . n 
C 1 26 ARG 26 26 26 ARG ARG C . n 
C 1 27 LEU 27 27 27 LEU LEU C . n 
C 1 28 VAL 28 28 28 VAL VAL C . n 
C 1 29 LYS 29 29 29 LYS LYS C . n 
C 1 30 LEU 30 30 30 LEU LEU C . n 
C 1 31 VAL 31 31 31 VAL VAL C . n 
C 1 32 GLY 32 32 32 GLY GLY C . n 
C 1 33 GLU 33 33 33 GLU GLU C . n 
C 1 34 ARG 34 34 34 ARG ARG C . n 
D 1 1  MET 1  1  1  MET MET D . n 
D 1 2  LYS 2  2  2  LYS LYS D . n 
D 1 3  VAL 3  3  3  VAL VAL D . n 
D 1 4  LYS 4  4  4  LYS LYS D . n 
D 1 5  GLN 5  5  5  GLN GLN D . n 
D 1 6  LEU 6  6  6  LEU LEU D . n 
D 1 7  VAL 7  7  7  VAL VAL D . n 
D 1 8  ASP 8  8  8  ASP ASP D . n 
D 1 9  LYS 9  9  9  LYS LYS D . n 
D 1 10 VAL 10 10 10 VAL VAL D . n 
D 1 11 GLU 11 11 11 GLU GLU D . n 
D 1 12 GLU 12 12 12 GLU GLU D . n 
D 1 13 LEU 13 13 13 LEU LEU D . n 
D 1 14 LEU 14 14 14 LEU LEU D . n 
D 1 15 SER 15 15 15 SER SER D . n 
D 1 16 LYS 16 16 16 LYS LYS D . n 
D 1 17 ASN 17 17 17 ASN ASN D . n 
D 1 18 TYR 18 18 18 TYR TYR D . n 
D 1 19 HIS 19 19 19 HIS HIS D . n 
D 1 20 LEU 20 20 20 LEU LEU D . n 
D 1 21 VAL 21 21 21 VAL VAL D . n 
D 1 22 ASN 22 22 22 ASN ASN D . n 
D 1 23 GLU 23 23 23 GLU GLU D . n 
D 1 24 VAL 24 24 24 VAL VAL D . n 
D 1 25 ALA 25 25 25 ALA ALA D . n 
D 1 26 ARG 26 26 26 ARG ARG D . n 
D 1 27 LEU 27 27 27 LEU LEU D . n 
D 1 28 VAL 28 28 28 VAL VAL D . n 
D 1 29 LYS 29 29 29 LYS LYS D . n 
D 1 30 LEU 30 30 30 LEU LEU D . n 
D 1 31 VAL 31 31 31 VAL VAL D . n 
D 1 32 GLY 32 32 32 GLY GLY D . n 
D 1 33 GLU 33 33 33 GLU GLU D . n 
D 1 34 ARG 34 34 34 ARG ARG D . n 
# 
loop_
_pdbx_nonpoly_scheme.asym_id 
_pdbx_nonpoly_scheme.entity_id 
_pdbx_nonpoly_scheme.mon_id 
_pdbx_nonpoly_scheme.ndb_seq_num 
_pdbx_nonpoly_scheme.pdb_seq_num 
_pdbx_nonpoly_scheme.auth_seq_num 
_pdbx_nonpoly_scheme.pdb_mon_id 
_pdbx_nonpoly_scheme.auth_mon_id 
_pdbx_nonpoly_scheme.pdb_strand_id 
_pdbx_nonpoly_scheme.pdb_ins_code 
E 2 GOL 1  201 201 GOL GOL B . 
F 3 IPA 1  301 301 IPA IPA D . 
G 4 HOH 1  35  6   HOH WAT A . 
G 4 HOH 2  36  8   HOH WAT A . 
G 4 HOH 3  37  12  HOH WAT A . 
G 4 HOH 4  38  13  HOH WAT A . 
G 4 HOH 5  39  14  HOH WAT A . 
G 4 HOH 6  40  16  HOH WAT A . 
G 4 HOH 7  41  35  HOH WAT A . 
G 4 HOH 8  42  45  HOH WAT A . 
G 4 HOH 9  43  47  HOH WAT A . 
G 4 HOH 10 44  52  HOH WAT A . 
G 4 HOH 11 45  53  HOH WAT A . 
G 4 HOH 12 46  55  HOH WAT A . 
G 4 HOH 13 47  59  HOH WAT A . 
G 4 HOH 14 48  63  HOH WAT A . 
G 4 HOH 15 49  70  HOH WAT A . 
G 4 HOH 16 50  78  HOH WAT A . 
G 4 HOH 17 51  86  HOH WAT A . 
G 4 HOH 18 52  90  HOH WAT A . 
G 4 HOH 19 53  98  HOH WAT A . 
G 4 HOH 20 54  100 HOH WAT A . 
G 4 HOH 21 55  101 HOH WAT A . 
G 4 HOH 22 56  109 HOH WAT A . 
G 4 HOH 23 57  117 HOH WAT A . 
G 4 HOH 24 58  124 HOH WAT A . 
G 4 HOH 25 59  134 HOH WAT A . 
G 4 HOH 26 60  138 HOH WAT A . 
G 4 HOH 27 61  141 HOH WAT A . 
G 4 HOH 28 62  142 HOH WAT A . 
G 4 HOH 29 63  143 HOH WAT A . 
G 4 HOH 30 64  145 HOH WAT A . 
G 4 HOH 31 65  152 HOH WAT A . 
H 4 HOH 1  202 2   HOH WAT B . 
H 4 HOH 2  203 3   HOH WAT B . 
H 4 HOH 3  204 5   HOH WAT B . 
H 4 HOH 4  205 9   HOH WAT B . 
H 4 HOH 5  206 19  HOH WAT B . 
H 4 HOH 6  207 20  HOH WAT B . 
H 4 HOH 7  208 24  HOH WAT B . 
H 4 HOH 8  209 29  HOH WAT B . 
H 4 HOH 9  210 31  HOH WAT B . 
H 4 HOH 10 211 32  HOH WAT B . 
H 4 HOH 11 212 34  HOH WAT B . 
H 4 HOH 12 213 36  HOH WAT B . 
H 4 HOH 13 214 38  HOH WAT B . 
H 4 HOH 14 215 48  HOH WAT B . 
H 4 HOH 15 216 49  HOH WAT B . 
H 4 HOH 16 217 54  HOH WAT B . 
H 4 HOH 17 218 60  HOH WAT B . 
H 4 HOH 18 219 65  HOH WAT B . 
H 4 HOH 19 220 69  HOH WAT B . 
H 4 HOH 20 221 80  HOH WAT B . 
H 4 HOH 21 222 85  HOH WAT B . 
H 4 HOH 22 223 89  HOH WAT B . 
H 4 HOH 23 224 91  HOH WAT B . 
H 4 HOH 24 225 94  HOH WAT B . 
H 4 HOH 25 226 95  HOH WAT B . 
H 4 HOH 26 227 96  HOH WAT B . 
H 4 HOH 27 228 97  HOH WAT B . 
H 4 HOH 28 229 102 HOH WAT B . 
H 4 HOH 29 230 103 HOH WAT B . 
H 4 HOH 30 231 108 HOH WAT B . 
H 4 HOH 31 232 111 HOH WAT B . 
H 4 HOH 32 233 116 HOH WAT B . 
H 4 HOH 33 234 122 HOH WAT B . 
H 4 HOH 34 235 123 HOH WAT B . 
H 4 HOH 35 236 125 HOH WAT B . 
H 4 HOH 36 237 127 HOH WAT B . 
H 4 HOH 37 238 132 HOH WAT B . 
H 4 HOH 38 239 133 HOH WAT B . 
H 4 HOH 39 240 135 HOH WAT B . 
H 4 HOH 40 241 149 HOH WAT B . 
H 4 HOH 41 242 150 HOH WAT B . 
H 4 HOH 42 243 151 HOH WAT B . 
H 4 HOH 43 244 153 HOH WAT B . 
H 4 HOH 44 245 157 HOH WAT B . 
H 4 HOH 45 246 158 HOH WAT B . 
H 4 HOH 46 247 159 HOH WAT B . 
H 4 HOH 47 248 160 HOH WAT B . 
H 4 HOH 48 249 162 HOH WAT B . 
H 4 HOH 49 250 164 HOH WAT B . 
I 4 HOH 1  35  21  HOH WAT C . 
I 4 HOH 2  36  22  HOH WAT C . 
I 4 HOH 3  37  23  HOH WAT C . 
I 4 HOH 4  38  28  HOH WAT C . 
I 4 HOH 5  39  40  HOH WAT C . 
I 4 HOH 6  40  41  HOH WAT C . 
I 4 HOH 7  41  44  HOH WAT C . 
I 4 HOH 8  42  57  HOH WAT C . 
I 4 HOH 9  43  58  HOH WAT C . 
I 4 HOH 10 44  64  HOH WAT C . 
I 4 HOH 11 45  66  HOH WAT C . 
I 4 HOH 12 46  67  HOH WAT C . 
I 4 HOH 13 47  68  HOH WAT C . 
I 4 HOH 14 48  75  HOH WAT C . 
I 4 HOH 15 49  76  HOH WAT C . 
I 4 HOH 16 50  79  HOH WAT C . 
I 4 HOH 17 51  82  HOH WAT C . 
I 4 HOH 18 52  93  HOH WAT C . 
I 4 HOH 19 53  99  HOH WAT C . 
I 4 HOH 20 54  104 HOH WAT C . 
I 4 HOH 21 55  105 HOH WAT C . 
I 4 HOH 22 56  106 HOH WAT C . 
I 4 HOH 23 57  107 HOH WAT C . 
I 4 HOH 24 58  112 HOH WAT C . 
I 4 HOH 25 59  113 HOH WAT C . 
I 4 HOH 26 60  114 HOH WAT C . 
I 4 HOH 27 61  119 HOH WAT C . 
I 4 HOH 28 62  120 HOH WAT C . 
I 4 HOH 29 63  121 HOH WAT C . 
I 4 HOH 30 64  126 HOH WAT C . 
I 4 HOH 31 65  128 HOH WAT C . 
I 4 HOH 32 66  129 HOH WAT C . 
I 4 HOH 33 67  130 HOH WAT C . 
I 4 HOH 34 68  139 HOH WAT C . 
I 4 HOH 35 69  140 HOH WAT C . 
I 4 HOH 36 70  154 HOH WAT C . 
I 4 HOH 37 71  156 HOH WAT C . 
I 4 HOH 38 72  161 HOH WAT C . 
J 4 HOH 1  302 1   HOH WAT D . 
J 4 HOH 2  303 4   HOH WAT D . 
J 4 HOH 3  304 7   HOH WAT D . 
J 4 HOH 4  305 10  HOH WAT D . 
J 4 HOH 5  306 11  HOH WAT D . 
J 4 HOH 6  307 15  HOH WAT D . 
J 4 HOH 7  308 17  HOH WAT D . 
J 4 HOH 8  309 18  HOH WAT D . 
J 4 HOH 9  310 25  HOH WAT D . 
J 4 HOH 10 311 26  HOH WAT D . 
J 4 HOH 11 312 27  HOH WAT D . 
J 4 HOH 12 313 30  HOH WAT D . 
J 4 HOH 13 314 33  HOH WAT D . 
J 4 HOH 14 315 37  HOH WAT D . 
J 4 HOH 15 316 39  HOH WAT D . 
J 4 HOH 16 317 42  HOH WAT D . 
J 4 HOH 17 318 43  HOH WAT D . 
J 4 HOH 18 319 46  HOH WAT D . 
J 4 HOH 19 320 50  HOH WAT D . 
J 4 HOH 20 321 51  HOH WAT D . 
J 4 HOH 21 322 56  HOH WAT D . 
J 4 HOH 22 323 61  HOH WAT D . 
J 4 HOH 23 324 62  HOH WAT D . 
J 4 HOH 24 325 71  HOH WAT D . 
J 4 HOH 25 326 72  HOH WAT D . 
J 4 HOH 26 327 73  HOH WAT D . 
J 4 HOH 27 328 74  HOH WAT D . 
J 4 HOH 28 329 77  HOH WAT D . 
J 4 HOH 29 330 81  HOH WAT D . 
J 4 HOH 30 331 83  HOH WAT D . 
J 4 HOH 31 332 84  HOH WAT D . 
J 4 HOH 32 333 87  HOH WAT D . 
J 4 HOH 33 334 88  HOH WAT D . 
J 4 HOH 34 335 92  HOH WAT D . 
J 4 HOH 35 336 110 HOH WAT D . 
J 4 HOH 36 337 115 HOH WAT D . 
J 4 HOH 37 338 118 HOH WAT D . 
J 4 HOH 38 339 131 HOH WAT D . 
J 4 HOH 39 340 136 HOH WAT D . 
J 4 HOH 40 341 137 HOH WAT D . 
J 4 HOH 41 342 144 HOH WAT D . 
J 4 HOH 42 343 146 HOH WAT D . 
J 4 HOH 43 344 147 HOH WAT D . 
J 4 HOH 44 345 148 HOH WAT D . 
J 4 HOH 45 346 155 HOH WAT D . 
J 4 HOH 46 347 163 HOH WAT D . 
# 
_pdbx_struct_assembly.id                   1 
_pdbx_struct_assembly.details              author_and_software_defined_assembly 
_pdbx_struct_assembly.method_details       PISA 
_pdbx_struct_assembly.oligomeric_details   tetrameric 
_pdbx_struct_assembly.oligomeric_count     4 
# 
_pdbx_struct_assembly_gen.assembly_id       1 
_pdbx_struct_assembly_gen.oper_expression   1 
_pdbx_struct_assembly_gen.asym_id_list      A,B,C,D,E,F,G,H,I,J 
# 
loop_
_pdbx_struct_assembly_prop.biol_id 
_pdbx_struct_assembly_prop.type 
_pdbx_struct_assembly_prop.value 
_pdbx_struct_assembly_prop.details 
1 'ABSA (A^2)' 6180 ? 
1 MORE         -62  ? 
1 'SSA (A^2)'  8430 ? 
# 
_pdbx_struct_oper_list.id                   1 
_pdbx_struct_oper_list.type                 'identity operation' 
_pdbx_struct_oper_list.name                 1_555 
_pdbx_struct_oper_list.symmetry_operation   x,y,z 
_pdbx_struct_oper_list.matrix[1][1]         1.0000000000 
_pdbx_struct_oper_list.matrix[1][2]         0.0000000000 
_pdbx_struct_oper_list.matrix[1][3]         0.0000000000 
_pdbx_struct_oper_list.vector[1]            0.0000000000 
_pdbx_struct_oper_list.matrix[2][1]         0.0000000000 
_pdbx_struct_oper_list.matrix[2][2]         1.0000000000 
_pdbx_struct_oper_list.matrix[2][3]         0.0000000000 
_pdbx_struct_oper_list.vector[2]            0.0000000000 
_pdbx_struct_oper_list.matrix[3][1]         0.0000000000 
_pdbx_struct_oper_list.matrix[3][2]         0.0000000000 
_pdbx_struct_oper_list.matrix[3][3]         1.0000000000 
_pdbx_struct_oper_list.vector[3]            0.0000000000 
# 
loop_
_pdbx_audit_revision_history.ordinal 
_pdbx_audit_revision_history.data_content_type 
_pdbx_audit_revision_history.major_revision 
_pdbx_audit_revision_history.minor_revision 
_pdbx_audit_revision_history.revision_date 
1 'Structure model' 1 0 2007-01-16 
2 'Structure model' 1 1 2008-05-01 
3 'Structure model' 1 2 2011-07-13 
4 'Structure model' 1 3 2017-10-18 
5 'Structure model' 1 4 2023-08-30 
# 
_pdbx_audit_revision_details.ordinal             1 
_pdbx_audit_revision_details.revision_ordinal    1 
_pdbx_audit_revision_details.data_content_type   'Structure model' 
_pdbx_audit_revision_details.provider            repository 
_pdbx_audit_revision_details.type                'Initial release' 
_pdbx_audit_revision_details.description         ? 
_pdbx_audit_revision_details.details             ? 
# 
loop_
_pdbx_audit_revision_group.ordinal 
_pdbx_audit_revision_group.revision_ordinal 
_pdbx_audit_revision_group.data_content_type 
_pdbx_audit_revision_group.group 
1 2 'Structure model' 'Version format compliance' 
2 3 'Structure model' 'Non-polymer description'   
3 3 'Structure model' 'Version format compliance' 
4 4 'Structure model' 'Refinement description'    
5 5 'Structure model' 'Data collection'           
6 5 'Structure model' 'Database references'       
7 5 'Structure model' 'Derived calculations'      
8 5 'Structure model' 'Refinement description'    
# 
loop_
_pdbx_audit_revision_category.ordinal 
_pdbx_audit_revision_category.revision_ordinal 
_pdbx_audit_revision_category.data_content_type 
_pdbx_audit_revision_category.category 
1 4 'Structure model' software                      
2 5 'Structure model' chem_comp_atom                
3 5 'Structure model' chem_comp_bond                
4 5 'Structure model' database_2                    
5 5 'Structure model' pdbx_initial_refinement_model 
6 5 'Structure model' struct_ref_seq_dif            
7 5 'Structure model' struct_site                   
# 
loop_
_pdbx_audit_revision_item.ordinal 
_pdbx_audit_revision_item.revision_ordinal 
_pdbx_audit_revision_item.data_content_type 
_pdbx_audit_revision_item.item 
1 4 'Structure model' '_software.name'                      
2 5 'Structure model' '_database_2.pdbx_DOI'                
3 5 'Structure model' '_database_2.pdbx_database_accession' 
4 5 'Structure model' '_struct_ref_seq_dif.details'         
5 5 'Structure model' '_struct_site.pdbx_auth_asym_id'      
6 5 'Structure model' '_struct_site.pdbx_auth_comp_id'      
7 5 'Structure model' '_struct_site.pdbx_auth_seq_id'       
# 
loop_
_software.name 
_software.classification 
_software.version 
_software.citation_id 
_software.pdbx_ordinal 
REFMAC    refinement        5.1.24 ? 1 
MAR345    'data collection' 345DTB ? 2 
DENZO     'data reduction'  .      ? 3 
SCALEPACK 'data scaling'    .      ? 4 
PHASER    phasing           .      ? 5 
# 
loop_
_chem_comp_atom.comp_id 
_chem_comp_atom.atom_id 
_chem_comp_atom.type_symbol 
_chem_comp_atom.pdbx_aromatic_flag 
_chem_comp_atom.pdbx_stereo_config 
_chem_comp_atom.pdbx_ordinal 
ALA N    N N N 1   
ALA CA   C N S 2   
ALA C    C N N 3   
ALA O    O N N 4   
ALA CB   C N N 5   
ALA OXT  O N N 6   
ALA H    H N N 7   
ALA H2   H N N 8   
ALA HA   H N N 9   
ALA HB1  H N N 10  
ALA HB2  H N N 11  
ALA HB3  H N N 12  
ALA HXT  H N N 13  
ARG N    N N N 14  
ARG CA   C N S 15  
ARG C    C N N 16  
ARG O    O N N 17  
ARG CB   C N N 18  
ARG CG   C N N 19  
ARG CD   C N N 20  
ARG NE   N N N 21  
ARG CZ   C N N 22  
ARG NH1  N N N 23  
ARG NH2  N N N 24  
ARG OXT  O N N 25  
ARG H    H N N 26  
ARG H2   H N N 27  
ARG HA   H N N 28  
ARG HB2  H N N 29  
ARG HB3  H N N 30  
ARG HG2  H N N 31  
ARG HG3  H N N 32  
ARG HD2  H N N 33  
ARG HD3  H N N 34  
ARG HE   H N N 35  
ARG HH11 H N N 36  
ARG HH12 H N N 37  
ARG HH21 H N N 38  
ARG HH22 H N N 39  
ARG HXT  H N N 40  
ASN N    N N N 41  
ASN CA   C N S 42  
ASN C    C N N 43  
ASN O    O N N 44  
ASN CB   C N N 45  
ASN CG   C N N 46  
ASN OD1  O N N 47  
ASN ND2  N N N 48  
ASN OXT  O N N 49  
ASN H    H N N 50  
ASN H2   H N N 51  
ASN HA   H N N 52  
ASN HB2  H N N 53  
ASN HB3  H N N 54  
ASN HD21 H N N 55  
ASN HD22 H N N 56  
ASN HXT  H N N 57  
ASP N    N N N 58  
ASP CA   C N S 59  
ASP C    C N N 60  
ASP O    O N N 61  
ASP CB   C N N 62  
ASP CG   C N N 63  
ASP OD1  O N N 64  
ASP OD2  O N N 65  
ASP OXT  O N N 66  
ASP H    H N N 67  
ASP H2   H N N 68  
ASP HA   H N N 69  
ASP HB2  H N N 70  
ASP HB3  H N N 71  
ASP HD2  H N N 72  
ASP HXT  H N N 73  
GLN N    N N N 74  
GLN CA   C N S 75  
GLN C    C N N 76  
GLN O    O N N 77  
GLN CB   C N N 78  
GLN CG   C N N 79  
GLN CD   C N N 80  
GLN OE1  O N N 81  
GLN NE2  N N N 82  
GLN OXT  O N N 83  
GLN H    H N N 84  
GLN H2   H N N 85  
GLN HA   H N N 86  
GLN HB2  H N N 87  
GLN HB3  H N N 88  
GLN HG2  H N N 89  
GLN HG3  H N N 90  
GLN HE21 H N N 91  
GLN HE22 H N N 92  
GLN HXT  H N N 93  
GLU N    N N N 94  
GLU CA   C N S 95  
GLU C    C N N 96  
GLU O    O N N 97  
GLU CB   C N N 98  
GLU CG   C N N 99  
GLU CD   C N N 100 
GLU OE1  O N N 101 
GLU OE2  O N N 102 
GLU OXT  O N N 103 
GLU H    H N N 104 
GLU H2   H N N 105 
GLU HA   H N N 106 
GLU HB2  H N N 107 
GLU HB3  H N N 108 
GLU HG2  H N N 109 
GLU HG3  H N N 110 
GLU HE2  H N N 111 
GLU HXT  H N N 112 
GLY N    N N N 113 
GLY CA   C N N 114 
GLY C    C N N 115 
GLY O    O N N 116 
GLY OXT  O N N 117 
GLY H    H N N 118 
GLY H2   H N N 119 
GLY HA2  H N N 120 
GLY HA3  H N N 121 
GLY HXT  H N N 122 
GOL C1   C N N 123 
GOL O1   O N N 124 
GOL C2   C N N 125 
GOL O2   O N N 126 
GOL C3   C N N 127 
GOL O3   O N N 128 
GOL H11  H N N 129 
GOL H12  H N N 130 
GOL HO1  H N N 131 
GOL H2   H N N 132 
GOL HO2  H N N 133 
GOL H31  H N N 134 
GOL H32  H N N 135 
GOL HO3  H N N 136 
HIS N    N N N 137 
HIS CA   C N S 138 
HIS C    C N N 139 
HIS O    O N N 140 
HIS CB   C N N 141 
HIS CG   C Y N 142 
HIS ND1  N Y N 143 
HIS CD2  C Y N 144 
HIS CE1  C Y N 145 
HIS NE2  N Y N 146 
HIS OXT  O N N 147 
HIS H    H N N 148 
HIS H2   H N N 149 
HIS HA   H N N 150 
HIS HB2  H N N 151 
HIS HB3  H N N 152 
HIS HD1  H N N 153 
HIS HD2  H N N 154 
HIS HE1  H N N 155 
HIS HE2  H N N 156 
HIS HXT  H N N 157 
HOH O    O N N 158 
HOH H1   H N N 159 
HOH H2   H N N 160 
IPA C1   C N N 161 
IPA C2   C N N 162 
IPA C3   C N N 163 
IPA O2   O N N 164 
IPA H11  H N N 165 
IPA H12  H N N 166 
IPA H13  H N N 167 
IPA H2   H N N 168 
IPA H31  H N N 169 
IPA H32  H N N 170 
IPA H33  H N N 171 
IPA HO2  H N N 172 
LEU N    N N N 173 
LEU CA   C N S 174 
LEU C    C N N 175 
LEU O    O N N 176 
LEU CB   C N N 177 
LEU CG   C N N 178 
LEU CD1  C N N 179 
LEU CD2  C N N 180 
LEU OXT  O N N 181 
LEU H    H N N 182 
LEU H2   H N N 183 
LEU HA   H N N 184 
LEU HB2  H N N 185 
LEU HB3  H N N 186 
LEU HG   H N N 187 
LEU HD11 H N N 188 
LEU HD12 H N N 189 
LEU HD13 H N N 190 
LEU HD21 H N N 191 
LEU HD22 H N N 192 
LEU HD23 H N N 193 
LEU HXT  H N N 194 
LYS N    N N N 195 
LYS CA   C N S 196 
LYS C    C N N 197 
LYS O    O N N 198 
LYS CB   C N N 199 
LYS CG   C N N 200 
LYS CD   C N N 201 
LYS CE   C N N 202 
LYS NZ   N N N 203 
LYS OXT  O N N 204 
LYS H    H N N 205 
LYS H2   H N N 206 
LYS HA   H N N 207 
LYS HB2  H N N 208 
LYS HB3  H N N 209 
LYS HG2  H N N 210 
LYS HG3  H N N 211 
LYS HD2  H N N 212 
LYS HD3  H N N 213 
LYS HE2  H N N 214 
LYS HE3  H N N 215 
LYS HZ1  H N N 216 
LYS HZ2  H N N 217 
LYS HZ3  H N N 218 
LYS HXT  H N N 219 
MET N    N N N 220 
MET CA   C N S 221 
MET C    C N N 222 
MET O    O N N 223 
MET CB   C N N 224 
MET CG   C N N 225 
MET SD   S N N 226 
MET CE   C N N 227 
MET OXT  O N N 228 
MET H    H N N 229 
MET H2   H N N 230 
MET HA   H N N 231 
MET HB2  H N N 232 
MET HB3  H N N 233 
MET HG2  H N N 234 
MET HG3  H N N 235 
MET HE1  H N N 236 
MET HE2  H N N 237 
MET HE3  H N N 238 
MET HXT  H N N 239 
SER N    N N N 240 
SER CA   C N S 241 
SER C    C N N 242 
SER O    O N N 243 
SER CB   C N N 244 
SER OG   O N N 245 
SER OXT  O N N 246 
SER H    H N N 247 
SER H2   H N N 248 
SER HA   H N N 249 
SER HB2  H N N 250 
SER HB3  H N N 251 
SER HG   H N N 252 
SER HXT  H N N 253 
TYR N    N N N 254 
TYR CA   C N S 255 
TYR C    C N N 256 
TYR O    O N N 257 
TYR CB   C N N 258 
TYR CG   C Y N 259 
TYR CD1  C Y N 260 
TYR CD2  C Y N 261 
TYR CE1  C Y N 262 
TYR CE2  C Y N 263 
TYR CZ   C Y N 264 
TYR OH   O N N 265 
TYR OXT  O N N 266 
TYR H    H N N 267 
TYR H2   H N N 268 
TYR HA   H N N 269 
TYR HB2  H N N 270 
TYR HB3  H N N 271 
TYR HD1  H N N 272 
TYR HD2  H N N 273 
TYR HE1  H N N 274 
TYR HE2  H N N 275 
TYR HH   H N N 276 
TYR HXT  H N N 277 
VAL N    N N N 278 
VAL CA   C N S 279 
VAL C    C N N 280 
VAL O    O N N 281 
VAL CB   C N N 282 
VAL CG1  C N N 283 
VAL CG2  C N N 284 
VAL OXT  O N N 285 
VAL H    H N N 286 
VAL H2   H N N 287 
VAL HA   H N N 288 
VAL HB   H N N 289 
VAL HG11 H N N 290 
VAL HG12 H N N 291 
VAL HG13 H N N 292 
VAL HG21 H N N 293 
VAL HG22 H N N 294 
VAL HG23 H N N 295 
VAL HXT  H N N 296 
# 
loop_
_chem_comp_bond.comp_id 
_chem_comp_bond.atom_id_1 
_chem_comp_bond.atom_id_2 
_chem_comp_bond.value_order 
_chem_comp_bond.pdbx_aromatic_flag 
_chem_comp_bond.pdbx_stereo_config 
_chem_comp_bond.pdbx_ordinal 
ALA N   CA   sing N N 1   
ALA N   H    sing N N 2   
ALA N   H2   sing N N 3   
ALA CA  C    sing N N 4   
ALA CA  CB   sing N N 5   
ALA CA  HA   sing N N 6   
ALA C   O    doub N N 7   
ALA C   OXT  sing N N 8   
ALA CB  HB1  sing N N 9   
ALA CB  HB2  sing N N 10  
ALA CB  HB3  sing N N 11  
ALA OXT HXT  sing N N 12  
ARG N   CA   sing N N 13  
ARG N   H    sing N N 14  
ARG N   H2   sing N N 15  
ARG CA  C    sing N N 16  
ARG CA  CB   sing N N 17  
ARG CA  HA   sing N N 18  
ARG C   O    doub N N 19  
ARG C   OXT  sing N N 20  
ARG CB  CG   sing N N 21  
ARG CB  HB2  sing N N 22  
ARG CB  HB3  sing N N 23  
ARG CG  CD   sing N N 24  
ARG CG  HG2  sing N N 25  
ARG CG  HG3  sing N N 26  
ARG CD  NE   sing N N 27  
ARG CD  HD2  sing N N 28  
ARG CD  HD3  sing N N 29  
ARG NE  CZ   sing N N 30  
ARG NE  HE   sing N N 31  
ARG CZ  NH1  sing N N 32  
ARG CZ  NH2  doub N N 33  
ARG NH1 HH11 sing N N 34  
ARG NH1 HH12 sing N N 35  
ARG NH2 HH21 sing N N 36  
ARG NH2 HH22 sing N N 37  
ARG OXT HXT  sing N N 38  
ASN N   CA   sing N N 39  
ASN N   H    sing N N 40  
ASN N   H2   sing N N 41  
ASN CA  C    sing N N 42  
ASN CA  CB   sing N N 43  
ASN CA  HA   sing N N 44  
ASN C   O    doub N N 45  
ASN C   OXT  sing N N 46  
ASN CB  CG   sing N N 47  
ASN CB  HB2  sing N N 48  
ASN CB  HB3  sing N N 49  
ASN CG  OD1  doub N N 50  
ASN CG  ND2  sing N N 51  
ASN ND2 HD21 sing N N 52  
ASN ND2 HD22 sing N N 53  
ASN OXT HXT  sing N N 54  
ASP N   CA   sing N N 55  
ASP N   H    sing N N 56  
ASP N   H2   sing N N 57  
ASP CA  C    sing N N 58  
ASP CA  CB   sing N N 59  
ASP CA  HA   sing N N 60  
ASP C   O    doub N N 61  
ASP C   OXT  sing N N 62  
ASP CB  CG   sing N N 63  
ASP CB  HB2  sing N N 64  
ASP CB  HB3  sing N N 65  
ASP CG  OD1  doub N N 66  
ASP CG  OD2  sing N N 67  
ASP OD2 HD2  sing N N 68  
ASP OXT HXT  sing N N 69  
GLN N   CA   sing N N 70  
GLN N   H    sing N N 71  
GLN N   H2   sing N N 72  
GLN CA  C    sing N N 73  
GLN CA  CB   sing N N 74  
GLN CA  HA   sing N N 75  
GLN C   O    doub N N 76  
GLN C   OXT  sing N N 77  
GLN CB  CG   sing N N 78  
GLN CB  HB2  sing N N 79  
GLN CB  HB3  sing N N 80  
GLN CG  CD   sing N N 81  
GLN CG  HG2  sing N N 82  
GLN CG  HG3  sing N N 83  
GLN CD  OE1  doub N N 84  
GLN CD  NE2  sing N N 85  
GLN NE2 HE21 sing N N 86  
GLN NE2 HE22 sing N N 87  
GLN OXT HXT  sing N N 88  
GLU N   CA   sing N N 89  
GLU N   H    sing N N 90  
GLU N   H2   sing N N 91  
GLU CA  C    sing N N 92  
GLU CA  CB   sing N N 93  
GLU CA  HA   sing N N 94  
GLU C   O    doub N N 95  
GLU C   OXT  sing N N 96  
GLU CB  CG   sing N N 97  
GLU CB  HB2  sing N N 98  
GLU CB  HB3  sing N N 99  
GLU CG  CD   sing N N 100 
GLU CG  HG2  sing N N 101 
GLU CG  HG3  sing N N 102 
GLU CD  OE1  doub N N 103 
GLU CD  OE2  sing N N 104 
GLU OE2 HE2  sing N N 105 
GLU OXT HXT  sing N N 106 
GLY N   CA   sing N N 107 
GLY N   H    sing N N 108 
GLY N   H2   sing N N 109 
GLY CA  C    sing N N 110 
GLY CA  HA2  sing N N 111 
GLY CA  HA3  sing N N 112 
GLY C   O    doub N N 113 
GLY C   OXT  sing N N 114 
GLY OXT HXT  sing N N 115 
GOL C1  O1   sing N N 116 
GOL C1  C2   sing N N 117 
GOL C1  H11  sing N N 118 
GOL C1  H12  sing N N 119 
GOL O1  HO1  sing N N 120 
GOL C2  O2   sing N N 121 
GOL C2  C3   sing N N 122 
GOL C2  H2   sing N N 123 
GOL O2  HO2  sing N N 124 
GOL C3  O3   sing N N 125 
GOL C3  H31  sing N N 126 
GOL C3  H32  sing N N 127 
GOL O3  HO3  sing N N 128 
HIS N   CA   sing N N 129 
HIS N   H    sing N N 130 
HIS N   H2   sing N N 131 
HIS CA  C    sing N N 132 
HIS CA  CB   sing N N 133 
HIS CA  HA   sing N N 134 
HIS C   O    doub N N 135 
HIS C   OXT  sing N N 136 
HIS CB  CG   sing N N 137 
HIS CB  HB2  sing N N 138 
HIS CB  HB3  sing N N 139 
HIS CG  ND1  sing Y N 140 
HIS CG  CD2  doub Y N 141 
HIS ND1 CE1  doub Y N 142 
HIS ND1 HD1  sing N N 143 
HIS CD2 NE2  sing Y N 144 
HIS CD2 HD2  sing N N 145 
HIS CE1 NE2  sing Y N 146 
HIS CE1 HE1  sing N N 147 
HIS NE2 HE2  sing N N 148 
HIS OXT HXT  sing N N 149 
HOH O   H1   sing N N 150 
HOH O   H2   sing N N 151 
IPA C1  C2   sing N N 152 
IPA C1  H11  sing N N 153 
IPA C1  H12  sing N N 154 
IPA C1  H13  sing N N 155 
IPA C2  C3   sing N N 156 
IPA C2  O2   sing N N 157 
IPA C2  H2   sing N N 158 
IPA C3  H31  sing N N 159 
IPA C3  H32  sing N N 160 
IPA C3  H33  sing N N 161 
IPA O2  HO2  sing N N 162 
LEU N   CA   sing N N 163 
LEU N   H    sing N N 164 
LEU N   H2   sing N N 165 
LEU CA  C    sing N N 166 
LEU CA  CB   sing N N 167 
LEU CA  HA   sing N N 168 
LEU C   O    doub N N 169 
LEU C   OXT  sing N N 170 
LEU CB  CG   sing N N 171 
LEU CB  HB2  sing N N 172 
LEU CB  HB3  sing N N 173 
LEU CG  CD1  sing N N 174 
LEU CG  CD2  sing N N 175 
LEU CG  HG   sing N N 176 
LEU CD1 HD11 sing N N 177 
LEU CD1 HD12 sing N N 178 
LEU CD1 HD13 sing N N 179 
LEU CD2 HD21 sing N N 180 
LEU CD2 HD22 sing N N 181 
LEU CD2 HD23 sing N N 182 
LEU OXT HXT  sing N N 183 
LYS N   CA   sing N N 184 
LYS N   H    sing N N 185 
LYS N   H2   sing N N 186 
LYS CA  C    sing N N 187 
LYS CA  CB   sing N N 188 
LYS CA  HA   sing N N 189 
LYS C   O    doub N N 190 
LYS C   OXT  sing N N 191 
LYS CB  CG   sing N N 192 
LYS CB  HB2  sing N N 193 
LYS CB  HB3  sing N N 194 
LYS CG  CD   sing N N 195 
LYS CG  HG2  sing N N 196 
LYS CG  HG3  sing N N 197 
LYS CD  CE   sing N N 198 
LYS CD  HD2  sing N N 199 
LYS CD  HD3  sing N N 200 
LYS CE  NZ   sing N N 201 
LYS CE  HE2  sing N N 202 
LYS CE  HE3  sing N N 203 
LYS NZ  HZ1  sing N N 204 
LYS NZ  HZ2  sing N N 205 
LYS NZ  HZ3  sing N N 206 
LYS OXT HXT  sing N N 207 
MET N   CA   sing N N 208 
MET N   H    sing N N 209 
MET N   H2   sing N N 210 
MET CA  C    sing N N 211 
MET CA  CB   sing N N 212 
MET CA  HA   sing N N 213 
MET C   O    doub N N 214 
MET C   OXT  sing N N 215 
MET CB  CG   sing N N 216 
MET CB  HB2  sing N N 217 
MET CB  HB3  sing N N 218 
MET CG  SD   sing N N 219 
MET CG  HG2  sing N N 220 
MET CG  HG3  sing N N 221 
MET SD  CE   sing N N 222 
MET CE  HE1  sing N N 223 
MET CE  HE2  sing N N 224 
MET CE  HE3  sing N N 225 
MET OXT HXT  sing N N 226 
SER N   CA   sing N N 227 
SER N   H    sing N N 228 
SER N   H2   sing N N 229 
SER CA  C    sing N N 230 
SER CA  CB   sing N N 231 
SER CA  HA   sing N N 232 
SER C   O    doub N N 233 
SER C   OXT  sing N N 234 
SER CB  OG   sing N N 235 
SER CB  HB2  sing N N 236 
SER CB  HB3  sing N N 237 
SER OG  HG   sing N N 238 
SER OXT HXT  sing N N 239 
TYR N   CA   sing N N 240 
TYR N   H    sing N N 241 
TYR N   H2   sing N N 242 
TYR CA  C    sing N N 243 
TYR CA  CB   sing N N 244 
TYR CA  HA   sing N N 245 
TYR C   O    doub N N 246 
TYR C   OXT  sing N N 247 
TYR CB  CG   sing N N 248 
TYR CB  HB2  sing N N 249 
TYR CB  HB3  sing N N 250 
TYR CG  CD1  doub Y N 251 
TYR CG  CD2  sing Y N 252 
TYR CD1 CE1  sing Y N 253 
TYR CD1 HD1  sing N N 254 
TYR CD2 CE2  doub Y N 255 
TYR CD2 HD2  sing N N 256 
TYR CE1 CZ   doub Y N 257 
TYR CE1 HE1  sing N N 258 
TYR CE2 CZ   sing Y N 259 
TYR CE2 HE2  sing N N 260 
TYR CZ  OH   sing N N 261 
TYR OH  HH   sing N N 262 
TYR OXT HXT  sing N N 263 
VAL N   CA   sing N N 264 
VAL N   H    sing N N 265 
VAL N   H2   sing N N 266 
VAL CA  C    sing N N 267 
VAL CA  CB   sing N N 268 
VAL CA  HA   sing N N 269 
VAL C   O    doub N N 270 
VAL C   OXT  sing N N 271 
VAL CB  CG1  sing N N 272 
VAL CB  CG2  sing N N 273 
VAL CB  HB   sing N N 274 
VAL CG1 HG11 sing N N 275 
VAL CG1 HG12 sing N N 276 
VAL CG1 HG13 sing N N 277 
VAL CG2 HG21 sing N N 278 
VAL CG2 HG22 sing N N 279 
VAL CG2 HG23 sing N N 280 
VAL OXT HXT  sing N N 281 
# 
loop_
_pdbx_entity_nonpoly.entity_id 
_pdbx_entity_nonpoly.name 
_pdbx_entity_nonpoly.comp_id 
2 GLYCEROL            GOL 
3 'ISOPROPYL ALCOHOL' IPA 
4 water               HOH 
# 
_pdbx_initial_refinement_model.id               1 
_pdbx_initial_refinement_model.entity_id_list   ? 
_pdbx_initial_refinement_model.type             'experimental model' 
_pdbx_initial_refinement_model.source_name      PDB 
_pdbx_initial_refinement_model.accession_code   2B22 
_pdbx_initial_refinement_model.details          'PDB ENTRY 2B22' 
# 
